data_8G0S
#
_entry.id   8G0S
#
_cell.length_a   174.160
_cell.length_b   174.160
_cell.length_c   158.927
_cell.angle_alpha   90.00
_cell.angle_beta   90.00
_cell.angle_gamma   90.00
#
_symmetry.space_group_name_H-M   'P 41 21 2'
#
loop_
_entity.id
_entity.type
_entity.pdbx_description
1 polymer 'Acetyl-coenzyme A synthetase'
2 non-polymer 'CHLORIDE ION'
3 non-polymer "5'-O-[(S)-(cyclopentyloxy)(hydroxy)phosphoryl]adenosine"
4 water water
#
_entity_poly.entity_id   1
_entity_poly.type   'polypeptide(L)'
_entity_poly.pdbx_seq_one_letter_code
;MHHHHHHHHENLYFQGKTEVAPGVHHVHPLPDSVPESEDLFAPPPRMQGKEGRPKPHIGPNYESYVKEWAKTVGPNSDEW
WAAKARETLDWYDDFKTVRAGGFEHGDVQWFPEGTLNAAYNCLDRHYYKNPKKTAIIYEADEPSESREVSYEELMQETCR
VANVLKSYGVKKGDAVSIYLPMTWQAAAAFLACARIGAIHSAVFAGFSAESLRDRVNDCECKVLITTDEGRRGGKTIATK
QIVDAALQQCPLVENVLVLRRTGNKVPMTEGRDKWWDEECAKMPAYCPCERMASEDPLFILYTSGSTGKPKGVVHSTAGY
LLGTALTLKYVFDAHPDDRFACMADIGWITGHSYIIYGPLANGITTAVFESTPVYPTPSRYWDFVDKWKATQLYTAPTAI
RLLRRMGEDHVKNHDLSSLRVLGSVGEPINPEAWHWYNDFAGKNQCAIVDTYWMTETGSISIAPLPGAISTKPGSATFPF
FGMDVDIIDPQTGQVLEGNDVEGVLVARRPWPSIARTVYRDHKRYLETYMKPYPGYFFFGDGAARDYDGYMWIKGRVDDV
INVSGHRLSTAEVESALILHKGVAETAVVGCADDLTGQAVYAFVTMKPEFDLKATKEADLSKELAIQVRKVIGPFAAPKK
IYLVSDLPKTRSGKIMRRVLRKIVAGEGDQLGDLSSIADPQIVEEVKQKVTGSA
;
_entity_poly.pdbx_strand_id   A,B,C
#
loop_
_chem_comp.id
_chem_comp.type
_chem_comp.name
_chem_comp.formula
CL non-polymer 'CHLORIDE ION' 'Cl -1'
YHF non-polymer 5'-O-[(S)-(cyclopentyloxy)(hydroxy)phosphoryl]adenosine 'C15 H22 N5 O7 P'
#
# COMPACT_ATOMS: atom_id res chain seq x y z
N PRO A 29 -14.60 37.60 10.59
CA PRO A 29 -16.05 37.56 10.80
C PRO A 29 -16.45 37.28 12.24
N LEU A 30 -15.47 36.82 13.08
CA LEU A 30 -15.74 36.48 14.47
C LEU A 30 -15.56 37.69 15.38
N PRO A 31 -16.25 37.72 16.50
CA PRO A 31 -16.03 38.79 17.48
C PRO A 31 -14.61 38.76 18.03
N ASP A 32 -14.10 39.95 18.35
CA ASP A 32 -12.85 40.07 19.08
C ASP A 32 -13.04 39.96 20.59
N SER A 33 -14.26 40.17 21.05
CA SER A 33 -14.58 40.18 22.47
C SER A 33 -16.09 40.09 22.66
N VAL A 34 -16.56 39.22 23.54
CA VAL A 34 -17.99 39.11 23.84
C VAL A 34 -18.22 39.73 25.22
N PRO A 35 -18.91 40.87 25.30
CA PRO A 35 -19.08 41.54 26.59
C PRO A 35 -20.34 41.12 27.33
N GLU A 36 -20.51 41.65 28.54
CA GLU A 36 -21.77 41.64 29.27
C GLU A 36 -22.21 40.25 29.69
N SER A 37 -23.44 40.16 30.18
CA SER A 37 -23.96 38.96 30.83
C SER A 37 -25.48 39.04 30.83
N GLU A 38 -26.10 38.30 31.75
CA GLU A 38 -27.53 38.29 32.08
C GLU A 38 -28.33 37.51 31.05
N ASP A 39 -27.75 37.31 29.87
CA ASP A 39 -28.20 36.25 28.98
C ASP A 39 -27.01 35.40 28.59
N LEU A 40 -25.91 35.55 29.34
CA LEU A 40 -24.67 34.83 29.10
C LEU A 40 -24.34 34.01 30.34
N PHE A 41 -24.11 32.72 30.15
CA PHE A 41 -23.76 31.80 31.23
C PHE A 41 -22.26 31.56 31.11
N ALA A 42 -21.50 32.19 32.01
CA ALA A 42 -20.05 32.07 31.98
C ALA A 42 -19.63 30.68 32.46
N PRO A 43 -18.43 30.23 32.08
CA PRO A 43 -17.93 28.93 32.54
C PRO A 43 -17.96 28.85 34.05
N PRO A 44 -18.59 27.82 34.61
CA PRO A 44 -18.73 27.70 36.08
C PRO A 44 -17.45 27.21 36.73
N PRO A 45 -17.39 27.21 38.07
CA PRO A 45 -16.14 26.83 38.74
C PRO A 45 -15.59 25.45 38.37
N ARG A 46 -16.45 24.46 38.10
CA ARG A 46 -15.92 23.17 37.68
C ARG A 46 -15.12 23.28 36.38
N MET A 47 -15.40 24.31 35.58
CA MET A 47 -14.67 24.55 34.34
C MET A 47 -13.65 25.68 34.47
N GLN A 48 -13.30 26.05 35.70
CA GLN A 48 -12.27 27.06 35.96
C GLN A 48 -11.06 26.46 36.68
N GLY A 49 -10.96 25.15 36.76
CA GLY A 49 -9.92 24.52 37.55
C GLY A 49 -10.17 24.55 39.03
N LYS A 50 -11.34 25.02 39.46
CA LYS A 50 -11.70 25.06 40.86
C LYS A 50 -12.33 23.74 41.28
N GLU A 51 -12.49 23.56 42.59
CA GLU A 51 -13.03 22.32 43.16
C GLU A 51 -12.22 21.10 42.73
N GLY A 52 -10.93 21.28 42.49
CA GLY A 52 -10.04 20.20 42.15
C GLY A 52 -10.11 19.70 40.72
N ARG A 53 -10.97 20.28 39.89
CA ARG A 53 -11.10 19.82 38.53
C ARG A 53 -9.90 20.28 37.70
N PRO A 54 -9.61 19.60 36.59
CA PRO A 54 -8.48 20.02 35.75
C PRO A 54 -8.69 21.42 35.20
N LYS A 55 -7.58 22.15 35.07
CA LYS A 55 -7.63 23.45 34.43
C LYS A 55 -7.96 23.25 32.96
N PRO A 56 -8.89 24.01 32.39
CA PRO A 56 -9.34 23.72 31.02
C PRO A 56 -8.25 23.97 30.00
N HIS A 57 -8.35 23.25 28.88
CA HIS A 57 -7.33 23.37 27.83
C HIS A 57 -7.34 24.76 27.21
N ILE A 58 -8.52 25.36 27.06
CA ILE A 58 -8.68 26.72 26.56
C ILE A 58 -9.46 27.52 27.61
N GLY A 59 -8.94 28.68 27.97
CA GLY A 59 -9.57 29.54 28.95
C GLY A 59 -8.76 30.78 29.28
N PRO A 60 -9.30 31.64 30.14
CA PRO A 60 -10.57 31.51 30.87
C PRO A 60 -11.72 32.24 30.21
N ASN A 61 -11.46 33.04 29.17
CA ASN A 61 -12.45 33.94 28.59
C ASN A 61 -12.56 33.72 27.08
N TYR A 62 -13.46 34.49 26.45
CA TYR A 62 -13.66 34.37 25.01
C TYR A 62 -12.38 34.71 24.25
N GLU A 63 -11.66 35.73 24.70
CA GLU A 63 -10.46 36.15 24.01
C GLU A 63 -9.46 35.01 23.85
N SER A 64 -9.40 34.11 24.84
CA SER A 64 -8.48 32.98 24.75
C SER A 64 -8.88 32.00 23.65
N TYR A 65 -10.19 31.86 23.38
CA TYR A 65 -10.63 31.00 22.30
C TYR A 65 -10.23 31.57 20.95
N VAL A 66 -10.46 32.87 20.75
CA VAL A 66 -10.11 33.49 19.46
C VAL A 66 -8.61 33.41 19.21
N LYS A 67 -7.80 33.65 20.25
CA LYS A 67 -6.35 33.64 20.06
C LYS A 67 -5.87 32.30 19.54
N GLU A 68 -6.39 31.21 20.10
CA GLU A 68 -6.04 29.89 19.56
C GLU A 68 -6.76 29.61 18.25
N TRP A 69 -8.03 29.99 18.14
CA TRP A 69 -8.80 29.69 16.94
C TRP A 69 -8.17 30.34 15.71
N ALA A 70 -7.71 31.58 15.84
CA ALA A 70 -7.10 32.27 14.70
C ALA A 70 -5.86 31.53 14.18
N LYS A 71 -5.16 30.81 15.06
CA LYS A 71 -4.04 30.00 14.60
C LYS A 71 -4.47 28.87 13.69
N THR A 72 -5.73 28.44 13.79
CA THR A 72 -6.19 27.25 13.09
C THR A 72 -6.83 27.54 11.75
N VAL A 73 -7.03 28.81 11.42
CA VAL A 73 -7.59 29.21 10.13
C VAL A 73 -6.73 30.33 9.56
N GLY A 74 -6.71 30.42 8.25
CA GLY A 74 -6.04 31.51 7.61
C GLY A 74 -4.60 31.25 7.20
N PRO A 75 -3.74 32.23 7.47
CA PRO A 75 -2.44 32.26 6.77
C PRO A 75 -1.42 31.26 7.30
N ASN A 76 -1.28 31.11 8.61
CA ASN A 76 -0.24 30.27 9.19
C ASN A 76 -0.81 29.04 9.88
N SER A 77 -1.96 28.55 9.42
CA SER A 77 -2.60 27.43 10.10
C SER A 77 -1.93 26.10 9.80
N ASP A 78 -1.12 26.00 8.73
CA ASP A 78 -0.46 24.74 8.44
C ASP A 78 0.49 24.35 9.57
N GLU A 79 1.22 25.32 10.12
CA GLU A 79 2.13 25.02 11.22
C GLU A 79 1.38 24.51 12.44
N TRP A 80 0.25 25.14 12.77
CA TRP A 80 -0.56 24.70 13.90
C TRP A 80 -1.08 23.28 13.68
N TRP A 81 -1.59 23.01 12.48
CA TRP A 81 -2.16 21.69 12.20
C TRP A 81 -1.09 20.62 12.11
N ALA A 82 0.08 20.96 11.55
CA ALA A 82 1.17 19.98 11.51
C ALA A 82 1.60 19.61 12.92
N ALA A 83 1.70 20.58 13.82
CA ALA A 83 2.06 20.29 15.19
C ALA A 83 1.00 19.42 15.87
N LYS A 84 -0.28 19.77 15.70
CA LYS A 84 -1.35 19.00 16.32
C LYS A 84 -1.40 17.58 15.76
N ALA A 85 -1.23 17.45 14.45
CA ALA A 85 -1.25 16.12 13.84
C ALA A 85 -0.14 15.24 14.41
N ARG A 86 1.05 15.80 14.57
CA ARG A 86 2.15 15.01 15.10
C ARG A 86 2.03 14.80 16.61
N GLU A 87 1.46 15.76 17.34
CA GLU A 87 1.27 15.58 18.79
C GLU A 87 0.16 14.58 19.09
N THR A 88 -0.95 14.64 18.33
CA THR A 88 -2.14 13.87 18.67
C THR A 88 -2.02 12.40 18.26
N LEU A 89 -1.38 12.11 17.12
CA LEU A 89 -1.43 10.78 16.54
C LEU A 89 -0.03 10.16 16.43
N ASP A 90 0.00 8.83 16.45
CA ASP A 90 1.21 8.04 16.23
C ASP A 90 1.24 7.64 14.75
N TRP A 91 2.33 7.99 14.06
CA TRP A 91 2.49 7.73 12.64
C TRP A 91 3.55 6.67 12.39
N TYR A 92 3.27 5.74 11.47
CA TYR A 92 4.33 4.86 10.99
C TYR A 92 5.28 5.63 10.08
N ASP A 93 4.74 6.44 9.17
CA ASP A 93 5.50 7.28 8.27
C ASP A 93 5.04 8.72 8.44
N ASP A 94 6.00 9.64 8.51
CA ASP A 94 5.66 11.04 8.66
C ASP A 94 5.08 11.59 7.36
N PHE A 95 4.29 12.66 7.50
CA PHE A 95 3.76 13.38 6.36
C PHE A 95 4.67 14.56 6.04
N LYS A 96 4.60 15.02 4.79
CA LYS A 96 5.33 16.19 4.33
C LYS A 96 4.41 17.37 4.06
N THR A 97 3.36 17.16 3.27
CA THR A 97 2.36 18.19 3.02
C THR A 97 1.29 18.16 4.11
N VAL A 98 0.87 19.34 4.55
CA VAL A 98 -0.17 19.42 5.58
C VAL A 98 -1.56 19.32 4.94
N ARG A 99 -1.85 20.16 3.95
CA ARG A 99 -3.18 20.17 3.36
C ARG A 99 -3.09 20.50 1.88
N ALA A 100 -4.06 20.01 1.11
CA ALA A 100 -4.17 20.33 -0.31
C ALA A 100 -5.60 20.04 -0.75
N GLY A 101 -5.90 20.37 -2.01
CA GLY A 101 -7.23 20.12 -2.53
C GLY A 101 -8.24 21.15 -2.08
N GLY A 102 -9.50 20.87 -2.36
CA GLY A 102 -10.53 21.81 -2.00
C GLY A 102 -11.90 21.37 -2.48
N PHE A 103 -12.88 22.25 -2.26
CA PHE A 103 -14.27 21.92 -2.50
C PHE A 103 -14.60 21.73 -3.98
N GLU A 104 -13.93 22.48 -4.86
CA GLU A 104 -14.40 22.58 -6.26
C GLU A 104 -14.50 21.22 -6.92
N HIS A 105 -13.46 20.39 -6.79
CA HIS A 105 -13.44 19.09 -7.43
C HIS A 105 -13.52 17.94 -6.45
N GLY A 106 -13.59 18.23 -5.15
CA GLY A 106 -13.63 17.19 -4.16
C GLY A 106 -12.37 16.36 -4.12
N ASP A 107 -11.21 17.02 -4.02
CA ASP A 107 -9.92 16.36 -3.91
C ASP A 107 -9.23 16.73 -2.59
N VAL A 108 -10.00 16.82 -1.51
CA VAL A 108 -9.46 17.28 -0.23
C VAL A 108 -8.40 16.30 0.27
N GLN A 109 -7.26 16.85 0.70
CA GLN A 109 -6.16 16.05 1.23
C GLN A 109 -5.63 16.67 2.51
N TRP A 110 -5.38 15.83 3.51
CA TRP A 110 -4.70 16.24 4.73
C TRP A 110 -3.62 15.21 5.04
N PHE A 111 -2.40 15.70 5.28
CA PHE A 111 -1.25 14.88 5.60
C PHE A 111 -1.06 13.70 4.63
N PRO A 112 -1.12 13.96 3.31
CA PRO A 112 -1.27 12.83 2.37
C PRO A 112 -0.14 11.83 2.41
N GLU A 113 1.10 12.27 2.64
CA GLU A 113 2.22 11.34 2.60
C GLU A 113 2.35 10.48 3.84
N GLY A 114 1.63 10.80 4.92
CA GLY A 114 1.78 10.06 6.16
C GLY A 114 1.03 8.75 6.15
N THR A 115 1.48 7.83 7.01
CA THR A 115 0.82 6.55 7.23
C THR A 115 0.62 6.30 8.72
N LEU A 116 -0.46 5.62 9.05
CA LEU A 116 -0.90 5.41 10.42
C LEU A 116 -1.92 4.28 10.43
N ASN A 117 -2.45 3.98 11.61
CA ASN A 117 -3.54 3.00 11.73
C ASN A 117 -4.49 3.42 12.85
N ALA A 118 -5.79 3.44 12.55
CA ALA A 118 -6.75 3.89 13.55
C ALA A 118 -6.77 2.95 14.75
N ALA A 119 -6.72 1.65 14.51
CA ALA A 119 -6.71 0.70 15.62
C ALA A 119 -5.46 0.87 16.47
N TYR A 120 -4.31 1.16 15.85
CA TYR A 120 -3.12 1.40 16.64
C TYR A 120 -3.29 2.60 17.56
N ASN A 121 -3.81 3.71 17.00
CA ASN A 121 -3.96 4.92 17.80
C ASN A 121 -5.08 4.80 18.81
N CYS A 122 -6.05 3.92 18.59
CA CYS A 122 -7.15 3.76 19.53
C CYS A 122 -6.95 2.63 20.53
N LEU A 123 -6.19 1.60 20.18
CA LEU A 123 -5.95 0.50 21.10
C LEU A 123 -4.49 0.35 21.48
N ASP A 124 -3.61 0.09 20.50
CA ASP A 124 -2.29 -0.46 20.79
C ASP A 124 -1.47 0.49 21.66
N ARG A 125 -1.36 1.76 21.24
CA ARG A 125 -0.44 2.67 21.93
C ARG A 125 -0.87 2.92 23.36
N HIS A 126 -2.18 2.86 23.63
CA HIS A 126 -2.64 3.02 25.00
C HIS A 126 -2.46 1.72 25.78
N TYR A 127 -2.71 0.59 25.13
CA TYR A 127 -2.44 -0.71 25.75
C TYR A 127 -0.98 -0.84 26.16
N TYR A 128 -0.05 -0.37 25.30
CA TYR A 128 1.37 -0.45 25.64
C TYR A 128 1.71 0.39 26.86
N LYS A 129 0.94 1.45 27.12
CA LYS A 129 1.21 2.37 28.22
C LYS A 129 0.50 1.96 29.50
N ASN A 130 -0.77 1.57 29.41
CA ASN A 130 -1.55 1.18 30.59
C ASN A 130 -2.55 0.09 30.19
N PRO A 131 -2.10 -1.16 30.14
CA PRO A 131 -2.97 -2.24 29.64
C PRO A 131 -4.23 -2.45 30.45
N LYS A 132 -4.18 -2.24 31.77
CA LYS A 132 -5.34 -2.49 32.62
C LYS A 132 -6.30 -1.30 32.71
N LYS A 133 -5.97 -0.17 32.09
CA LYS A 133 -6.87 0.98 32.10
C LYS A 133 -8.18 0.64 31.40
N THR A 134 -9.30 1.09 31.99
CA THR A 134 -10.61 0.84 31.39
C THR A 134 -10.72 1.59 30.07
N ALA A 135 -11.01 0.86 28.99
CA ALA A 135 -11.28 1.48 27.70
C ALA A 135 -12.76 1.76 27.52
N ILE A 136 -13.61 0.77 27.80
CA ILE A 136 -15.05 0.88 27.64
C ILE A 136 -15.73 0.61 28.99
N ILE A 137 -16.57 1.54 29.41
CA ILE A 137 -17.56 1.27 30.45
C ILE A 137 -18.77 0.69 29.71
N TYR A 138 -18.94 -0.63 29.78
CA TYR A 138 -20.05 -1.27 29.10
C TYR A 138 -21.24 -1.27 30.07
N GLU A 139 -22.14 -0.31 29.90
CA GLU A 139 -23.38 -0.28 30.67
C GLU A 139 -24.40 -1.13 29.92
N ALA A 140 -24.58 -2.36 30.38
CA ALA A 140 -25.50 -3.28 29.73
C ALA A 140 -26.94 -2.81 29.94
N ASP A 141 -27.84 -3.37 29.14
CA ASP A 141 -29.25 -3.02 29.25
C ASP A 141 -29.75 -3.28 30.67
N GLU A 142 -29.43 -4.44 31.23
CA GLU A 142 -29.61 -4.66 32.65
C GLU A 142 -28.44 -4.04 33.40
N PRO A 143 -28.68 -3.15 34.36
CA PRO A 143 -27.56 -2.47 35.03
C PRO A 143 -26.60 -3.45 35.70
N SER A 144 -27.11 -4.55 36.26
CA SER A 144 -26.25 -5.47 36.98
C SER A 144 -25.28 -6.20 36.06
N GLU A 145 -25.59 -6.30 34.78
CA GLU A 145 -24.69 -6.96 33.83
C GLU A 145 -23.59 -6.03 33.32
N SER A 146 -23.53 -4.79 33.80
CA SER A 146 -22.49 -3.86 33.35
C SER A 146 -21.13 -4.22 33.92
N ARG A 147 -20.08 -3.88 33.16
CA ARG A 147 -18.72 -4.15 33.58
C ARG A 147 -17.76 -3.25 32.80
N GLU A 148 -16.51 -3.22 33.26
CA GLU A 148 -15.44 -2.49 32.60
C GLU A 148 -14.68 -3.42 31.68
N VAL A 149 -14.37 -2.93 30.48
CA VAL A 149 -13.53 -3.64 29.51
C VAL A 149 -12.23 -2.87 29.39
N SER A 150 -11.11 -3.52 29.70
CA SER A 150 -9.82 -2.84 29.65
C SER A 150 -9.34 -2.68 28.21
N TYR A 151 -8.32 -1.83 28.04
CA TYR A 151 -7.66 -1.69 26.74
C TYR A 151 -7.03 -3.00 26.32
N GLU A 152 -6.47 -3.75 27.26
CA GLU A 152 -5.91 -5.05 26.94
C GLU A 152 -6.99 -5.99 26.42
N GLU A 153 -8.16 -6.00 27.07
CA GLU A 153 -9.22 -6.89 26.62
C GLU A 153 -9.79 -6.44 25.28
N LEU A 154 -10.03 -5.13 25.13
CA LEU A 154 -10.59 -4.61 23.88
C LEU A 154 -9.65 -4.89 22.72
N MET A 155 -8.35 -4.71 22.94
CA MET A 155 -7.38 -4.96 21.88
C MET A 155 -7.35 -6.43 21.50
N GLN A 156 -7.33 -7.32 22.50
CA GLN A 156 -7.28 -8.75 22.22
C GLN A 156 -8.48 -9.21 21.40
N GLU A 157 -9.68 -8.72 21.76
CA GLU A 157 -10.87 -9.07 21.00
C GLU A 157 -10.84 -8.47 19.60
N THR A 158 -10.31 -7.24 19.48
CA THR A 158 -10.19 -6.63 18.16
C THR A 158 -9.26 -7.46 17.27
N CYS A 159 -8.11 -7.86 17.80
CA CYS A 159 -7.17 -8.63 17.02
C CYS A 159 -7.75 -9.99 16.62
N ARG A 160 -8.49 -10.64 17.54
CA ARG A 160 -9.10 -11.91 17.21
C ARG A 160 -10.07 -11.77 16.03
N VAL A 161 -10.93 -10.74 16.07
CA VAL A 161 -11.89 -10.52 15.00
C VAL A 161 -11.17 -10.17 13.69
N ALA A 162 -10.18 -9.27 13.77
CA ALA A 162 -9.40 -8.92 12.58
C ALA A 162 -8.78 -10.17 11.96
N ASN A 163 -8.23 -11.06 12.80
CA ASN A 163 -7.67 -12.31 12.28
C ASN A 163 -8.73 -13.18 11.61
N VAL A 164 -9.94 -13.23 12.19
CA VAL A 164 -11.03 -13.95 11.55
C VAL A 164 -11.32 -13.36 10.16
N LEU A 165 -11.39 -12.03 10.09
CA LEU A 165 -11.70 -11.36 8.83
C LEU A 165 -10.64 -11.63 7.78
N LYS A 166 -9.36 -11.63 8.18
CA LYS A 166 -8.30 -11.96 7.24
C LYS A 166 -8.47 -13.38 6.72
N SER A 167 -8.84 -14.32 7.60
CA SER A 167 -9.03 -15.70 7.18
C SER A 167 -10.18 -15.83 6.19
N TYR A 168 -11.17 -14.94 6.27
CA TYR A 168 -12.25 -14.92 5.30
C TYR A 168 -11.82 -14.37 3.96
N GLY A 169 -10.60 -13.84 3.85
CA GLY A 169 -10.14 -13.23 2.62
C GLY A 169 -10.30 -11.72 2.55
N VAL A 170 -10.76 -11.08 3.63
CA VAL A 170 -10.91 -9.63 3.62
C VAL A 170 -9.55 -8.97 3.47
N LYS A 171 -9.42 -8.08 2.50
CA LYS A 171 -8.18 -7.39 2.23
C LYS A 171 -8.35 -5.90 2.49
N LYS A 172 -7.22 -5.20 2.53
CA LYS A 172 -7.24 -3.75 2.61
C LYS A 172 -8.09 -3.21 1.47
N GLY A 173 -9.00 -2.28 1.79
CA GLY A 173 -9.89 -1.70 0.82
C GLY A 173 -11.23 -2.40 0.66
N ASP A 174 -11.44 -3.56 1.27
CA ASP A 174 -12.71 -4.27 1.17
C ASP A 174 -13.74 -3.72 2.16
N ALA A 175 -14.99 -3.66 1.72
CA ALA A 175 -16.06 -3.22 2.59
C ALA A 175 -16.58 -4.36 3.46
N VAL A 176 -16.84 -4.05 4.73
CA VAL A 176 -17.42 -5.00 5.68
C VAL A 176 -18.65 -4.32 6.30
N SER A 177 -19.82 -4.93 6.13
CA SER A 177 -21.03 -4.38 6.72
C SER A 177 -21.15 -4.85 8.16
N ILE A 178 -21.55 -3.93 9.04
CA ILE A 178 -21.72 -4.22 10.45
C ILE A 178 -23.16 -3.89 10.84
N TYR A 179 -23.85 -4.87 11.44
CA TYR A 179 -25.23 -4.70 11.90
C TYR A 179 -25.26 -5.15 13.36
N LEU A 180 -24.88 -4.25 14.27
CA LEU A 180 -24.67 -4.60 15.67
C LEU A 180 -25.38 -3.65 16.60
N PRO A 181 -25.95 -4.14 17.69
CA PRO A 181 -26.51 -3.27 18.73
C PRO A 181 -25.38 -2.72 19.59
N MET A 182 -25.76 -1.91 20.58
CA MET A 182 -24.79 -1.20 21.42
C MET A 182 -24.24 -2.12 22.52
N THR A 183 -23.54 -3.15 22.07
CA THR A 183 -22.75 -3.98 22.95
C THR A 183 -21.29 -3.63 22.71
N TRP A 184 -20.45 -3.84 23.72
CA TRP A 184 -19.11 -3.25 23.65
C TRP A 184 -18.29 -3.84 22.51
N GLN A 185 -18.60 -5.06 22.08
CA GLN A 185 -17.85 -5.67 20.99
C GLN A 185 -18.03 -4.93 19.67
N ALA A 186 -19.00 -4.02 19.58
CA ALA A 186 -19.15 -3.22 18.38
C ALA A 186 -17.90 -2.39 18.12
N ALA A 187 -17.27 -1.87 19.18
CA ALA A 187 -15.99 -1.19 19.03
C ALA A 187 -14.94 -2.15 18.48
N ALA A 188 -14.91 -3.38 19.00
CA ALA A 188 -13.99 -4.38 18.47
C ALA A 188 -14.29 -4.69 17.01
N ALA A 189 -15.57 -4.70 16.64
CA ALA A 189 -15.92 -4.94 15.24
C ALA A 189 -15.42 -3.82 14.35
N PHE A 190 -15.67 -2.56 14.74
CA PHE A 190 -15.19 -1.41 13.96
C PHE A 190 -13.67 -1.43 13.86
N LEU A 191 -13.00 -1.46 15.01
CA LEU A 191 -11.55 -1.30 15.03
C LEU A 191 -10.85 -2.48 14.38
N ALA A 192 -11.49 -3.65 14.33
CA ALA A 192 -10.92 -4.78 13.59
C ALA A 192 -10.84 -4.47 12.11
N CYS A 193 -11.90 -3.87 11.55
CA CYS A 193 -11.86 -3.48 10.15
C CYS A 193 -10.78 -2.45 9.89
N ALA A 194 -10.69 -1.44 10.77
CA ALA A 194 -9.66 -0.43 10.62
C ALA A 194 -8.27 -1.02 10.76
N ARG A 195 -8.13 -2.08 11.58
CA ARG A 195 -6.82 -2.67 11.80
C ARG A 195 -6.24 -3.26 10.52
N ILE A 196 -7.07 -3.95 9.73
CA ILE A 196 -6.60 -4.61 8.53
C ILE A 196 -6.79 -3.74 7.29
N GLY A 197 -7.26 -2.51 7.45
CA GLY A 197 -7.48 -1.65 6.31
C GLY A 197 -8.80 -1.84 5.60
N ALA A 198 -9.70 -2.65 6.15
CA ALA A 198 -11.03 -2.77 5.57
C ALA A 198 -11.85 -1.51 5.87
N ILE A 199 -12.90 -1.34 5.08
CA ILE A 199 -13.78 -0.18 5.15
C ILE A 199 -15.07 -0.65 5.81
N HIS A 200 -15.26 -0.37 7.09
CA HIS A 200 -16.48 -0.83 7.73
C HIS A 200 -17.64 0.07 7.37
N SER A 201 -18.81 -0.54 7.19
CA SER A 201 -20.04 0.18 6.84
C SER A 201 -21.10 -0.16 7.88
N ALA A 202 -21.27 0.74 8.86
CA ALA A 202 -22.18 0.47 9.97
C ALA A 202 -23.62 0.70 9.58
N VAL A 203 -24.49 -0.22 9.98
CA VAL A 203 -25.93 -0.12 9.76
C VAL A 203 -26.60 -0.14 11.12
N PHE A 204 -27.44 0.87 11.37
CA PHE A 204 -28.12 1.01 12.65
C PHE A 204 -28.91 -0.25 12.97
N ALA A 205 -28.63 -0.86 14.12
CA ALA A 205 -29.33 -2.07 14.54
C ALA A 205 -30.77 -1.72 14.86
N GLY A 206 -31.70 -2.15 14.02
CA GLY A 206 -33.08 -1.73 14.16
C GLY A 206 -33.68 -1.32 12.84
N PHE A 207 -32.82 -1.06 11.85
CA PHE A 207 -33.28 -0.85 10.49
C PHE A 207 -33.96 -2.10 9.97
N SER A 208 -34.96 -1.91 9.13
CA SER A 208 -35.68 -3.01 8.50
C SER A 208 -34.73 -3.80 7.60
N ALA A 209 -35.22 -4.97 7.16
CA ALA A 209 -34.44 -5.78 6.23
C ALA A 209 -34.19 -5.04 4.93
N GLU A 210 -35.18 -4.28 4.45
CA GLU A 210 -35.02 -3.53 3.22
C GLU A 210 -33.95 -2.44 3.37
N SER A 211 -33.94 -1.74 4.50
CA SER A 211 -32.89 -0.74 4.72
C SER A 211 -31.52 -1.39 4.82
N LEU A 212 -31.44 -2.53 5.52
CA LEU A 212 -30.18 -3.27 5.62
C LEU A 212 -29.75 -3.82 4.26
N ARG A 213 -30.69 -4.31 3.47
CA ARG A 213 -30.35 -4.89 2.17
C ARG A 213 -29.73 -3.85 1.24
N ASP A 214 -30.32 -2.65 1.19
CA ASP A 214 -29.82 -1.62 0.28
C ASP A 214 -28.41 -1.21 0.63
N ARG A 215 -28.11 -1.04 1.91
CA ARG A 215 -26.77 -0.65 2.33
C ARG A 215 -25.77 -1.78 2.10
N VAL A 216 -26.17 -3.03 2.37
CA VAL A 216 -25.27 -4.16 2.13
C VAL A 216 -24.94 -4.29 0.65
N ASN A 217 -25.94 -4.15 -0.22
CA ASN A 217 -25.70 -4.28 -1.65
C ASN A 217 -24.91 -3.09 -2.19
N ASP A 218 -25.17 -1.88 -1.68
CA ASP A 218 -24.57 -0.69 -2.26
C ASP A 218 -23.05 -0.67 -2.06
N CYS A 219 -22.58 -1.07 -0.89
CA CYS A 219 -21.15 -1.12 -0.63
C CYS A 219 -20.50 -2.41 -1.14
N GLU A 220 -21.31 -3.34 -1.66
CA GLU A 220 -20.80 -4.57 -2.28
C GLU A 220 -19.95 -5.41 -1.33
N CYS A 221 -20.24 -5.31 -0.03
CA CYS A 221 -19.49 -6.09 0.95
C CYS A 221 -19.75 -7.58 0.78
N LYS A 222 -18.76 -8.39 1.14
CA LYS A 222 -18.91 -9.83 1.14
C LYS A 222 -18.92 -10.42 2.54
N VAL A 223 -18.70 -9.62 3.57
CA VAL A 223 -18.68 -10.10 4.95
C VAL A 223 -19.58 -9.21 5.78
N LEU A 224 -20.46 -9.83 6.57
CA LEU A 224 -21.37 -9.11 7.46
C LEU A 224 -21.13 -9.56 8.90
N ILE A 225 -20.98 -8.58 9.79
CA ILE A 225 -20.85 -8.82 11.22
C ILE A 225 -22.15 -8.39 11.87
N THR A 226 -22.78 -9.29 12.61
CA THR A 226 -24.06 -9.00 13.22
C THR A 226 -24.14 -9.77 14.53
N THR A 227 -25.28 -9.67 15.19
CA THR A 227 -25.49 -10.35 16.46
C THR A 227 -26.72 -11.26 16.34
N ASP A 228 -26.79 -12.25 17.22
CA ASP A 228 -27.96 -13.13 17.20
C ASP A 228 -29.22 -12.37 17.57
N GLU A 229 -29.17 -11.61 18.67
CA GLU A 229 -30.27 -10.77 19.10
C GLU A 229 -29.71 -9.56 19.84
N GLY A 230 -30.44 -8.46 19.79
CA GLY A 230 -30.10 -7.28 20.56
C GLY A 230 -31.05 -7.11 21.73
N ARG A 231 -30.62 -6.30 22.70
CA ARG A 231 -31.46 -5.96 23.85
C ARG A 231 -31.36 -4.49 24.18
N ARG A 232 -32.52 -3.83 24.30
CA ARG A 232 -32.60 -2.45 24.76
C ARG A 232 -33.96 -2.18 25.35
N GLY A 233 -33.97 -1.69 26.59
CA GLY A 233 -35.21 -1.37 27.28
C GLY A 233 -36.09 -2.56 27.56
N GLY A 234 -35.50 -3.74 27.76
CA GLY A 234 -36.26 -4.95 28.02
C GLY A 234 -36.86 -5.61 26.80
N LYS A 235 -36.72 -5.00 25.62
CA LYS A 235 -37.22 -5.57 24.38
C LYS A 235 -36.06 -6.12 23.56
N THR A 236 -36.34 -7.16 22.79
CA THR A 236 -35.33 -7.86 22.03
C THR A 236 -35.37 -7.43 20.57
N ILE A 237 -34.21 -7.10 20.02
CA ILE A 237 -34.09 -6.79 18.61
C ILE A 237 -33.70 -8.09 17.90
N ALA A 238 -34.56 -8.54 16.99
CA ALA A 238 -34.35 -9.82 16.28
C ALA A 238 -33.39 -9.62 15.11
N THR A 239 -32.15 -9.25 15.47
CA THR A 239 -31.15 -8.86 14.48
C THR A 239 -30.87 -9.98 13.48
N LYS A 240 -30.59 -11.19 13.97
CA LYS A 240 -30.31 -12.29 13.06
C LYS A 240 -31.54 -12.62 12.22
N GLN A 241 -32.73 -12.46 12.80
CA GLN A 241 -33.96 -12.63 12.02
C GLN A 241 -34.02 -11.63 10.87
N ILE A 242 -33.70 -10.36 11.15
CA ILE A 242 -33.67 -9.34 10.11
C ILE A 242 -32.57 -9.63 9.11
N VAL A 243 -31.40 -10.06 9.59
CA VAL A 243 -30.26 -10.30 8.71
C VAL A 243 -30.59 -11.37 7.68
N ASP A 244 -31.18 -12.48 8.13
CA ASP A 244 -31.54 -13.55 7.21
C ASP A 244 -32.53 -13.07 6.17
N ALA A 245 -33.52 -12.27 6.59
CA ALA A 245 -34.49 -11.74 5.65
C ALA A 245 -33.82 -10.85 4.60
N ALA A 246 -32.89 -9.99 5.04
CA ALA A 246 -32.21 -9.12 4.09
C ALA A 246 -31.28 -9.91 3.17
N LEU A 247 -30.56 -10.90 3.72
CA LEU A 247 -29.54 -11.60 2.94
C LEU A 247 -30.13 -12.39 1.77
N GLN A 248 -31.43 -12.67 1.80
CA GLN A 248 -32.07 -13.33 0.67
C GLN A 248 -31.96 -12.52 -0.62
N GLN A 249 -31.73 -11.21 -0.51
CA GLN A 249 -31.56 -10.32 -1.64
C GLN A 249 -30.18 -9.68 -1.67
N CYS A 250 -29.18 -10.37 -1.12
CA CYS A 250 -27.80 -9.88 -1.05
C CYS A 250 -26.88 -10.96 -1.62
N PRO A 251 -26.79 -11.07 -2.95
CA PRO A 251 -26.00 -12.15 -3.55
C PRO A 251 -24.51 -12.08 -3.26
N LEU A 252 -23.97 -10.92 -2.89
CA LEU A 252 -22.54 -10.79 -2.71
C LEU A 252 -22.04 -11.31 -1.36
N VAL A 253 -22.90 -11.37 -0.35
CA VAL A 253 -22.47 -11.73 1.00
C VAL A 253 -22.18 -13.22 1.07
N GLU A 254 -20.97 -13.57 1.48
CA GLU A 254 -20.51 -14.95 1.62
C GLU A 254 -20.33 -15.40 3.06
N ASN A 255 -19.89 -14.52 3.95
CA ASN A 255 -19.64 -14.85 5.34
C ASN A 255 -20.44 -13.95 6.25
N VAL A 256 -21.04 -14.54 7.29
CA VAL A 256 -21.70 -13.79 8.34
C VAL A 256 -21.09 -14.22 9.66
N LEU A 257 -20.60 -13.26 10.42
CA LEU A 257 -20.04 -13.50 11.74
C LEU A 257 -21.06 -13.03 12.77
N VAL A 258 -21.52 -13.95 13.61
CA VAL A 258 -22.66 -13.70 14.48
C VAL A 258 -22.20 -13.67 15.93
N LEU A 259 -22.33 -12.51 16.57
CA LEU A 259 -22.01 -12.38 17.99
C LEU A 259 -23.14 -12.98 18.81
N ARG A 260 -22.76 -13.75 19.83
CA ARG A 260 -23.75 -14.42 20.69
C ARG A 260 -24.07 -13.47 21.84
N ARG A 261 -24.89 -12.47 21.53
CA ARG A 261 -25.24 -11.46 22.53
C ARG A 261 -26.18 -12.03 23.58
N THR A 262 -27.13 -12.88 23.17
CA THR A 262 -28.11 -13.45 24.09
C THR A 262 -28.01 -14.96 24.23
N GLY A 263 -27.54 -15.68 23.22
CA GLY A 263 -27.49 -17.12 23.29
C GLY A 263 -28.80 -17.84 22.99
N ASN A 264 -29.85 -17.10 22.63
CA ASN A 264 -31.09 -17.73 22.23
C ASN A 264 -30.93 -18.40 20.87
N LYS A 265 -31.80 -19.35 20.59
CA LYS A 265 -31.76 -20.07 19.32
C LYS A 265 -32.12 -19.12 18.19
N VAL A 266 -31.25 -19.05 17.19
CA VAL A 266 -31.49 -18.22 15.99
C VAL A 266 -31.18 -19.05 14.75
N PRO A 267 -31.85 -18.80 13.62
CA PRO A 267 -31.56 -19.58 12.41
C PRO A 267 -30.14 -19.29 11.91
N MET A 268 -29.42 -20.36 11.60
CA MET A 268 -28.05 -20.26 11.09
C MET A 268 -27.98 -21.06 9.79
N THR A 269 -27.45 -20.42 8.73
CA THR A 269 -27.28 -21.07 7.44
C THR A 269 -25.92 -21.74 7.36
N GLU A 270 -25.91 -23.01 6.99
CA GLU A 270 -24.66 -23.76 6.91
C GLU A 270 -23.71 -23.10 5.91
N GLY A 271 -22.44 -23.01 6.31
CA GLY A 271 -21.44 -22.42 5.45
C GLY A 271 -21.33 -20.92 5.60
N ARG A 272 -22.45 -20.23 5.41
CA ARG A 272 -22.46 -18.78 5.46
C ARG A 272 -22.25 -18.25 6.86
N ASP A 273 -22.89 -18.84 7.85
CA ASP A 273 -22.97 -18.27 9.20
C ASP A 273 -22.03 -19.00 10.15
N LYS A 274 -21.27 -18.23 10.93
CA LYS A 274 -20.39 -18.77 11.96
C LYS A 274 -20.54 -17.93 13.22
N TRP A 275 -20.20 -18.55 14.36
CA TRP A 275 -20.26 -17.88 15.66
C TRP A 275 -18.99 -17.10 15.92
N TRP A 276 -19.17 -15.85 16.36
CA TRP A 276 -18.07 -14.95 16.67
C TRP A 276 -17.09 -15.58 17.66
N ASP A 277 -17.61 -16.09 18.78
CA ASP A 277 -16.74 -16.64 19.82
C ASP A 277 -15.98 -17.86 19.31
N GLU A 278 -16.66 -18.72 18.54
CA GLU A 278 -16.01 -19.89 17.97
C GLU A 278 -14.91 -19.51 16.99
N GLU A 279 -15.19 -18.53 16.12
CA GLU A 279 -14.18 -18.12 15.15
C GLU A 279 -12.98 -17.48 15.84
N CYS A 280 -13.23 -16.61 16.83
CA CYS A 280 -12.12 -15.98 17.53
C CYS A 280 -11.34 -16.97 18.38
N ALA A 281 -11.99 -18.06 18.83
CA ALA A 281 -11.29 -19.05 19.63
C ALA A 281 -10.15 -19.69 18.86
N LYS A 282 -10.27 -19.75 17.53
CA LYS A 282 -9.23 -20.34 16.70
C LYS A 282 -8.11 -19.36 16.36
N MET A 283 -8.28 -18.06 16.63
CA MET A 283 -7.33 -17.07 16.16
C MET A 283 -6.45 -16.55 17.28
N PRO A 284 -5.27 -16.05 16.94
CA PRO A 284 -4.40 -15.43 17.96
C PRO A 284 -5.00 -14.14 18.48
N ALA A 285 -4.56 -13.74 19.66
CA ALA A 285 -5.03 -12.51 20.29
C ALA A 285 -4.22 -11.28 19.88
N TYR A 286 -3.26 -11.42 18.95
CA TYR A 286 -2.59 -10.29 18.35
C TYR A 286 -2.67 -10.39 16.83
N CYS A 287 -2.69 -9.23 16.18
CA CYS A 287 -2.78 -9.13 14.74
C CYS A 287 -2.02 -7.87 14.35
N PRO A 288 -1.14 -7.94 13.34
CA PRO A 288 -0.38 -6.75 12.95
C PRO A 288 -1.29 -5.69 12.35
N CYS A 289 -0.85 -4.44 12.42
CA CYS A 289 -1.61 -3.31 11.91
C CYS A 289 -1.24 -3.02 10.47
N GLU A 290 -2.24 -2.88 9.63
CA GLU A 290 -2.01 -2.47 8.25
C GLU A 290 -1.62 -1.00 8.22
N ARG A 291 -0.52 -0.69 7.55
CA ARG A 291 -0.05 0.68 7.49
C ARG A 291 -0.88 1.43 6.45
N MET A 292 -1.74 2.33 6.91
CA MET A 292 -2.73 2.99 6.06
C MET A 292 -2.25 4.39 5.68
N ALA A 293 -2.45 4.73 4.41
CA ALA A 293 -2.25 6.09 3.96
C ALA A 293 -3.26 7.01 4.64
N SER A 294 -2.85 8.28 4.83
CA SER A 294 -3.75 9.24 5.47
CA SER A 294 -3.75 9.24 5.47
C SER A 294 -5.12 9.25 4.81
N GLU A 295 -5.14 9.30 3.49
CA GLU A 295 -6.37 9.40 2.71
C GLU A 295 -6.96 8.05 2.33
N ASP A 296 -6.49 6.96 2.91
CA ASP A 296 -7.18 5.68 2.72
C ASP A 296 -8.53 5.74 3.41
N PRO A 297 -9.61 5.29 2.75
CA PRO A 297 -10.93 5.36 3.38
C PRO A 297 -10.98 4.52 4.65
N LEU A 298 -11.50 5.14 5.71
CA LEU A 298 -11.65 4.47 6.99
C LEU A 298 -13.02 3.79 7.12
N PHE A 299 -14.09 4.45 6.70
CA PHE A 299 -15.40 3.81 6.79
C PHE A 299 -16.37 4.46 5.81
N ILE A 300 -17.46 3.74 5.57
CA ILE A 300 -18.65 4.24 4.87
C ILE A 300 -19.78 4.31 5.87
N LEU A 301 -20.51 5.42 5.89
CA LEU A 301 -21.69 5.55 6.73
C LEU A 301 -22.87 6.03 5.90
N TYR A 302 -23.89 5.18 5.75
CA TYR A 302 -25.07 5.54 4.99
C TYR A 302 -26.05 6.29 5.88
N THR A 303 -26.45 7.47 5.43
CA THR A 303 -27.46 8.26 6.12
C THR A 303 -28.85 7.65 5.93
N SER A 304 -29.70 7.84 6.95
CA SER A 304 -31.10 7.36 6.94
C SER A 304 -31.91 7.91 5.76
N LYS A 309 -32.25 7.15 -2.66
CA LYS A 309 -31.05 6.33 -2.64
C LYS A 309 -30.23 6.58 -1.37
N PRO A 310 -29.61 5.53 -0.83
CA PRO A 310 -28.77 5.72 0.35
C PRO A 310 -27.51 6.50 0.01
N LYS A 311 -27.15 7.42 0.91
CA LYS A 311 -25.98 8.28 0.72
C LYS A 311 -24.84 7.77 1.58
N GLY A 312 -23.86 7.12 0.95
CA GLY A 312 -22.73 6.59 1.69
C GLY A 312 -21.63 7.60 1.92
N VAL A 313 -21.63 8.21 3.09
CA VAL A 313 -20.61 9.21 3.41
C VAL A 313 -19.30 8.48 3.71
N VAL A 314 -18.23 8.88 3.03
CA VAL A 314 -16.94 8.22 3.14
C VAL A 314 -15.98 9.16 3.86
N HIS A 315 -15.29 8.64 4.87
CA HIS A 315 -14.30 9.41 5.61
C HIS A 315 -12.93 8.77 5.48
N SER A 316 -11.92 9.63 5.37
CA SER A 316 -10.53 9.20 5.31
C SER A 316 -10.09 8.76 6.70
N THR A 317 -8.81 8.44 6.84
CA THR A 317 -8.32 7.93 8.11
C THR A 317 -7.75 9.05 8.98
N ALA A 318 -6.69 9.70 8.50
CA ALA A 318 -5.93 10.60 9.38
C ALA A 318 -6.74 11.86 9.69
N GLY A 319 -7.31 12.51 8.67
CA GLY A 319 -8.04 13.74 8.90
C GLY A 319 -9.24 13.53 9.80
N TYR A 320 -9.99 12.44 9.57
CA TYR A 320 -11.12 12.12 10.45
C TYR A 320 -10.63 11.82 11.86
N LEU A 321 -9.57 11.03 11.97
CA LEU A 321 -9.11 10.63 13.29
C LEU A 321 -8.65 11.86 14.09
N LEU A 322 -7.88 12.74 13.45
CA LEU A 322 -7.41 13.95 14.13
C LEU A 322 -8.58 14.86 14.48
N GLY A 323 -9.56 14.98 13.59
CA GLY A 323 -10.69 15.86 13.87
C GLY A 323 -11.49 15.40 15.08
N THR A 324 -11.80 14.10 15.14
CA THR A 324 -12.53 13.58 16.27
C THR A 324 -11.70 13.65 17.56
N ALA A 325 -10.40 13.38 17.47
CA ALA A 325 -9.56 13.45 18.66
C ALA A 325 -9.47 14.87 19.20
N LEU A 326 -9.33 15.87 18.32
CA LEU A 326 -9.23 17.27 18.77
C LEU A 326 -10.56 17.80 19.28
N THR A 327 -11.67 17.49 18.59
CA THR A 327 -12.96 17.99 19.04
C THR A 327 -13.32 17.43 20.41
N LEU A 328 -13.07 16.13 20.64
CA LEU A 328 -13.34 15.57 21.95
C LEU A 328 -12.46 16.22 23.01
N LYS A 329 -11.19 16.45 22.69
CA LYS A 329 -10.26 17.01 23.68
C LYS A 329 -10.63 18.43 24.08
N TYR A 330 -11.14 19.22 23.13
CA TYR A 330 -11.37 20.63 23.40
C TYR A 330 -12.83 20.97 23.67
N VAL A 331 -13.76 20.41 22.89
CA VAL A 331 -15.17 20.75 23.09
C VAL A 331 -15.69 20.19 24.42
N PHE A 332 -15.17 19.04 24.86
CA PHE A 332 -15.54 18.48 26.15
C PHE A 332 -14.44 18.60 27.19
N ASP A 333 -13.31 19.21 26.85
CA ASP A 333 -12.19 19.42 27.77
C ASP A 333 -11.76 18.11 28.43
N ALA A 334 -11.60 17.09 27.60
CA ALA A 334 -11.22 15.77 28.08
C ALA A 334 -9.79 15.76 28.62
N HIS A 335 -9.57 15.00 29.68
CA HIS A 335 -8.30 14.86 30.35
C HIS A 335 -7.97 13.39 30.55
N PRO A 336 -6.69 13.06 30.78
CA PRO A 336 -6.26 11.64 30.71
C PRO A 336 -7.09 10.67 31.52
N ASP A 337 -7.61 11.07 32.67
CA ASP A 337 -8.37 10.17 33.53
C ASP A 337 -9.87 10.37 33.43
N ASP A 338 -10.33 11.14 32.45
CA ASP A 338 -11.75 11.41 32.33
C ASP A 338 -12.51 10.16 31.89
N ARG A 339 -13.79 10.13 32.20
CA ARG A 339 -14.70 9.05 31.81
C ARG A 339 -15.82 9.65 30.99
N PHE A 340 -15.79 9.43 29.68
CA PHE A 340 -16.67 10.12 28.73
C PHE A 340 -17.90 9.27 28.45
N ALA A 341 -19.07 9.84 28.69
CA ALA A 341 -20.34 9.13 28.58
C ALA A 341 -21.18 9.77 27.48
N CYS A 342 -21.00 9.29 26.26
CA CYS A 342 -21.82 9.69 25.12
C CYS A 342 -22.91 8.64 24.92
N MET A 343 -24.17 9.06 25.02
CA MET A 343 -25.29 8.15 25.03
C MET A 343 -25.86 7.87 23.64
N ALA A 344 -25.08 8.08 22.59
CA ALA A 344 -25.57 7.87 21.23
C ALA A 344 -25.50 6.39 20.84
N ASP A 345 -25.79 6.10 19.57
CA ASP A 345 -25.68 4.76 19.03
C ASP A 345 -24.57 4.74 17.99
N ILE A 346 -23.80 3.65 17.96
CA ILE A 346 -22.69 3.56 17.01
C ILE A 346 -23.14 3.45 15.56
N GLY A 347 -24.43 3.23 15.30
CA GLY A 347 -24.90 3.24 13.93
C GLY A 347 -24.98 4.63 13.32
N TRP A 348 -24.83 5.67 14.12
CA TRP A 348 -24.80 7.06 13.69
C TRP A 348 -23.39 7.64 13.84
N ILE A 349 -23.15 8.75 13.13
CA ILE A 349 -21.83 9.36 13.17
C ILE A 349 -21.46 9.80 14.60
N THR A 350 -22.47 10.06 15.43
CA THR A 350 -22.17 10.42 16.83
C THR A 350 -21.47 9.28 17.54
N GLY A 351 -21.97 8.05 17.34
CA GLY A 351 -21.29 6.90 17.90
C GLY A 351 -19.92 6.66 17.28
N HIS A 352 -19.83 6.86 15.96
CA HIS A 352 -18.54 6.73 15.29
C HIS A 352 -17.49 7.64 15.93
N SER A 353 -17.83 8.92 16.08
CA SER A 353 -16.86 9.94 16.48
C SER A 353 -16.69 10.07 17.99
N TYR A 354 -17.78 10.00 18.76
CA TYR A 354 -17.71 10.37 20.17
C TYR A 354 -18.04 9.22 21.11
N ILE A 355 -18.19 8.01 20.59
CA ILE A 355 -18.12 6.79 21.40
C ILE A 355 -16.82 6.05 21.14
N ILE A 356 -16.47 5.86 19.86
CA ILE A 356 -15.34 4.99 19.54
C ILE A 356 -14.07 5.77 19.23
N TYR A 357 -14.07 6.52 18.11
CA TYR A 357 -12.79 6.99 17.58
C TYR A 357 -12.20 8.11 18.42
N GLY A 358 -12.99 9.16 18.69
CA GLY A 358 -12.50 10.28 19.47
C GLY A 358 -11.97 9.91 20.84
N PRO A 359 -12.82 9.33 21.69
CA PRO A 359 -12.35 8.98 23.05
C PRO A 359 -11.22 7.95 23.05
N LEU A 360 -11.32 6.89 22.25
CA LEU A 360 -10.27 5.88 22.27
C LEU A 360 -8.96 6.40 21.68
N ALA A 361 -9.04 7.36 20.75
CA ALA A 361 -7.81 7.99 20.28
C ALA A 361 -7.10 8.74 21.41
N ASN A 362 -7.86 9.43 22.27
CA ASN A 362 -7.28 10.12 23.41
C ASN A 362 -6.86 9.18 24.53
N GLY A 363 -7.19 7.89 24.45
CA GLY A 363 -6.76 6.96 25.47
C GLY A 363 -7.48 7.09 26.80
N ILE A 364 -8.73 7.52 26.77
CA ILE A 364 -9.52 7.72 27.99
C ILE A 364 -10.58 6.62 28.04
N THR A 365 -11.37 6.60 29.11
CA THR A 365 -12.48 5.66 29.22
C THR A 365 -13.71 6.19 28.49
N THR A 366 -14.35 5.32 27.73
CA THR A 366 -15.56 5.69 27.00
C THR A 366 -16.69 4.75 27.41
N ALA A 367 -17.92 5.21 27.25
CA ALA A 367 -19.09 4.46 27.68
C ALA A 367 -19.84 3.91 26.47
N VAL A 368 -20.24 2.65 26.56
CA VAL A 368 -21.17 2.02 25.62
C VAL A 368 -22.46 1.75 26.38
N PHE A 369 -23.50 2.51 26.06
CA PHE A 369 -24.75 2.51 26.82
C PHE A 369 -25.80 1.73 26.04
N GLU A 370 -26.10 0.52 26.52
CA GLU A 370 -26.99 -0.39 25.79
C GLU A 370 -28.47 -0.13 26.03
N SER A 371 -28.84 0.62 27.07
CA SER A 371 -30.22 0.80 27.48
C SER A 371 -30.82 2.11 26.92
N THR A 372 -31.99 2.47 27.40
CA THR A 372 -32.69 3.70 27.06
C THR A 372 -32.57 4.69 28.22
N PRO A 373 -32.95 5.96 28.01
CA PRO A 373 -32.92 6.91 29.12
C PRO A 373 -33.88 6.58 30.24
N VAL A 374 -34.86 5.68 30.01
CA VAL A 374 -35.93 5.43 30.97
C VAL A 374 -36.07 3.95 31.32
N TYR A 375 -35.03 3.16 31.06
CA TYR A 375 -35.07 1.77 31.48
C TYR A 375 -33.97 1.50 32.49
N PRO A 376 -34.30 0.92 33.66
CA PRO A 376 -35.65 0.51 34.09
C PRO A 376 -36.50 1.66 34.62
N THR A 377 -35.93 2.79 35.00
CA THR A 377 -36.67 3.97 35.43
C THR A 377 -36.07 5.19 34.76
N PRO A 378 -36.82 6.31 34.70
CA PRO A 378 -36.30 7.52 34.04
C PRO A 378 -35.08 8.13 34.73
N SER A 379 -34.55 7.48 35.77
CA SER A 379 -33.33 7.92 36.44
C SER A 379 -32.09 7.14 35.97
N ARG A 380 -32.20 6.39 34.87
CA ARG A 380 -31.08 5.54 34.45
C ARG A 380 -29.84 6.35 34.14
N TYR A 381 -29.99 7.46 33.42
CA TYR A 381 -28.84 8.32 33.11
C TYR A 381 -28.09 8.73 34.36
N TRP A 382 -28.84 9.14 35.40
CA TRP A 382 -28.21 9.69 36.59
C TRP A 382 -27.70 8.62 37.53
N ASP A 383 -28.37 7.46 37.58
CA ASP A 383 -27.78 6.31 38.25
C ASP A 383 -26.46 5.92 37.59
N PHE A 384 -26.43 5.96 36.25
CA PHE A 384 -25.22 5.67 35.51
C PHE A 384 -24.11 6.66 35.82
N VAL A 385 -24.44 7.97 35.85
CA VAL A 385 -23.41 8.98 36.07
C VAL A 385 -22.77 8.81 37.43
N ASP A 386 -23.59 8.61 38.47
CA ASP A 386 -23.03 8.41 39.80
C ASP A 386 -22.35 7.06 39.95
N LYS A 387 -22.81 6.05 39.21
CA LYS A 387 -22.24 4.72 39.33
C LYS A 387 -20.78 4.71 38.90
N TRP A 388 -20.48 5.34 37.75
CA TRP A 388 -19.15 5.33 37.18
C TRP A 388 -18.41 6.66 37.32
N LYS A 389 -19.03 7.64 37.99
CA LYS A 389 -18.45 8.97 38.16
C LYS A 389 -18.09 9.58 36.80
N ALA A 390 -19.05 9.60 35.89
CA ALA A 390 -18.80 10.14 34.56
C ALA A 390 -18.46 11.63 34.64
N THR A 391 -17.49 12.06 33.83
CA THR A 391 -17.01 13.42 33.84
C THR A 391 -17.63 14.29 32.75
N GLN A 392 -18.04 13.70 31.64
CA GLN A 392 -18.78 14.38 30.59
C GLN A 392 -19.96 13.52 30.18
N LEU A 393 -21.08 14.16 29.90
CA LEU A 393 -22.25 13.48 29.37
C LEU A 393 -22.66 14.14 28.06
N TYR A 394 -22.98 13.31 27.07
CA TYR A 394 -23.24 13.75 25.71
C TYR A 394 -24.49 13.03 25.24
N THR A 395 -25.58 13.76 25.03
CA THR A 395 -26.85 13.15 24.66
C THR A 395 -27.57 14.09 23.70
N ALA A 396 -28.81 13.74 23.35
CA ALA A 396 -29.60 14.49 22.38
C ALA A 396 -30.74 15.23 23.07
N PRO A 397 -31.17 16.38 22.52
CA PRO A 397 -32.30 17.09 23.11
C PRO A 397 -33.58 16.28 23.10
N THR A 398 -33.69 15.35 22.16
CA THR A 398 -34.84 14.44 22.12
C THR A 398 -34.88 13.57 23.38
N ALA A 399 -33.71 13.14 23.87
CA ALA A 399 -33.65 12.42 25.14
C ALA A 399 -33.97 13.31 26.33
N ILE A 400 -33.48 14.56 26.29
CA ILE A 400 -33.75 15.50 27.39
C ILE A 400 -35.24 15.74 27.51
N ARG A 401 -35.94 15.85 26.38
CA ARG A 401 -37.38 16.08 26.43
C ARG A 401 -38.13 14.90 27.06
N LEU A 402 -37.66 13.68 26.81
CA LEU A 402 -38.32 12.52 27.41
C LEU A 402 -38.20 12.53 28.93
N LEU A 403 -36.99 12.76 29.45
CA LEU A 403 -36.78 12.74 30.89
C LEU A 403 -37.47 13.90 31.57
N ARG A 404 -37.52 15.05 30.92
CA ARG A 404 -38.21 16.21 31.47
C ARG A 404 -39.70 15.93 31.64
N ARG A 405 -40.29 15.19 30.70
CA ARG A 405 -41.70 14.83 30.84
C ARG A 405 -41.93 13.81 31.95
N MET A 406 -40.88 13.12 32.41
CA MET A 406 -41.05 12.12 33.46
C MET A 406 -41.13 12.72 34.86
N GLY A 407 -40.56 13.91 35.09
CA GLY A 407 -40.63 14.53 36.39
C GLY A 407 -39.27 14.76 37.02
N GLU A 408 -39.18 15.70 37.98
CA GLU A 408 -37.90 16.02 38.62
C GLU A 408 -37.48 14.97 39.65
N ASP A 409 -38.41 14.16 40.15
CA ASP A 409 -38.07 13.22 41.23
C ASP A 409 -36.99 12.22 40.83
N HIS A 410 -36.82 11.96 39.54
CA HIS A 410 -35.83 10.99 39.09
C HIS A 410 -34.41 11.53 39.06
N VAL A 411 -34.24 12.85 39.22
CA VAL A 411 -32.93 13.48 39.08
C VAL A 411 -32.58 14.38 40.28
N LYS A 412 -33.57 14.90 41.03
CA LYS A 412 -33.26 15.93 42.02
C LYS A 412 -32.32 15.44 43.10
N ASN A 413 -32.38 14.16 43.47
CA ASN A 413 -31.67 13.62 44.62
C ASN A 413 -30.36 12.91 44.26
N HIS A 414 -29.94 12.94 43.00
CA HIS A 414 -28.69 12.30 42.63
C HIS A 414 -27.50 13.21 42.93
N ASP A 415 -26.31 12.63 42.85
CA ASP A 415 -25.07 13.38 43.10
C ASP A 415 -24.65 14.15 41.86
N LEU A 416 -24.33 13.45 40.78
CA LEU A 416 -24.03 14.01 39.47
C LEU A 416 -22.86 14.99 39.48
N SER A 417 -22.14 15.13 40.60
CA SER A 417 -21.08 16.13 40.68
C SER A 417 -19.79 15.70 40.00
N SER A 418 -19.69 14.47 39.52
CA SER A 418 -18.53 14.10 38.74
C SER A 418 -18.55 14.74 37.36
N LEU A 419 -19.70 15.26 36.94
CA LEU A 419 -19.83 15.91 35.64
C LEU A 419 -19.22 17.31 35.66
N ARG A 420 -18.58 17.68 34.55
CA ARG A 420 -18.13 19.04 34.29
C ARG A 420 -18.73 19.63 33.02
N VAL A 421 -18.99 18.82 32.01
CA VAL A 421 -19.46 19.26 30.71
C VAL A 421 -20.69 18.45 30.34
N LEU A 422 -21.74 19.13 29.90
CA LEU A 422 -22.95 18.49 29.41
C LEU A 422 -23.15 18.86 27.95
N GLY A 423 -23.30 17.86 27.10
CA GLY A 423 -23.33 18.06 25.66
C GLY A 423 -24.70 17.74 25.09
N SER A 424 -25.13 18.54 24.13
CA SER A 424 -26.37 18.31 23.40
C SER A 424 -26.05 18.27 21.91
N VAL A 425 -26.65 17.31 21.19
CA VAL A 425 -26.37 17.12 19.77
C VAL A 425 -27.61 16.57 19.09
N GLY A 426 -27.79 16.90 17.81
CA GLY A 426 -28.77 16.30 16.94
C GLY A 426 -29.80 17.24 16.36
N GLU A 427 -30.18 18.28 17.10
CA GLU A 427 -31.26 19.17 16.68
C GLU A 427 -31.22 20.43 17.54
N PRO A 428 -31.89 21.50 17.10
CA PRO A 428 -31.94 22.71 17.93
C PRO A 428 -32.60 22.40 19.26
N ILE A 429 -32.06 22.98 20.34
CA ILE A 429 -32.56 22.76 21.68
C ILE A 429 -33.31 24.01 22.14
N ASN A 430 -34.58 23.82 22.51
CA ASN A 430 -35.37 24.94 22.99
C ASN A 430 -34.90 25.34 24.39
N PRO A 431 -35.09 26.61 24.77
CA PRO A 431 -34.66 27.04 26.11
C PRO A 431 -35.23 26.24 27.26
N GLU A 432 -36.51 25.82 27.18
CA GLU A 432 -37.09 25.05 28.28
C GLU A 432 -36.30 23.78 28.54
N ALA A 433 -35.96 23.04 27.49
CA ALA A 433 -35.17 21.82 27.68
C ALA A 433 -33.74 22.14 28.11
N TRP A 434 -33.17 23.23 27.59
CA TRP A 434 -31.80 23.61 27.94
C TRP A 434 -31.65 23.89 29.42
N HIS A 435 -32.62 24.60 30.01
CA HIS A 435 -32.53 24.92 31.43
C HIS A 435 -32.74 23.68 32.30
N TRP A 436 -33.63 22.77 31.87
CA TRP A 436 -33.79 21.53 32.61
C TRP A 436 -32.48 20.75 32.61
N TYR A 437 -31.80 20.71 31.46
CA TYR A 437 -30.47 20.13 31.39
C TYR A 437 -29.51 20.85 32.32
N ASN A 438 -29.54 22.18 32.30
CA ASN A 438 -28.58 22.97 33.07
C ASN A 438 -28.87 22.87 34.57
N ASP A 439 -30.15 22.92 34.95
CA ASP A 439 -30.49 23.01 36.38
C ASP A 439 -30.35 21.67 37.09
N PHE A 440 -30.70 20.56 36.44
CA PHE A 440 -30.80 19.29 37.14
C PHE A 440 -29.62 18.34 36.86
N ALA A 441 -29.27 18.14 35.59
CA ALA A 441 -28.14 17.27 35.29
C ALA A 441 -26.83 17.90 35.75
N GLY A 442 -26.67 19.20 35.51
CA GLY A 442 -25.46 19.92 35.88
C GLY A 442 -25.48 20.61 37.22
N LYS A 443 -26.65 20.72 37.85
CA LYS A 443 -26.78 21.41 39.14
C LYS A 443 -26.18 22.81 39.05
N ASN A 444 -26.36 23.45 37.90
CA ASN A 444 -25.89 24.81 37.63
C ASN A 444 -24.38 24.94 37.84
N GLN A 445 -23.63 23.86 37.61
CA GLN A 445 -22.19 23.86 37.79
C GLN A 445 -21.46 23.21 36.63
N CYS A 446 -22.16 22.88 35.55
CA CYS A 446 -21.58 22.29 34.35
C CYS A 446 -21.73 23.25 33.19
N ALA A 447 -20.77 23.19 32.27
CA ALA A 447 -20.89 23.89 31.01
C ALA A 447 -21.73 23.05 30.06
N ILE A 448 -22.70 23.67 29.40
CA ILE A 448 -23.52 23.01 28.39
C ILE A 448 -22.91 23.33 27.04
N VAL A 449 -22.52 22.29 26.31
CA VAL A 449 -21.95 22.49 24.98
C VAL A 449 -22.99 22.06 23.95
N ASP A 450 -23.55 23.03 23.25
CA ASP A 450 -24.47 22.77 22.14
C ASP A 450 -23.64 22.58 20.89
N THR A 451 -23.57 21.35 20.40
CA THR A 451 -22.70 21.00 19.30
C THR A 451 -23.51 20.86 18.02
N TYR A 452 -23.11 21.62 16.99
CA TYR A 452 -23.69 21.49 15.65
C TYR A 452 -22.65 20.86 14.74
N TRP A 453 -23.05 19.82 14.03
CA TRP A 453 -22.22 19.22 12.98
C TRP A 453 -23.10 18.26 12.19
N MET A 454 -22.50 17.57 11.24
CA MET A 454 -23.22 16.67 10.35
C MET A 454 -22.39 15.42 10.11
N THR A 455 -23.03 14.40 9.54
CA THR A 455 -22.29 13.21 9.13
C THR A 455 -21.18 13.58 8.16
N GLU A 456 -21.43 14.56 7.29
CA GLU A 456 -20.45 14.94 6.29
C GLU A 456 -19.31 15.78 6.87
N THR A 457 -19.47 16.34 8.07
CA THR A 457 -18.39 17.10 8.69
C THR A 457 -17.44 16.23 9.50
N GLY A 458 -17.86 15.03 9.87
CA GLY A 458 -16.97 14.11 10.58
C GLY A 458 -16.83 14.39 12.06
N SER A 459 -16.69 15.65 12.45
CA SER A 459 -16.55 16.01 13.84
C SER A 459 -17.29 17.32 14.09
N ILE A 460 -17.31 17.75 15.36
CA ILE A 460 -18.08 18.91 15.77
C ILE A 460 -17.58 20.15 15.04
N SER A 461 -18.51 20.91 14.46
CA SER A 461 -18.19 22.08 13.63
C SER A 461 -18.33 23.40 14.39
N ILE A 462 -19.45 23.60 15.08
CA ILE A 462 -19.71 24.81 15.85
C ILE A 462 -20.19 24.37 17.23
N ALA A 463 -19.49 24.83 18.27
CA ALA A 463 -19.83 24.49 19.65
C ALA A 463 -19.02 25.37 20.60
N PRO A 464 -19.55 25.68 21.79
CA PRO A 464 -18.76 26.47 22.74
C PRO A 464 -17.62 25.64 23.31
N LEU A 465 -16.47 26.26 23.46
CA LEU A 465 -15.40 25.65 24.24
C LEU A 465 -15.73 25.88 25.70
N PRO A 466 -15.96 24.82 26.49
CA PRO A 466 -16.63 25.00 27.78
C PRO A 466 -15.86 25.84 28.77
N GLY A 467 -14.54 25.86 28.70
CA GLY A 467 -13.76 26.64 29.63
C GLY A 467 -13.49 28.06 29.22
N ALA A 468 -13.95 28.47 28.04
CA ALA A 468 -13.65 29.80 27.52
C ALA A 468 -14.88 30.59 27.09
N ILE A 469 -15.88 29.92 26.49
CA ILE A 469 -17.02 30.60 25.88
C ILE A 469 -18.17 30.65 26.88
N SER A 470 -18.73 31.83 27.07
CA SER A 470 -20.00 31.97 27.77
C SER A 470 -21.15 31.60 26.84
N THR A 471 -22.10 30.83 27.36
CA THR A 471 -23.15 30.22 26.55
C THR A 471 -24.44 31.02 26.60
N LYS A 472 -25.22 30.91 25.53
CA LYS A 472 -26.60 31.35 25.42
C LYS A 472 -27.48 30.12 25.19
N PRO A 473 -28.62 30.02 25.87
CA PRO A 473 -29.49 28.84 25.70
C PRO A 473 -29.97 28.71 24.26
N GLY A 474 -29.64 27.59 23.64
CA GLY A 474 -30.07 27.33 22.28
C GLY A 474 -29.09 27.73 21.19
N SER A 475 -27.94 28.30 21.54
CA SER A 475 -26.97 28.75 20.57
C SER A 475 -25.78 27.80 20.51
N ALA A 476 -25.31 27.53 19.29
CA ALA A 476 -24.09 26.74 19.12
C ALA A 476 -22.83 27.57 19.29
N THR A 477 -22.97 28.89 19.44
CA THR A 477 -21.89 29.85 19.71
C THR A 477 -20.94 30.02 18.52
N PHE A 478 -19.72 29.47 18.63
CA PHE A 478 -18.63 29.83 17.73
C PHE A 478 -17.99 28.60 17.09
N PRO A 479 -17.36 28.76 15.92
CA PRO A 479 -16.86 27.60 15.17
C PRO A 479 -15.65 26.97 15.86
N PHE A 480 -15.48 25.67 15.60
CA PHE A 480 -14.34 24.94 16.15
C PHE A 480 -13.08 25.23 15.34
N PHE A 481 -11.95 24.83 15.91
CA PHE A 481 -10.66 24.94 15.23
C PHE A 481 -10.75 24.39 13.81
N GLY A 482 -10.27 25.18 12.85
CA GLY A 482 -10.30 24.81 11.47
C GLY A 482 -11.62 25.05 10.75
N MET A 483 -12.66 25.51 11.45
CA MET A 483 -13.95 25.77 10.83
C MET A 483 -14.09 27.28 10.63
N ASP A 484 -14.25 27.68 9.39
CA ASP A 484 -14.39 29.08 8.98
C ASP A 484 -15.76 29.21 8.32
N VAL A 485 -16.76 29.56 9.12
CA VAL A 485 -18.13 29.56 8.67
C VAL A 485 -18.56 30.98 8.38
N ASP A 486 -19.66 31.10 7.64
CA ASP A 486 -20.21 32.40 7.32
C ASP A 486 -21.67 32.22 6.94
N ILE A 487 -22.41 33.33 6.97
CA ILE A 487 -23.80 33.35 6.58
C ILE A 487 -23.88 33.99 5.19
N ILE A 488 -24.52 33.30 4.25
CA ILE A 488 -24.72 33.80 2.90
C ILE A 488 -26.21 34.08 2.72
N ASP A 489 -26.53 35.26 2.21
CA ASP A 489 -27.90 35.56 1.80
C ASP A 489 -28.30 34.69 0.63
N PRO A 490 -29.26 33.77 0.77
CA PRO A 490 -29.64 32.92 -0.37
C PRO A 490 -30.20 33.69 -1.56
N GLN A 491 -30.90 34.80 -1.33
CA GLN A 491 -31.48 35.53 -2.44
C GLN A 491 -30.41 36.21 -3.28
N THR A 492 -29.49 36.92 -2.62
CA THR A 492 -28.46 37.66 -3.35
C THR A 492 -27.28 36.79 -3.70
N GLY A 493 -27.04 35.73 -2.95
CA GLY A 493 -25.86 34.90 -3.12
C GLY A 493 -24.60 35.46 -2.51
N GLN A 494 -24.66 36.63 -1.88
CA GLN A 494 -23.50 37.28 -1.30
C GLN A 494 -23.42 36.96 0.18
N VAL A 495 -22.20 36.97 0.71
CA VAL A 495 -21.97 36.67 2.11
C VAL A 495 -22.35 37.89 2.96
N LEU A 496 -23.10 37.64 4.02
CA LEU A 496 -23.57 38.72 4.89
C LEU A 496 -22.50 39.14 5.89
N GLU A 497 -22.03 40.37 5.78
CA GLU A 497 -21.03 40.88 6.68
C GLU A 497 -21.68 41.46 7.94
N GLY A 498 -20.97 41.37 9.05
CA GLY A 498 -21.46 41.94 10.29
C GLY A 498 -22.32 41.00 11.09
N ASN A 499 -22.95 41.57 12.12
CA ASN A 499 -23.77 40.83 13.07
C ASN A 499 -25.25 41.18 12.91
N ASP A 500 -26.08 40.42 13.61
CA ASP A 500 -27.53 40.49 13.46
C ASP A 500 -27.95 40.26 12.01
N VAL A 501 -27.40 39.20 11.42
CA VAL A 501 -27.75 38.78 10.06
C VAL A 501 -28.09 37.31 10.08
N GLU A 502 -29.05 36.90 9.25
CA GLU A 502 -29.40 35.50 9.13
C GLU A 502 -29.56 35.10 7.67
N GLY A 503 -29.25 33.85 7.39
CA GLY A 503 -29.23 33.33 6.03
C GLY A 503 -28.90 31.85 6.05
N VAL A 504 -28.04 31.39 5.15
CA VAL A 504 -27.68 29.97 5.08
C VAL A 504 -26.22 29.80 5.44
N LEU A 505 -25.91 28.72 6.14
CA LEU A 505 -24.57 28.48 6.64
C LEU A 505 -23.70 27.83 5.59
N VAL A 506 -22.50 28.40 5.39
CA VAL A 506 -21.49 27.89 4.48
C VAL A 506 -20.15 27.91 5.21
N ALA A 507 -19.23 27.09 4.71
CA ALA A 507 -17.86 27.04 5.21
C ALA A 507 -16.92 27.48 4.11
N ARG A 508 -15.85 28.19 4.48
CA ARG A 508 -15.00 28.83 3.48
C ARG A 508 -13.82 27.97 3.06
N ARG A 509 -13.25 27.19 3.96
CA ARG A 509 -12.10 26.35 3.65
C ARG A 509 -12.34 24.92 4.10
N PRO A 510 -11.72 23.94 3.45
CA PRO A 510 -11.84 22.56 3.93
C PRO A 510 -11.20 22.40 5.30
N TRP A 511 -11.76 21.46 6.08
CA TRP A 511 -11.26 21.09 7.39
C TRP A 511 -10.82 19.62 7.39
N PRO A 512 -9.96 19.22 8.33
CA PRO A 512 -9.37 17.87 8.25
C PRO A 512 -10.37 16.72 8.20
N SER A 513 -11.45 16.76 8.96
CA SER A 513 -12.36 15.62 9.06
C SER A 513 -13.50 15.66 8.07
N ILE A 514 -13.43 16.52 7.04
CA ILE A 514 -14.54 16.60 6.11
C ILE A 514 -14.64 15.31 5.32
N ALA A 515 -15.87 14.86 5.07
CA ALA A 515 -16.07 13.68 4.24
C ALA A 515 -15.51 13.93 2.85
N ARG A 516 -14.90 12.89 2.28
CA ARG A 516 -14.16 13.05 1.03
C ARG A 516 -14.97 12.73 -0.21
N THR A 517 -16.07 11.98 -0.10
CA THR A 517 -16.88 11.61 -1.24
C THR A 517 -18.16 10.97 -0.73
N VAL A 518 -19.08 10.73 -1.66
CA VAL A 518 -20.21 9.84 -1.45
C VAL A 518 -19.91 8.56 -2.23
N TYR A 519 -20.02 7.41 -1.56
CA TYR A 519 -19.49 6.17 -2.10
C TYR A 519 -19.97 5.92 -3.51
N ARG A 520 -19.02 5.88 -4.45
CA ARG A 520 -19.27 5.67 -5.88
C ARG A 520 -20.24 6.70 -6.46
N ASP A 521 -20.48 7.81 -5.78
CA ASP A 521 -21.41 8.84 -6.23
C ASP A 521 -20.82 10.24 -6.00
N HIS A 522 -19.59 10.45 -6.44
CA HIS A 522 -18.92 11.74 -6.22
C HIS A 522 -19.69 12.91 -6.84
N LYS A 523 -20.43 12.66 -7.92
CA LYS A 523 -21.23 13.73 -8.50
C LYS A 523 -22.27 14.23 -7.51
N ARG A 524 -22.92 13.32 -6.79
CA ARG A 524 -23.87 13.72 -5.75
C ARG A 524 -23.18 14.53 -4.67
N TYR A 525 -21.95 14.18 -4.33
CA TYR A 525 -21.16 14.92 -3.35
C TYR A 525 -20.92 16.36 -3.82
N LEU A 526 -20.41 16.54 -5.03
CA LEU A 526 -20.14 17.90 -5.50
C LEU A 526 -21.43 18.70 -5.61
N GLU A 527 -22.50 18.07 -6.12
CA GLU A 527 -23.76 18.78 -6.29
C GLU A 527 -24.38 19.17 -4.95
N THR A 528 -24.34 18.28 -3.97
CA THR A 528 -25.02 18.57 -2.70
C THR A 528 -24.28 19.62 -1.88
N TYR A 529 -22.94 19.62 -1.93
CA TYR A 529 -22.18 20.45 -1.00
C TYR A 529 -21.35 21.53 -1.66
N MET A 530 -20.86 21.32 -2.89
CA MET A 530 -19.90 22.24 -3.49
C MET A 530 -20.48 23.08 -4.62
N LYS A 531 -21.56 22.65 -5.26
CA LYS A 531 -22.18 23.38 -6.35
C LYS A 531 -23.05 24.55 -5.90
N PRO A 532 -23.87 24.44 -4.84
CA PRO A 532 -24.81 25.53 -4.55
C PRO A 532 -24.13 26.88 -4.37
N TYR A 533 -23.00 26.94 -3.69
CA TYR A 533 -22.25 28.19 -3.51
C TYR A 533 -20.80 27.91 -3.81
N PRO A 534 -20.37 28.10 -5.05
CA PRO A 534 -19.00 27.73 -5.45
C PRO A 534 -17.96 28.43 -4.58
N GLY A 535 -16.91 27.68 -4.24
CA GLY A 535 -15.92 28.13 -3.30
C GLY A 535 -16.28 27.86 -1.85
N TYR A 536 -17.49 27.38 -1.59
CA TYR A 536 -17.98 27.17 -0.24
C TYR A 536 -18.52 25.75 -0.10
N PHE A 537 -18.59 25.29 1.15
CA PHE A 537 -19.30 24.08 1.51
C PHE A 537 -20.67 24.48 2.03
N PHE A 538 -21.73 23.89 1.48
CA PHE A 538 -23.11 24.26 1.81
C PHE A 538 -23.68 23.24 2.79
N PHE A 539 -23.77 23.62 4.06
CA PHE A 539 -24.32 22.74 5.09
C PHE A 539 -25.78 22.37 4.83
N GLY A 540 -26.53 23.26 4.18
CA GLY A 540 -27.95 23.05 3.97
C GLY A 540 -28.83 23.49 5.11
N ASP A 541 -28.28 24.18 6.10
CA ASP A 541 -29.05 24.67 7.23
C ASP A 541 -29.01 26.19 7.23
N GLY A 542 -30.14 26.80 7.56
CA GLY A 542 -30.14 28.22 7.83
C GLY A 542 -29.51 28.53 9.17
N ALA A 543 -28.90 29.70 9.27
CA ALA A 543 -28.27 30.11 10.51
C ALA A 543 -28.39 31.63 10.66
N ALA A 544 -28.27 32.08 11.91
CA ALA A 544 -28.30 33.50 12.23
C ALA A 544 -27.13 33.80 13.14
N ARG A 545 -26.53 34.98 12.96
CA ARG A 545 -25.46 35.45 13.82
C ARG A 545 -25.95 36.71 14.52
N ASP A 546 -26.04 36.68 15.85
CA ASP A 546 -26.71 37.77 16.55
C ASP A 546 -25.75 38.94 16.74
N TYR A 547 -26.23 39.97 17.44
CA TYR A 547 -25.43 41.16 17.69
C TYR A 547 -24.13 40.85 18.46
N ASP A 548 -24.13 39.81 19.29
CA ASP A 548 -22.90 39.43 19.98
C ASP A 548 -21.99 38.55 19.11
N GLY A 549 -22.46 38.11 17.95
CA GLY A 549 -21.69 37.24 17.10
C GLY A 549 -21.95 35.76 17.29
N TYR A 550 -22.87 35.38 18.17
CA TYR A 550 -23.17 33.97 18.40
C TYR A 550 -23.95 33.39 17.23
N MET A 551 -23.55 32.19 16.82
CA MET A 551 -24.21 31.49 15.72
CA MET A 551 -24.23 31.50 15.72
C MET A 551 -25.45 30.78 16.26
N TRP A 552 -26.57 30.95 15.58
CA TRP A 552 -27.82 30.28 15.94
C TRP A 552 -28.25 29.47 14.73
N ILE A 553 -28.20 28.15 14.86
CA ILE A 553 -28.55 27.27 13.76
C ILE A 553 -30.05 27.09 13.73
N LYS A 554 -30.64 27.13 12.53
CA LYS A 554 -32.08 27.02 12.30
C LYS A 554 -32.85 28.20 12.88
N GLY A 555 -32.16 29.18 13.49
CA GLY A 555 -32.83 30.38 13.93
C GLY A 555 -32.63 30.73 15.40
N ARG A 556 -32.82 32.01 15.72
CA ARG A 556 -32.79 32.46 17.10
C ARG A 556 -34.05 32.03 17.84
N VAL A 557 -33.92 31.84 19.15
CA VAL A 557 -35.02 31.40 20.00
C VAL A 557 -35.01 32.21 21.28
N ASP A 558 -36.21 32.49 21.81
CA ASP A 558 -36.36 33.38 22.96
C ASP A 558 -36.34 32.59 24.27
N ASP A 559 -35.70 33.17 25.28
CA ASP A 559 -35.73 32.66 26.64
C ASP A 559 -36.36 33.65 27.61
N VAL A 560 -35.85 34.87 27.68
CA VAL A 560 -36.39 35.88 28.58
C VAL A 560 -36.73 37.12 27.76
N ILE A 561 -37.95 37.63 27.94
CA ILE A 561 -38.45 38.78 27.20
C ILE A 561 -38.58 39.95 28.17
N ASN A 562 -38.12 41.12 27.74
CA ASN A 562 -38.09 42.31 28.60
C ASN A 562 -39.24 43.24 28.20
N VAL A 563 -40.38 43.05 28.86
CA VAL A 563 -41.61 43.80 28.60
C VAL A 563 -41.71 44.92 29.61
N SER A 564 -41.59 46.16 29.13
CA SER A 564 -41.71 47.37 29.95
C SER A 564 -40.74 47.34 31.13
N GLY A 565 -39.56 46.79 30.90
CA GLY A 565 -38.53 46.74 31.91
C GLY A 565 -38.57 45.52 32.82
N HIS A 566 -39.58 44.68 32.71
CA HIS A 566 -39.67 43.46 33.51
C HIS A 566 -39.18 42.27 32.70
N ARG A 567 -38.35 41.45 33.32
CA ARG A 567 -37.80 40.26 32.68
C ARG A 567 -38.81 39.12 32.81
N LEU A 568 -39.43 38.77 31.69
CA LEU A 568 -40.39 37.67 31.64
C LEU A 568 -39.77 36.49 30.90
N SER A 569 -39.85 35.31 31.49
CA SER A 569 -39.41 34.10 30.83
C SER A 569 -40.57 33.51 30.05
N THR A 570 -40.27 32.91 28.89
CA THR A 570 -41.33 32.27 28.13
C THR A 570 -41.96 31.12 28.93
N ALA A 571 -41.20 30.52 29.84
CA ALA A 571 -41.76 29.48 30.70
C ALA A 571 -42.83 30.05 31.64
N GLU A 572 -42.57 31.23 32.21
CA GLU A 572 -43.53 31.81 33.17
C GLU A 572 -44.84 32.12 32.44
N VAL A 573 -44.75 32.81 31.31
CA VAL A 573 -45.96 33.21 30.60
C VAL A 573 -46.72 31.98 30.10
N GLU A 574 -45.99 30.96 29.64
CA GLU A 574 -46.63 29.73 29.21
C GLU A 574 -47.24 28.98 30.40
N SER A 575 -46.58 29.00 31.56
CA SER A 575 -47.14 28.42 32.76
C SER A 575 -48.39 29.16 33.21
N ALA A 576 -48.53 30.43 32.84
CA ALA A 576 -49.71 31.21 33.21
C ALA A 576 -50.88 30.90 32.30
N LEU A 577 -50.61 30.69 31.01
CA LEU A 577 -51.67 30.36 30.06
C LEU A 577 -52.23 28.96 30.30
N ILE A 578 -51.42 28.07 30.88
CA ILE A 578 -51.86 26.68 31.09
C ILE A 578 -52.75 26.52 32.30
N LEU A 579 -52.86 27.55 33.15
CA LEU A 579 -53.77 27.52 34.28
C LEU A 579 -55.23 27.51 33.84
N HIS A 580 -55.52 27.97 32.62
CA HIS A 580 -56.85 27.85 32.03
C HIS A 580 -57.02 26.40 31.58
N LYS A 581 -57.53 25.56 32.48
CA LYS A 581 -57.84 24.18 32.15
C LYS A 581 -58.79 24.13 30.96
N GLY A 582 -58.34 23.50 29.88
CA GLY A 582 -59.01 23.59 28.61
C GLY A 582 -58.00 24.00 27.57
N VAL A 583 -56.88 24.55 28.03
CA VAL A 583 -55.73 24.84 27.19
C VAL A 583 -54.82 23.62 27.20
N ALA A 584 -54.48 23.12 26.01
CA ALA A 584 -53.66 21.93 25.90
C ALA A 584 -52.18 22.21 25.75
N GLU A 585 -51.81 23.30 25.07
CA GLU A 585 -50.42 23.56 24.78
C GLU A 585 -50.25 25.02 24.38
N THR A 586 -49.18 25.65 24.86
CA THR A 586 -48.88 27.03 24.51
C THR A 586 -47.40 27.18 24.19
N ALA A 587 -47.07 28.21 23.42
CA ALA A 587 -45.69 28.54 23.10
C ALA A 587 -45.63 30.03 22.78
N VAL A 588 -45.03 30.81 23.67
CA VAL A 588 -44.94 32.25 23.48
C VAL A 588 -43.58 32.59 22.88
N VAL A 589 -43.55 33.61 22.01
CA VAL A 589 -42.33 34.07 21.38
C VAL A 589 -42.21 35.57 21.60
N GLY A 590 -41.03 36.09 21.34
CA GLY A 590 -40.79 37.52 21.52
C GLY A 590 -40.38 38.27 20.27
N CYS A 591 -41.02 39.42 20.04
CA CYS A 591 -40.60 40.32 18.98
C CYS A 591 -40.30 41.68 19.58
N ALA A 592 -39.66 42.53 18.79
CA ALA A 592 -39.41 43.90 19.23
C ALA A 592 -40.74 44.66 19.32
N ASP A 593 -40.74 45.71 20.13
CA ASP A 593 -41.93 46.53 20.30
C ASP A 593 -41.48 47.95 20.57
N ASP A 594 -42.10 48.90 19.87
CA ASP A 594 -41.75 50.32 19.97
C ASP A 594 -42.26 50.97 21.24
N LEU A 595 -43.16 50.32 21.98
CA LEU A 595 -43.74 50.87 23.18
C LEU A 595 -43.26 50.20 24.46
N THR A 596 -43.10 48.88 24.45
CA THR A 596 -42.70 48.13 25.63
C THR A 596 -41.28 47.58 25.54
N GLY A 597 -40.55 47.93 24.49
CA GLY A 597 -39.23 47.40 24.26
C GLY A 597 -39.32 46.06 23.57
N GLN A 598 -39.99 45.11 24.23
CA GLN A 598 -40.29 43.82 23.64
C GLN A 598 -41.72 43.46 23.99
N ALA A 599 -42.33 42.65 23.13
CA ALA A 599 -43.71 42.22 23.31
C ALA A 599 -43.79 40.70 23.33
N VAL A 600 -44.69 40.18 24.16
CA VAL A 600 -44.94 38.74 24.25
C VAL A 600 -46.06 38.39 23.27
N TYR A 601 -45.77 37.46 22.35
CA TYR A 601 -46.76 36.90 21.44
C TYR A 601 -46.96 35.43 21.81
N ALA A 602 -48.21 35.02 21.97
CA ALA A 602 -48.53 33.70 22.49
C ALA A 602 -49.40 32.93 21.51
N PHE A 603 -49.02 31.67 21.26
CA PHE A 603 -49.81 30.72 20.49
C PHE A 603 -50.42 29.71 21.43
N VAL A 604 -51.74 29.56 21.38
CA VAL A 604 -52.48 28.71 22.30
C VAL A 604 -53.35 27.76 21.50
N THR A 605 -53.36 26.50 21.89
CA THR A 605 -54.27 25.50 21.33
C THR A 605 -55.05 24.87 22.47
N MET A 606 -56.36 24.76 22.29
CA MET A 606 -57.23 24.29 23.35
C MET A 606 -57.36 22.76 23.32
N LYS A 607 -57.73 22.20 24.47
CA LYS A 607 -57.89 20.76 24.57
C LYS A 607 -59.06 20.30 23.70
N PRO A 608 -58.99 19.06 23.17
CA PRO A 608 -60.09 18.59 22.31
C PRO A 608 -61.44 18.55 23.01
N GLU A 609 -61.45 18.21 24.31
CA GLU A 609 -62.69 18.14 25.08
C GLU A 609 -63.05 19.51 25.64
N PHE A 610 -63.14 20.48 24.73
CA PHE A 610 -63.48 21.85 25.09
C PHE A 610 -64.67 22.38 24.30
N ASP A 611 -64.78 22.04 23.02
CA ASP A 611 -65.88 22.46 22.15
C ASP A 611 -66.05 23.98 22.19
N LEU A 612 -65.03 24.66 21.69
CA LEU A 612 -64.94 26.12 21.76
C LEU A 612 -65.98 26.71 20.81
N LYS A 613 -67.22 26.77 21.29
CA LYS A 613 -68.33 27.31 20.50
C LYS A 613 -69.13 28.32 21.29
N ALA A 614 -69.15 28.17 22.62
CA ALA A 614 -69.85 29.14 23.46
C ALA A 614 -69.13 30.47 23.56
N THR A 615 -67.89 30.57 23.09
CA THR A 615 -67.12 31.80 23.16
C THR A 615 -66.51 32.09 21.80
N LYS A 616 -66.62 33.33 21.35
CA LYS A 616 -65.88 33.75 20.17
C LYS A 616 -64.39 33.71 20.47
N GLU A 617 -63.58 33.57 19.42
CA GLU A 617 -62.14 33.44 19.62
C GLU A 617 -61.55 34.69 20.26
N ALA A 618 -62.11 35.86 19.97
CA ALA A 618 -61.62 37.08 20.60
C ALA A 618 -61.95 37.13 22.08
N ASP A 619 -63.05 36.47 22.49
CA ASP A 619 -63.38 36.40 23.91
C ASP A 619 -62.32 35.63 24.69
N LEU A 620 -61.85 34.51 24.13
CA LEU A 620 -60.82 33.73 24.80
C LEU A 620 -59.49 34.45 24.84
N SER A 621 -59.17 35.23 23.80
CA SER A 621 -57.92 35.99 23.79
C SER A 621 -57.87 36.99 24.94
N LYS A 622 -58.96 37.74 25.15
CA LYS A 622 -59.01 38.65 26.29
C LYS A 622 -58.98 37.89 27.62
N GLU A 623 -59.67 36.75 27.68
CA GLU A 623 -59.69 35.96 28.92
C GLU A 623 -58.30 35.45 29.28
N LEU A 624 -57.57 34.93 28.29
CA LEU A 624 -56.24 34.39 28.57
C LEU A 624 -55.27 35.48 29.00
N ALA A 625 -55.33 36.63 28.34
CA ALA A 625 -54.43 37.74 28.70
C ALA A 625 -54.72 38.25 30.11
N ILE A 626 -56.00 38.37 30.47
CA ILE A 626 -56.35 38.81 31.82
C ILE A 626 -55.86 37.80 32.86
N GLN A 627 -55.94 36.51 32.53
CA GLN A 627 -55.45 35.49 33.45
C GLN A 627 -53.96 35.63 33.68
N VAL A 628 -53.19 35.83 32.60
CA VAL A 628 -51.75 36.06 32.76
C VAL A 628 -51.50 37.36 33.49
N ARG A 629 -52.30 38.38 33.21
CA ARG A 629 -52.22 39.63 33.97
C ARG A 629 -52.51 39.39 35.45
N LYS A 630 -53.52 38.57 35.75
CA LYS A 630 -53.88 38.32 37.13
C LYS A 630 -52.82 37.53 37.88
N VAL A 631 -52.04 36.69 37.17
CA VAL A 631 -51.13 35.78 37.85
C VAL A 631 -49.66 36.21 37.79
N ILE A 632 -49.28 37.07 36.85
CA ILE A 632 -47.88 37.49 36.76
C ILE A 632 -47.78 39.00 36.97
N GLY A 633 -48.84 39.74 36.62
CA GLY A 633 -48.84 41.17 36.81
C GLY A 633 -49.41 41.91 35.62
N PRO A 634 -49.61 43.22 35.76
CA PRO A 634 -50.25 44.02 34.69
C PRO A 634 -49.35 44.32 33.50
N PHE A 635 -48.22 43.63 33.41
CA PHE A 635 -47.22 43.81 32.37
C PHE A 635 -46.95 42.54 31.59
N ALA A 636 -47.40 41.39 32.07
CA ALA A 636 -47.11 40.10 31.46
C ALA A 636 -48.18 39.66 30.47
N ALA A 637 -49.22 40.45 30.27
CA ALA A 637 -50.25 40.07 29.31
C ALA A 637 -49.65 40.07 27.91
N PRO A 638 -49.84 39.00 27.13
CA PRO A 638 -49.31 38.98 25.77
C PRO A 638 -50.00 40.02 24.89
N LYS A 639 -49.22 40.58 23.95
CA LYS A 639 -49.76 41.57 23.02
C LYS A 639 -50.78 40.94 22.08
N LYS A 640 -50.45 39.78 21.51
CA LYS A 640 -51.38 39.01 20.71
C LYS A 640 -51.42 37.60 21.25
N ILE A 641 -52.63 37.04 21.36
CA ILE A 641 -52.82 35.64 21.72
C ILE A 641 -53.47 34.94 20.54
N TYR A 642 -52.69 34.11 19.84
CA TYR A 642 -53.15 33.43 18.64
C TYR A 642 -53.68 32.05 19.00
N LEU A 643 -54.97 31.82 18.74
CA LEU A 643 -55.54 30.49 18.89
C LEU A 643 -55.33 29.71 17.60
N VAL A 644 -54.70 28.55 17.69
CA VAL A 644 -54.37 27.73 16.54
C VAL A 644 -54.80 26.29 16.80
N SER A 645 -55.00 25.55 15.72
CA SER A 645 -55.44 24.16 15.84
C SER A 645 -54.39 23.31 16.55
N ASP A 646 -53.12 23.54 16.23
CA ASP A 646 -52.02 22.85 16.89
C ASP A 646 -50.75 23.66 16.70
N LEU A 647 -49.82 23.53 17.64
CA LEU A 647 -48.53 24.17 17.51
C LEU A 647 -47.68 23.43 16.48
N PRO A 648 -46.84 24.15 15.72
CA PRO A 648 -45.92 23.46 14.81
C PRO A 648 -44.90 22.63 15.57
N LYS A 649 -44.67 21.41 15.07
CA LYS A 649 -43.78 20.47 15.73
C LYS A 649 -43.05 19.65 14.67
N THR A 650 -41.91 19.10 15.06
CA THR A 650 -41.17 18.19 14.20
C THR A 650 -41.51 16.75 14.58
N ARG A 651 -41.01 15.81 13.78
CA ARG A 651 -41.29 14.41 14.04
C ARG A 651 -40.74 13.95 15.39
N SER A 652 -39.75 14.67 15.93
CA SER A 652 -39.20 14.38 17.25
C SER A 652 -39.99 15.04 18.37
N GLY A 653 -41.04 15.77 18.06
CA GLY A 653 -41.83 16.44 19.07
C GLY A 653 -41.36 17.84 19.43
N LYS A 654 -40.23 18.29 18.89
CA LYS A 654 -39.74 19.64 19.17
C LYS A 654 -40.71 20.67 18.61
N ILE A 655 -41.21 21.55 19.46
CA ILE A 655 -42.03 22.66 19.00
C ILE A 655 -41.12 23.66 18.29
N MET A 656 -41.44 23.99 17.03
CA MET A 656 -40.59 24.89 16.28
C MET A 656 -40.89 26.33 16.70
N ARG A 657 -40.30 26.71 17.83
CA ARG A 657 -40.43 28.08 18.31
C ARG A 657 -39.64 29.03 17.42
N ARG A 658 -38.53 28.56 16.84
CA ARG A 658 -37.76 29.40 15.93
C ARG A 658 -38.58 29.79 14.71
N VAL A 659 -39.41 28.87 14.19
CA VAL A 659 -40.33 29.20 13.11
C VAL A 659 -41.34 30.24 13.59
N LEU A 660 -41.92 30.01 14.77
CA LEU A 660 -42.93 30.92 15.30
C LEU A 660 -42.37 32.32 15.48
N ARG A 661 -41.13 32.43 15.98
CA ARG A 661 -40.49 33.73 16.11
C ARG A 661 -40.39 34.44 14.75
N LYS A 662 -39.94 33.71 13.72
CA LYS A 662 -39.82 34.31 12.40
C LYS A 662 -41.18 34.71 11.83
N ILE A 663 -42.22 33.88 12.06
CA ILE A 663 -43.54 34.18 11.52
C ILE A 663 -44.09 35.48 12.11
N VAL A 664 -43.96 35.67 13.43
CA VAL A 664 -44.44 36.88 14.07
C VAL A 664 -43.67 38.11 13.58
N ALA A 665 -42.42 37.94 13.14
CA ALA A 665 -41.60 39.04 12.70
C ALA A 665 -41.68 39.29 11.19
N GLY A 666 -42.70 38.75 10.52
CA GLY A 666 -42.89 38.94 9.09
C GLY A 666 -41.83 38.31 8.22
N GLU A 667 -41.41 37.09 8.54
CA GLU A 667 -40.45 36.35 7.73
C GLU A 667 -41.03 35.02 7.26
N GLY A 668 -42.35 34.89 7.21
CA GLY A 668 -42.97 33.72 6.63
C GLY A 668 -42.62 33.50 5.17
N ASP A 669 -42.18 34.57 4.48
CA ASP A 669 -41.72 34.42 3.10
C ASP A 669 -40.35 33.77 3.01
N GLN A 670 -39.55 33.81 4.08
CA GLN A 670 -38.23 33.17 4.07
C GLN A 670 -38.26 31.76 4.67
N LEU A 671 -38.60 31.66 5.96
CA LEU A 671 -38.61 30.40 6.72
C LEU A 671 -37.66 29.31 6.19
N SER A 676 -38.72 18.55 8.50
CA SER A 676 -38.92 17.84 9.75
C SER A 676 -40.35 18.00 10.28
N ILE A 677 -41.11 18.88 9.62
CA ILE A 677 -42.46 19.22 10.07
C ILE A 677 -43.37 18.01 9.94
N ALA A 678 -44.16 17.74 10.99
CA ALA A 678 -45.11 16.64 10.98
C ALA A 678 -46.41 16.98 10.25
N ASP A 679 -46.74 18.26 10.12
CA ASP A 679 -47.96 18.71 9.46
C ASP A 679 -47.70 20.07 8.85
N PRO A 680 -47.31 20.13 7.58
CA PRO A 680 -46.95 21.42 6.96
C PRO A 680 -48.11 22.39 6.84
N GLN A 681 -49.36 21.96 7.06
CA GLN A 681 -50.49 22.87 7.00
C GLN A 681 -50.62 23.69 8.28
N ILE A 682 -50.00 23.25 9.38
CA ILE A 682 -50.03 24.03 10.60
C ILE A 682 -49.26 25.34 10.41
N VAL A 683 -48.16 25.30 9.66
CA VAL A 683 -47.37 26.51 9.42
C VAL A 683 -48.18 27.54 8.66
N GLU A 684 -48.89 27.10 7.60
CA GLU A 684 -49.73 28.03 6.84
C GLU A 684 -50.86 28.58 7.70
N GLU A 685 -51.49 27.73 8.51
CA GLU A 685 -52.51 28.20 9.43
C GLU A 685 -51.95 29.26 10.36
N VAL A 686 -50.73 29.06 10.85
CA VAL A 686 -50.11 30.05 11.71
C VAL A 686 -49.83 31.35 10.96
N LYS A 687 -49.33 31.24 9.72
CA LYS A 687 -49.09 32.45 8.92
C LYS A 687 -50.38 33.25 8.73
N GLN A 688 -51.50 32.58 8.46
CA GLN A 688 -52.76 33.27 8.26
C GLN A 688 -53.20 34.01 9.53
N LYS A 689 -53.13 33.34 10.69
CA LYS A 689 -53.56 33.96 11.93
C LYS A 689 -52.68 35.16 12.31
N VAL A 690 -51.43 35.17 11.87
CA VAL A 690 -50.54 36.28 12.17
C VAL A 690 -50.66 37.40 11.14
N THR A 691 -50.71 37.06 9.86
CA THR A 691 -50.82 38.07 8.81
C THR A 691 -52.20 38.72 8.76
N ASP B 39 34.10 -34.54 37.00
CA ASP B 39 33.38 -34.87 35.77
C ASP B 39 32.91 -33.60 35.08
N LEU B 40 33.67 -32.52 35.22
CA LEU B 40 33.36 -31.22 34.64
C LEU B 40 34.36 -30.95 33.53
N PHE B 41 33.84 -30.67 32.33
CA PHE B 41 34.66 -30.43 31.14
C PHE B 41 34.70 -28.93 30.84
N ALA B 42 35.81 -28.29 31.19
CA ALA B 42 35.99 -26.86 30.97
C ALA B 42 36.22 -26.57 29.48
N PRO B 43 36.00 -25.34 29.04
CA PRO B 43 36.26 -25.00 27.63
C PRO B 43 37.67 -25.36 27.22
N PRO B 44 37.83 -26.14 26.15
CA PRO B 44 39.16 -26.63 25.74
C PRO B 44 39.93 -25.53 25.02
N PRO B 45 41.21 -25.77 24.69
CA PRO B 45 42.02 -24.68 24.08
C PRO B 45 41.43 -24.11 22.81
N ARG B 46 40.78 -24.93 21.97
CA ARG B 46 40.15 -24.41 20.77
C ARG B 46 39.04 -23.40 21.08
N MET B 47 38.46 -23.47 22.27
CA MET B 47 37.44 -22.53 22.72
C MET B 47 37.96 -21.48 23.69
N GLN B 48 39.28 -21.30 23.75
CA GLN B 48 39.90 -20.28 24.59
C GLN B 48 40.61 -19.20 23.79
N GLY B 49 40.42 -19.16 22.48
CA GLY B 49 41.20 -18.26 21.66
C GLY B 49 42.61 -18.74 21.38
N LYS B 50 42.95 -19.96 21.78
CA LYS B 50 44.26 -20.53 21.54
C LYS B 50 44.29 -21.24 20.19
N GLU B 51 45.50 -21.61 19.77
CA GLU B 51 45.74 -22.32 18.51
C GLU B 51 45.17 -21.56 17.30
N GLY B 52 45.15 -20.23 17.39
CA GLY B 52 44.69 -19.39 16.29
C GLY B 52 43.19 -19.26 16.12
N ARG B 53 42.39 -19.90 16.97
CA ARG B 53 40.95 -19.81 16.84
C ARG B 53 40.45 -18.45 17.30
N PRO B 54 39.28 -18.01 16.80
CA PRO B 54 38.71 -16.75 17.26
C PRO B 54 38.39 -16.79 18.75
N LYS B 55 38.58 -15.65 19.42
CA LYS B 55 38.22 -15.55 20.83
C LYS B 55 36.71 -15.62 20.99
N PRO B 56 36.19 -16.40 21.93
CA PRO B 56 34.74 -16.61 22.02
C PRO B 56 33.98 -15.35 22.42
N HIS B 57 32.71 -15.30 22.00
CA HIS B 57 31.87 -14.14 22.27
C HIS B 57 31.60 -13.98 23.76
N ILE B 58 31.41 -15.08 24.47
CA ILE B 58 31.20 -15.06 25.92
C ILE B 58 32.23 -15.97 26.56
N GLY B 59 32.95 -15.44 27.54
CA GLY B 59 33.96 -16.20 28.25
C GLY B 59 34.71 -15.36 29.27
N PRO B 60 35.63 -15.99 30.00
CA PRO B 60 36.05 -17.39 29.93
C PRO B 60 35.36 -18.28 30.96
N ASN B 61 34.60 -17.72 31.90
CA ASN B 61 34.08 -18.49 33.03
C ASN B 61 32.56 -18.35 33.11
N TYR B 62 31.99 -19.02 34.11
CA TYR B 62 30.55 -18.94 34.34
C TYR B 62 30.12 -17.51 34.65
N GLU B 63 30.94 -16.77 35.40
CA GLU B 63 30.60 -15.39 35.74
C GLU B 63 30.36 -14.53 34.52
N SER B 64 31.10 -14.80 33.42
CA SER B 64 30.90 -14.03 32.20
C SER B 64 29.56 -14.34 31.55
N TYR B 65 29.10 -15.60 31.64
CA TYR B 65 27.79 -15.93 31.10
C TYR B 65 26.68 -15.29 31.91
N VAL B 66 26.77 -15.37 33.25
CA VAL B 66 25.73 -14.82 34.11
C VAL B 66 25.62 -13.31 33.91
N LYS B 67 26.75 -12.61 33.80
CA LYS B 67 26.72 -11.15 33.69
C LYS B 67 25.92 -10.69 32.47
N GLU B 68 26.13 -11.34 31.33
CA GLU B 68 25.36 -11.00 30.14
C GLU B 68 23.94 -11.54 30.21
N TRP B 69 23.77 -12.76 30.74
CA TRP B 69 22.44 -13.38 30.80
C TRP B 69 21.49 -12.56 31.66
N ALA B 70 21.98 -12.01 32.77
CA ALA B 70 21.12 -11.20 33.63
C ALA B 70 20.60 -9.98 32.89
N LYS B 71 21.34 -9.50 31.89
CA LYS B 71 20.88 -8.39 31.07
C LYS B 71 19.67 -8.75 30.22
N THR B 72 19.47 -10.04 29.93
CA THR B 72 18.44 -10.48 28.99
C THR B 72 17.13 -10.88 29.64
N VAL B 73 17.05 -10.93 30.97
CA VAL B 73 15.82 -11.33 31.63
C VAL B 73 15.48 -10.35 32.75
N GLY B 74 14.18 -10.28 33.05
CA GLY B 74 13.67 -9.52 34.16
C GLY B 74 13.28 -8.09 33.83
N PRO B 75 13.51 -7.17 34.77
CA PRO B 75 12.84 -5.86 34.74
C PRO B 75 13.35 -4.89 33.69
N ASN B 76 14.68 -4.80 33.53
CA ASN B 76 15.30 -3.81 32.66
C ASN B 76 15.97 -4.45 31.44
N SER B 77 15.45 -5.60 30.99
CA SER B 77 16.01 -6.31 29.85
C SER B 77 15.63 -5.71 28.50
N ASP B 78 14.63 -4.82 28.47
CA ASP B 78 14.17 -4.26 27.19
C ASP B 78 15.29 -3.54 26.44
N GLU B 79 16.15 -2.82 27.17
CA GLU B 79 17.26 -2.12 26.53
C GLU B 79 18.20 -3.11 25.84
N TRP B 80 18.52 -4.22 26.50
CA TRP B 80 19.41 -5.20 25.91
C TRP B 80 18.81 -5.79 24.65
N TRP B 81 17.54 -6.15 24.69
CA TRP B 81 16.91 -6.77 23.52
C TRP B 81 16.72 -5.76 22.39
N ALA B 82 16.37 -4.51 22.73
CA ALA B 82 16.29 -3.50 21.69
C ALA B 82 17.63 -3.30 21.01
N ALA B 83 18.72 -3.28 21.80
CA ALA B 83 20.05 -3.12 21.22
C ALA B 83 20.38 -4.31 20.31
N LYS B 84 20.12 -5.52 20.79
CA LYS B 84 20.42 -6.71 20.00
C LYS B 84 19.59 -6.77 18.72
N ALA B 85 18.30 -6.42 18.81
CA ALA B 85 17.45 -6.44 17.62
C ALA B 85 17.97 -5.49 16.55
N ARG B 86 18.40 -4.30 16.96
CA ARG B 86 18.87 -3.34 15.98
C ARG B 86 20.26 -3.70 15.44
N GLU B 87 21.10 -4.32 16.26
CA GLU B 87 22.42 -4.72 15.79
C GLU B 87 22.36 -5.94 14.87
N THR B 88 21.50 -6.91 15.21
CA THR B 88 21.52 -8.19 14.52
C THR B 88 20.84 -8.14 13.16
N LEU B 89 19.74 -7.41 13.04
CA LEU B 89 18.87 -7.49 11.87
C LEU B 89 18.80 -6.15 11.14
N ASP B 90 18.53 -6.21 9.85
CA ASP B 90 18.28 -5.01 9.04
C ASP B 90 16.78 -4.77 8.95
N TRP B 91 16.35 -3.60 9.42
CA TRP B 91 14.94 -3.23 9.45
C TRP B 91 14.67 -2.19 8.39
N TYR B 92 13.56 -2.35 7.68
CA TYR B 92 13.09 -1.27 6.82
C TYR B 92 12.48 -0.15 7.65
N ASP B 93 11.68 -0.50 8.66
CA ASP B 93 11.09 0.46 9.58
C ASP B 93 11.44 0.05 11.00
N ASP B 94 11.83 1.03 11.81
CA ASP B 94 12.21 0.78 13.19
C ASP B 94 10.99 0.42 14.04
N PHE B 95 11.24 -0.28 15.13
CA PHE B 95 10.22 -0.57 16.11
C PHE B 95 10.27 0.45 17.23
N LYS B 96 9.15 0.58 17.94
CA LYS B 96 9.03 1.45 19.10
C LYS B 96 8.95 0.66 20.40
N THR B 97 8.01 -0.29 20.47
CA THR B 97 7.85 -1.18 21.61
C THR B 97 8.75 -2.40 21.46
N VAL B 98 9.36 -2.83 22.57
CA VAL B 98 10.19 -4.04 22.52
C VAL B 98 9.33 -5.29 22.67
N ARG B 99 8.52 -5.36 23.72
CA ARG B 99 7.74 -6.55 23.99
C ARG B 99 6.39 -6.19 24.59
N ALA B 100 5.42 -7.07 24.37
CA ALA B 100 4.09 -6.98 24.97
C ALA B 100 3.45 -8.35 24.89
N GLY B 101 2.27 -8.47 25.51
CA GLY B 101 1.56 -9.72 25.50
C GLY B 101 2.09 -10.70 26.53
N GLY B 102 1.60 -11.92 26.44
CA GLY B 102 2.00 -12.93 27.40
C GLY B 102 1.31 -14.25 27.13
N PHE B 103 1.51 -15.17 28.08
CA PHE B 103 1.02 -16.53 27.93
C PHE B 103 -0.49 -16.63 28.02
N GLU B 104 -1.13 -15.76 28.83
CA GLU B 104 -2.51 -15.99 29.21
C GLU B 104 -3.44 -16.09 28.00
N HIS B 105 -3.31 -15.17 27.04
CA HIS B 105 -4.17 -15.20 25.86
C HIS B 105 -3.41 -15.48 24.57
N GLY B 106 -2.10 -15.70 24.63
CA GLY B 106 -1.35 -15.94 23.43
C GLY B 106 -1.33 -14.74 22.51
N ASP B 107 -0.99 -13.56 23.07
CA ASP B 107 -0.85 -12.32 22.31
C ASP B 107 0.58 -11.81 22.38
N VAL B 108 1.54 -12.74 22.28
CA VAL B 108 2.94 -12.37 22.42
C VAL B 108 3.35 -11.46 21.28
N GLN B 109 4.05 -10.37 21.63
CA GLN B 109 4.52 -9.40 20.67
C GLN B 109 5.97 -9.02 20.97
N TRP B 110 6.78 -8.95 19.93
CA TRP B 110 8.15 -8.47 20.01
C TRP B 110 8.38 -7.49 18.87
N PHE B 111 8.91 -6.32 19.19
CA PHE B 111 9.22 -5.28 18.19
C PHE B 111 8.05 -5.05 17.23
N PRO B 112 6.82 -4.91 17.74
CA PRO B 112 5.66 -4.99 16.83
C PRO B 112 5.62 -3.94 15.75
N GLU B 113 6.08 -2.72 16.01
CA GLU B 113 5.95 -1.67 15.00
C GLU B 113 6.99 -1.78 13.89
N GLY B 114 8.03 -2.61 14.06
CA GLY B 114 9.08 -2.68 13.06
C GLY B 114 8.70 -3.52 11.87
N THR B 115 9.37 -3.25 10.74
CA THR B 115 9.20 -4.05 9.55
C THR B 115 10.56 -4.47 9.02
N LEU B 116 10.60 -5.66 8.41
CA LEU B 116 11.83 -6.29 7.95
C LEU B 116 11.44 -7.42 7.00
N ASN B 117 12.45 -8.12 6.50
CA ASN B 117 12.21 -9.25 5.63
C ASN B 117 13.22 -10.36 5.93
N ALA B 118 12.73 -11.59 6.07
CA ALA B 118 13.63 -12.70 6.38
C ALA B 118 14.60 -12.94 5.24
N ALA B 119 14.11 -12.90 4.00
CA ALA B 119 14.97 -13.14 2.85
C ALA B 119 16.04 -12.06 2.71
N TYR B 120 15.71 -10.81 3.03
CA TYR B 120 16.70 -9.75 2.96
C TYR B 120 17.83 -10.00 3.95
N ASN B 121 17.50 -10.35 5.20
CA ASN B 121 18.52 -10.54 6.23
C ASN B 121 19.33 -11.82 6.03
N CYS B 122 18.78 -12.81 5.34
CA CYS B 122 19.48 -14.07 5.10
C CYS B 122 20.22 -14.09 3.77
N LEU B 123 19.76 -13.35 2.76
CA LEU B 123 20.43 -13.33 1.46
C LEU B 123 20.97 -11.97 1.08
N ASP B 124 20.11 -10.96 0.96
CA ASP B 124 20.48 -9.73 0.25
C ASP B 124 21.63 -9.01 0.92
N ARG B 125 21.50 -8.75 2.23
CA ARG B 125 22.47 -7.89 2.90
C ARG B 125 23.86 -8.51 2.88
N HIS B 126 23.95 -9.83 2.88
CA HIS B 126 25.24 -10.49 2.78
C HIS B 126 25.76 -10.47 1.34
N TYR B 127 24.86 -10.72 0.38
CA TYR B 127 25.23 -10.63 -1.03
C TYR B 127 25.78 -9.26 -1.39
N TYR B 128 25.19 -8.19 -0.82
CA TYR B 128 25.70 -6.85 -1.10
C TYR B 128 27.10 -6.64 -0.55
N LYS B 129 27.47 -7.36 0.51
CA LYS B 129 28.77 -7.20 1.13
C LYS B 129 29.83 -8.12 0.54
N ASN B 130 29.49 -9.38 0.29
CA ASN B 130 30.43 -10.35 -0.28
C ASN B 130 29.67 -11.38 -1.09
N PRO B 131 29.37 -11.07 -2.36
CA PRO B 131 28.55 -11.97 -3.17
C PRO B 131 29.16 -13.35 -3.39
N LYS B 132 30.48 -13.47 -3.44
CA LYS B 132 31.10 -14.75 -3.73
C LYS B 132 31.28 -15.65 -2.50
N LYS B 133 30.95 -15.16 -1.31
CA LYS B 133 31.07 -15.99 -0.12
C LYS B 133 30.13 -17.19 -0.20
N THR B 134 30.63 -18.35 0.21
CA THR B 134 29.80 -19.56 0.20
C THR B 134 28.68 -19.42 1.22
N ALA B 135 27.44 -19.57 0.75
CA ALA B 135 26.29 -19.60 1.66
C ALA B 135 25.96 -21.02 2.09
N ILE B 136 25.88 -21.94 1.14
CA ILE B 136 25.54 -23.34 1.40
C ILE B 136 26.66 -24.23 0.87
N ILE B 137 27.17 -25.09 1.74
CA ILE B 137 27.97 -26.24 1.31
C ILE B 137 26.98 -27.36 1.02
N TYR B 138 26.74 -27.64 -0.25
CA TYR B 138 25.79 -28.67 -0.63
C TYR B 138 26.52 -30.01 -0.69
N GLU B 139 26.39 -30.81 0.37
CA GLU B 139 26.92 -32.18 0.37
C GLU B 139 25.85 -33.09 -0.22
N ALA B 140 26.02 -33.45 -1.49
CA ALA B 140 25.08 -34.33 -2.17
C ALA B 140 25.17 -35.75 -1.60
N ASP B 141 24.16 -36.56 -1.94
CA ASP B 141 24.15 -37.95 -1.49
C ASP B 141 25.39 -38.68 -1.98
N GLU B 142 25.72 -38.53 -3.25
CA GLU B 142 27.01 -38.97 -3.75
C GLU B 142 28.05 -37.91 -3.41
N PRO B 143 29.12 -38.26 -2.69
CA PRO B 143 30.07 -37.22 -2.24
C PRO B 143 30.67 -36.40 -3.37
N SER B 144 30.90 -37.00 -4.53
CA SER B 144 31.53 -36.31 -5.65
C SER B 144 30.62 -35.25 -6.28
N GLU B 145 29.30 -35.35 -6.10
CA GLU B 145 28.38 -34.35 -6.63
C GLU B 145 28.23 -33.14 -5.73
N SER B 146 28.96 -33.08 -4.62
CA SER B 146 28.88 -31.95 -3.70
C SER B 146 29.53 -30.70 -4.30
N ARG B 147 29.03 -29.54 -3.89
CA ARG B 147 29.57 -28.28 -4.38
C ARG B 147 29.16 -27.15 -3.44
N GLU B 148 29.83 -26.00 -3.61
CA GLU B 148 29.53 -24.79 -2.86
C GLU B 148 28.59 -23.89 -3.65
N VAL B 149 27.59 -23.34 -2.96
CA VAL B 149 26.63 -22.40 -3.52
C VAL B 149 26.88 -21.04 -2.88
N SER B 150 27.17 -20.03 -3.70
CA SER B 150 27.48 -18.71 -3.18
C SER B 150 26.20 -17.97 -2.77
N TYR B 151 26.38 -16.88 -2.03
CA TYR B 151 25.25 -16.01 -1.73
C TYR B 151 24.66 -15.41 -2.98
N GLU B 152 25.50 -15.12 -3.98
CA GLU B 152 24.97 -14.66 -5.25
C GLU B 152 24.08 -15.72 -5.89
N GLU B 153 24.52 -16.98 -5.89
CA GLU B 153 23.71 -18.01 -6.52
C GLU B 153 22.44 -18.29 -5.72
N LEU B 154 22.55 -18.41 -4.40
CA LEU B 154 21.38 -18.69 -3.59
C LEU B 154 20.35 -17.56 -3.72
N MET B 155 20.80 -16.31 -3.71
CA MET B 155 19.87 -15.19 -3.83
C MET B 155 19.18 -15.19 -5.18
N GLN B 156 19.97 -15.37 -6.26
CA GLN B 156 19.37 -15.35 -7.60
C GLN B 156 18.33 -16.44 -7.74
N GLU B 157 18.62 -17.65 -7.25
CA GLU B 157 17.66 -18.73 -7.33
C GLU B 157 16.44 -18.45 -6.47
N THR B 158 16.64 -17.86 -5.29
CA THR B 158 15.50 -17.49 -4.45
C THR B 158 14.61 -16.47 -5.15
N CYS B 159 15.22 -15.45 -5.76
CA CYS B 159 14.42 -14.42 -6.42
C CYS B 159 13.62 -15.02 -7.59
N ARG B 160 14.23 -15.94 -8.35
CA ARG B 160 13.52 -16.56 -9.47
C ARG B 160 12.29 -17.32 -8.99
N VAL B 161 12.43 -18.12 -7.93
CA VAL B 161 11.30 -18.87 -7.43
C VAL B 161 10.22 -17.93 -6.93
N ALA B 162 10.61 -16.90 -6.17
CA ALA B 162 9.64 -15.93 -5.68
C ALA B 162 8.85 -15.32 -6.84
N ASN B 163 9.55 -14.98 -7.92
CA ASN B 163 8.89 -14.44 -9.11
C ASN B 163 7.93 -15.46 -9.70
N VAL B 164 8.32 -16.73 -9.72
CA VAL B 164 7.39 -17.77 -10.17
C VAL B 164 6.16 -17.77 -9.27
N LEU B 165 6.37 -17.73 -7.95
CA LEU B 165 5.25 -17.77 -7.01
C LEU B 165 4.33 -16.58 -7.21
N LYS B 166 4.90 -15.39 -7.38
CA LYS B 166 4.08 -14.21 -7.65
C LYS B 166 3.31 -14.37 -8.95
N SER B 167 3.96 -14.95 -9.97
CA SER B 167 3.26 -15.20 -11.23
C SER B 167 2.14 -16.21 -11.06
N TYR B 168 2.25 -17.11 -10.08
CA TYR B 168 1.15 -18.02 -9.79
C TYR B 168 0.01 -17.32 -9.04
N GLY B 169 0.20 -16.08 -8.63
CA GLY B 169 -0.80 -15.36 -7.86
C GLY B 169 -0.62 -15.42 -6.36
N VAL B 170 0.47 -16.02 -5.88
CA VAL B 170 0.70 -16.13 -4.45
C VAL B 170 0.91 -14.74 -3.86
N LYS B 171 0.16 -14.45 -2.81
CA LYS B 171 0.20 -13.15 -2.15
C LYS B 171 0.74 -13.28 -0.74
N LYS B 172 1.06 -12.13 -0.15
CA LYS B 172 1.44 -12.07 1.26
C LYS B 172 0.36 -12.69 2.13
N GLY B 173 0.77 -13.55 3.06
CA GLY B 173 -0.16 -14.23 3.93
C GLY B 173 -0.64 -15.57 3.42
N ASP B 174 -0.31 -15.93 2.18
CA ASP B 174 -0.73 -17.20 1.62
C ASP B 174 0.18 -18.33 2.08
N ALA B 175 -0.43 -19.49 2.35
CA ALA B 175 0.35 -20.68 2.71
C ALA B 175 0.85 -21.37 1.46
N VAL B 176 2.11 -21.79 1.50
CA VAL B 176 2.72 -22.58 0.43
C VAL B 176 3.34 -23.81 1.07
N SER B 177 2.90 -24.99 0.63
CA SER B 177 3.46 -26.24 1.14
C SER B 177 4.73 -26.59 0.38
N ILE B 178 5.73 -27.06 1.11
CA ILE B 178 7.02 -27.47 0.54
C ILE B 178 7.27 -28.92 0.91
N TYR B 179 7.55 -29.75 -0.10
CA TYR B 179 7.82 -31.18 0.07
C TYR B 179 9.15 -31.47 -0.63
N LEU B 180 10.26 -31.23 0.08
CA LEU B 180 11.57 -31.26 -0.54
C LEU B 180 12.54 -32.10 0.28
N PRO B 181 13.39 -32.88 -0.38
CA PRO B 181 14.48 -33.56 0.32
C PRO B 181 15.62 -32.57 0.55
N MET B 182 16.70 -33.06 1.16
CA MET B 182 17.79 -32.20 1.58
C MET B 182 18.72 -31.84 0.41
N THR B 183 18.16 -31.14 -0.57
CA THR B 183 18.93 -30.50 -1.63
C THR B 183 18.93 -29.00 -1.41
N TRP B 184 19.98 -28.32 -1.89
CA TRP B 184 20.23 -26.94 -1.47
C TRP B 184 19.11 -25.98 -1.87
N GLN B 185 18.37 -26.29 -2.93
CA GLN B 185 17.28 -25.42 -3.34
C GLN B 185 16.18 -25.33 -2.30
N ALA B 186 16.19 -26.22 -1.30
CA ALA B 186 15.21 -26.12 -0.22
C ALA B 186 15.33 -24.79 0.51
N ALA B 187 16.58 -24.32 0.73
CA ALA B 187 16.75 -22.99 1.28
C ALA B 187 16.16 -21.93 0.35
N ALA B 188 16.39 -22.07 -0.96
CA ALA B 188 15.82 -21.13 -1.92
C ALA B 188 14.29 -21.16 -1.89
N ALA B 189 13.70 -22.34 -1.70
CA ALA B 189 12.25 -22.43 -1.61
C ALA B 189 11.74 -21.74 -0.35
N PHE B 190 12.37 -22.02 0.80
CA PHE B 190 11.95 -21.37 2.05
C PHE B 190 12.04 -19.86 1.93
N LEU B 191 13.21 -19.35 1.56
CA LEU B 191 13.42 -17.91 1.56
C LEU B 191 12.60 -17.21 0.47
N ALA B 192 12.25 -17.92 -0.61
CA ALA B 192 11.39 -17.32 -1.62
C ALA B 192 10.03 -16.98 -1.04
N CYS B 193 9.47 -17.89 -0.24
CA CYS B 193 8.19 -17.61 0.42
C CYS B 193 8.33 -16.43 1.38
N ALA B 194 9.40 -16.42 2.18
CA ALA B 194 9.63 -15.31 3.10
C ALA B 194 9.84 -14.00 2.37
N ARG B 195 10.41 -14.06 1.15
CA ARG B 195 10.68 -12.84 0.40
C ARG B 195 9.39 -12.12 0.03
N ILE B 196 8.37 -12.86 -0.39
CA ILE B 196 7.11 -12.27 -0.82
C ILE B 196 6.07 -12.24 0.29
N GLY B 197 6.44 -12.63 1.51
CA GLY B 197 5.48 -12.63 2.58
C GLY B 197 4.58 -13.83 2.63
N ALA B 198 4.82 -14.84 1.80
CA ALA B 198 4.07 -16.07 1.90
C ALA B 198 4.53 -16.86 3.11
N ILE B 199 3.68 -17.78 3.55
CA ILE B 199 3.93 -18.60 4.73
C ILE B 199 4.25 -20.00 4.22
N HIS B 200 5.53 -20.38 4.24
CA HIS B 200 5.91 -21.70 3.78
C HIS B 200 5.61 -22.73 4.85
N SER B 201 5.17 -23.91 4.41
CA SER B 201 4.90 -25.05 5.30
C SER B 201 5.67 -26.28 4.80
N ALA B 202 6.80 -26.57 5.43
CA ALA B 202 7.64 -27.68 4.99
C ALA B 202 7.10 -29.00 5.52
N VAL B 203 7.10 -30.00 4.65
CA VAL B 203 6.73 -31.37 4.99
C VAL B 203 7.93 -32.27 4.71
N PHE B 204 8.36 -33.01 5.72
CA PHE B 204 9.53 -33.87 5.61
C PHE B 204 9.40 -34.82 4.43
N ALA B 205 10.37 -34.77 3.53
CA ALA B 205 10.36 -35.62 2.35
C ALA B 205 10.56 -37.06 2.79
N GLY B 206 9.49 -37.85 2.68
CA GLY B 206 9.50 -39.21 3.20
C GLY B 206 8.23 -39.52 3.96
N PHE B 207 7.49 -38.48 4.34
CA PHE B 207 6.15 -38.69 4.88
C PHE B 207 5.27 -39.37 3.84
N SER B 208 4.35 -40.21 4.32
CA SER B 208 3.43 -40.90 3.44
C SER B 208 2.55 -39.89 2.70
N ALA B 209 1.86 -40.38 1.66
CA ALA B 209 0.97 -39.52 0.90
C ALA B 209 -0.15 -38.99 1.78
N GLU B 210 -0.65 -39.84 2.70
CA GLU B 210 -1.68 -39.37 3.62
C GLU B 210 -1.14 -38.29 4.56
N SER B 211 0.09 -38.47 5.05
CA SER B 211 0.70 -37.43 5.90
C SER B 211 0.90 -36.15 5.13
N LEU B 212 1.38 -36.24 3.89
CA LEU B 212 1.49 -35.06 3.05
C LEU B 212 0.13 -34.47 2.76
N ARG B 213 -0.87 -35.32 2.53
CA ARG B 213 -2.23 -34.86 2.23
C ARG B 213 -2.81 -34.08 3.40
N ASP B 214 -2.64 -34.59 4.63
CA ASP B 214 -3.26 -33.94 5.79
C ASP B 214 -2.71 -32.54 5.99
N ARG B 215 -1.37 -32.39 5.87
CA ARG B 215 -0.76 -31.08 6.06
C ARG B 215 -1.10 -30.11 4.94
N VAL B 216 -1.12 -30.59 3.70
CA VAL B 216 -1.45 -29.73 2.57
C VAL B 216 -2.88 -29.22 2.68
N ASN B 217 -3.80 -30.09 3.07
CA ASN B 217 -5.19 -29.69 3.22
C ASN B 217 -5.37 -28.75 4.42
N ASP B 218 -4.62 -28.97 5.49
CA ASP B 218 -4.81 -28.17 6.70
C ASP B 218 -4.43 -26.71 6.50
N CYS B 219 -3.33 -26.45 5.80
CA CYS B 219 -2.91 -25.07 5.59
C CYS B 219 -3.62 -24.41 4.40
N GLU B 220 -4.42 -25.16 3.65
CA GLU B 220 -5.23 -24.61 2.56
C GLU B 220 -4.38 -23.93 1.49
N CYS B 221 -3.14 -24.39 1.30
CA CYS B 221 -2.28 -23.84 0.27
C CYS B 221 -2.81 -24.18 -1.12
N LYS B 222 -2.53 -23.29 -2.08
CA LYS B 222 -2.88 -23.54 -3.47
C LYS B 222 -1.66 -23.81 -4.35
N VAL B 223 -0.44 -23.70 -3.81
CA VAL B 223 0.79 -23.96 -4.54
C VAL B 223 1.66 -24.88 -3.71
N LEU B 224 2.16 -25.95 -4.33
CA LEU B 224 3.05 -26.91 -3.70
C LEU B 224 4.37 -26.93 -4.46
N ILE B 225 5.47 -26.85 -3.72
CA ILE B 225 6.82 -26.95 -4.28
C ILE B 225 7.37 -28.31 -3.88
N THR B 226 7.79 -29.10 -4.86
CA THR B 226 8.29 -30.43 -4.57
C THR B 226 9.35 -30.80 -5.61
N THR B 227 9.86 -32.02 -5.50
CA THR B 227 10.90 -32.49 -6.40
C THR B 227 10.43 -33.73 -7.15
N ASP B 228 11.06 -33.99 -8.29
CA ASP B 228 10.72 -35.19 -9.05
C ASP B 228 11.10 -36.45 -8.26
N GLU B 229 12.33 -36.50 -7.74
CA GLU B 229 12.79 -37.58 -6.91
C GLU B 229 13.79 -37.03 -5.90
N GLY B 230 13.87 -37.67 -4.74
CA GLY B 230 14.89 -37.38 -3.77
C GLY B 230 15.91 -38.51 -3.75
N ARG B 231 17.10 -38.27 -3.18
CA ARG B 231 18.11 -39.30 -3.05
C ARG B 231 18.66 -39.24 -1.63
N ARG B 232 18.74 -40.39 -0.97
CA ARG B 232 19.36 -40.44 0.35
C ARG B 232 19.95 -41.83 0.54
N GLY B 233 21.24 -41.90 0.82
CA GLY B 233 21.87 -43.18 1.09
C GLY B 233 21.80 -44.18 -0.05
N GLY B 234 21.86 -43.71 -1.29
CA GLY B 234 21.78 -44.62 -2.41
C GLY B 234 20.38 -45.05 -2.75
N LYS B 235 19.38 -44.60 -2.01
CA LYS B 235 17.98 -44.91 -2.28
C LYS B 235 17.29 -43.72 -2.91
N THR B 236 16.29 -44.00 -3.72
CA THR B 236 15.52 -42.98 -4.43
C THR B 236 14.19 -42.76 -3.73
N ILE B 237 13.88 -41.52 -3.43
CA ILE B 237 12.60 -41.14 -2.83
C ILE B 237 11.65 -40.77 -3.96
N ALA B 238 10.56 -41.51 -4.09
CA ALA B 238 9.60 -41.28 -5.17
C ALA B 238 8.65 -40.13 -4.79
N THR B 239 9.26 -38.95 -4.60
CA THR B 239 8.53 -37.81 -4.06
C THR B 239 7.36 -37.42 -4.95
N LYS B 240 7.59 -37.28 -6.26
CA LYS B 240 6.52 -36.90 -7.16
C LYS B 240 5.43 -37.96 -7.21
N GLN B 241 5.82 -39.24 -7.12
CA GLN B 241 4.84 -40.31 -7.06
C GLN B 241 3.96 -40.18 -5.82
N ILE B 242 4.57 -39.90 -4.67
CA ILE B 242 3.81 -39.69 -3.44
C ILE B 242 2.95 -38.44 -3.57
N VAL B 243 3.50 -37.38 -4.16
CA VAL B 243 2.77 -36.12 -4.30
C VAL B 243 1.51 -36.32 -5.12
N ASP B 244 1.62 -37.06 -6.23
CA ASP B 244 0.45 -37.30 -7.08
C ASP B 244 -0.63 -38.05 -6.32
N ALA B 245 -0.25 -39.05 -5.53
CA ALA B 245 -1.22 -39.80 -4.73
C ALA B 245 -1.91 -38.89 -3.72
N ALA B 246 -1.14 -38.03 -3.07
CA ALA B 246 -1.73 -37.12 -2.08
C ALA B 246 -2.65 -36.10 -2.74
N LEU B 247 -2.24 -35.54 -3.89
CA LEU B 247 -2.99 -34.45 -4.50
C LEU B 247 -4.37 -34.90 -4.99
N GLN B 248 -4.58 -36.21 -5.19
CA GLN B 248 -5.92 -36.68 -5.52
C GLN B 248 -6.93 -36.37 -4.43
N GLN B 249 -6.46 -36.10 -3.21
CA GLN B 249 -7.32 -35.76 -2.08
C GLN B 249 -7.06 -34.34 -1.60
N CYS B 250 -6.57 -33.47 -2.49
CA CYS B 250 -6.25 -32.08 -2.17
C CYS B 250 -6.87 -31.14 -3.21
N PRO B 251 -8.16 -30.84 -3.09
CA PRO B 251 -8.82 -30.04 -4.13
C PRO B 251 -8.29 -28.62 -4.25
N LEU B 252 -7.63 -28.09 -3.23
CA LEU B 252 -7.22 -26.69 -3.27
C LEU B 252 -5.94 -26.45 -4.07
N VAL B 253 -5.09 -27.46 -4.25
CA VAL B 253 -3.79 -27.23 -4.89
C VAL B 253 -4.02 -27.01 -6.38
N GLU B 254 -3.54 -25.88 -6.89
CA GLU B 254 -3.69 -25.56 -8.30
C GLU B 254 -2.37 -25.63 -9.07
N ASN B 255 -1.27 -25.25 -8.44
CA ASN B 255 0.02 -25.25 -9.10
C ASN B 255 1.00 -26.09 -8.30
N VAL B 256 1.81 -26.88 -9.01
CA VAL B 256 2.89 -27.64 -8.43
C VAL B 256 4.17 -27.27 -9.16
N LEU B 257 5.19 -26.86 -8.40
CA LEU B 257 6.49 -26.52 -8.95
C LEU B 257 7.43 -27.67 -8.67
N VAL B 258 7.94 -28.29 -9.73
CA VAL B 258 8.64 -29.57 -9.61
C VAL B 258 10.11 -29.35 -9.91
N LEU B 259 10.96 -29.54 -8.89
CA LEU B 259 12.39 -29.45 -9.05
C LEU B 259 12.94 -30.73 -9.68
N ARG B 260 13.82 -30.57 -10.66
CA ARG B 260 14.37 -31.72 -11.38
C ARG B 260 15.65 -32.16 -10.68
N ARG B 261 15.47 -32.84 -9.55
CA ARG B 261 16.60 -33.28 -8.74
C ARG B 261 17.36 -34.43 -9.40
N THR B 262 16.65 -35.34 -10.04
CA THR B 262 17.26 -36.49 -10.68
C THR B 262 17.06 -36.53 -12.19
N GLY B 263 15.98 -35.94 -12.71
CA GLY B 263 15.71 -35.98 -14.12
C GLY B 263 15.08 -37.27 -14.63
N ASN B 264 14.77 -38.22 -13.74
CA ASN B 264 14.07 -39.43 -14.16
C ASN B 264 12.62 -39.12 -14.49
N LYS B 265 12.02 -39.97 -15.31
CA LYS B 265 10.64 -39.77 -15.71
C LYS B 265 9.72 -39.92 -14.51
N VAL B 266 8.91 -38.90 -14.25
CA VAL B 266 7.91 -38.94 -13.20
C VAL B 266 6.61 -38.42 -13.81
N PRO B 267 5.45 -38.85 -13.33
CA PRO B 267 4.18 -38.37 -13.92
C PRO B 267 3.98 -36.88 -13.67
N MET B 268 3.62 -36.17 -14.74
CA MET B 268 3.36 -34.73 -14.70
C MET B 268 2.00 -34.45 -15.29
N THR B 269 1.18 -33.70 -14.56
CA THR B 269 -0.15 -33.34 -15.04
C THR B 269 -0.07 -32.04 -15.83
N GLU B 270 -0.59 -32.06 -17.06
CA GLU B 270 -0.58 -30.87 -17.89
C GLU B 270 -1.38 -29.76 -17.22
N GLY B 271 -0.83 -28.54 -17.25
CA GLY B 271 -1.49 -27.42 -16.61
C GLY B 271 -1.14 -27.27 -15.15
N ARG B 272 -1.38 -28.33 -14.37
CA ARG B 272 -1.09 -28.26 -12.93
C ARG B 272 0.40 -28.21 -12.65
N ASP B 273 1.17 -29.06 -13.34
CA ASP B 273 2.57 -29.30 -13.01
C ASP B 273 3.47 -28.60 -14.01
N LYS B 274 4.49 -27.90 -13.51
CA LYS B 274 5.49 -27.25 -14.34
C LYS B 274 6.87 -27.54 -13.77
N TRP B 275 7.89 -27.44 -14.63
CA TRP B 275 9.26 -27.70 -14.20
C TRP B 275 9.87 -26.45 -13.58
N TRP B 276 10.51 -26.62 -12.42
CA TRP B 276 11.15 -25.53 -11.70
C TRP B 276 12.12 -24.76 -12.60
N ASP B 277 13.01 -25.46 -13.30
CA ASP B 277 14.01 -24.78 -14.12
C ASP B 277 13.37 -24.02 -15.28
N GLU B 278 12.38 -24.62 -15.94
CA GLU B 278 11.70 -23.94 -17.05
C GLU B 278 10.96 -22.70 -16.54
N GLU B 279 10.28 -22.82 -15.40
CA GLU B 279 9.56 -21.67 -14.85
C GLU B 279 10.53 -20.56 -14.46
N CYS B 280 11.65 -20.91 -13.80
CA CYS B 280 12.61 -19.88 -13.43
C CYS B 280 13.33 -19.29 -14.64
N ALA B 281 13.42 -20.05 -15.73
CA ALA B 281 14.09 -19.54 -16.92
C ALA B 281 13.39 -18.32 -17.47
N LYS B 282 12.07 -18.20 -17.23
CA LYS B 282 11.27 -17.09 -17.71
C LYS B 282 11.32 -15.87 -16.80
N MET B 283 11.83 -16.01 -15.59
CA MET B 283 11.71 -14.96 -14.58
C MET B 283 13.02 -14.21 -14.40
N PRO B 284 12.95 -12.97 -13.94
CA PRO B 284 14.18 -12.23 -13.63
C PRO B 284 14.88 -12.81 -12.40
N ALA B 285 16.17 -12.54 -12.30
CA ALA B 285 16.98 -13.02 -11.19
C ALA B 285 16.94 -12.10 -9.98
N TYR B 286 16.14 -11.03 -10.02
CA TYR B 286 15.90 -10.22 -8.84
C TYR B 286 14.41 -10.09 -8.60
N CYS B 287 14.03 -9.95 -7.33
CA CYS B 287 12.67 -9.81 -6.91
C CYS B 287 12.66 -8.93 -5.66
N PRO B 288 11.80 -7.92 -5.60
CA PRO B 288 11.78 -7.04 -4.42
C PRO B 288 11.29 -7.78 -3.17
N CYS B 289 11.70 -7.27 -2.02
CA CYS B 289 11.33 -7.87 -0.74
C CYS B 289 10.07 -7.23 -0.21
N GLU B 290 9.10 -8.06 0.17
CA GLU B 290 7.90 -7.55 0.83
C GLU B 290 8.26 -7.08 2.23
N ARG B 291 7.83 -5.87 2.58
CA ARG B 291 8.10 -5.30 3.90
C ARG B 291 7.13 -5.89 4.90
N MET B 292 7.63 -6.75 5.77
CA MET B 292 6.82 -7.57 6.67
C MET B 292 6.78 -6.98 8.07
N ALA B 293 5.60 -6.99 8.68
CA ALA B 293 5.51 -6.67 10.09
C ALA B 293 6.29 -7.69 10.90
N SER B 294 6.84 -7.24 12.02
CA SER B 294 7.58 -8.14 12.90
CA SER B 294 7.58 -8.14 12.89
C SER B 294 6.75 -9.34 13.28
N GLU B 295 5.45 -9.14 13.53
CA GLU B 295 4.57 -10.23 13.94
C GLU B 295 3.84 -10.88 12.76
N ASP B 296 4.23 -10.59 11.54
CA ASP B 296 3.72 -11.35 10.40
C ASP B 296 4.23 -12.78 10.47
N PRO B 297 3.36 -13.78 10.27
CA PRO B 297 3.83 -15.18 10.34
C PRO B 297 4.89 -15.46 9.29
N LEU B 298 5.95 -16.13 9.71
CA LEU B 298 7.03 -16.53 8.81
C LEU B 298 6.82 -17.92 8.24
N PHE B 299 6.41 -18.89 9.07
CA PHE B 299 6.17 -20.24 8.55
C PHE B 299 5.22 -21.01 9.46
N ILE B 300 4.67 -22.08 8.91
CA ILE B 300 3.93 -23.10 9.65
C ILE B 300 4.75 -24.38 9.61
N LEU B 301 4.92 -25.02 10.77
CA LEU B 301 5.60 -26.31 10.85
C LEU B 301 4.72 -27.29 11.61
N TYR B 302 4.26 -28.33 10.92
CA TYR B 302 3.41 -29.32 11.55
C TYR B 302 4.25 -30.38 12.27
N THR B 303 3.96 -30.59 13.55
CA THR B 303 4.60 -31.66 14.29
C THR B 303 4.06 -33.01 13.82
N SER B 304 4.92 -34.02 13.83
CA SER B 304 4.54 -35.37 13.37
C SER B 304 3.37 -35.95 14.17
N LYS B 309 -4.86 -34.98 15.48
CA LYS B 309 -4.87 -33.80 14.61
C LYS B 309 -3.45 -33.27 14.40
N PRO B 310 -3.17 -32.79 13.19
CA PRO B 310 -1.85 -32.17 12.96
C PRO B 310 -1.76 -30.84 13.66
N LYS B 311 -0.63 -30.61 14.33
CA LYS B 311 -0.41 -29.39 15.11
C LYS B 311 0.54 -28.49 14.32
N GLY B 312 -0.01 -27.44 13.71
CA GLY B 312 0.79 -26.50 12.96
C GLY B 312 1.37 -25.40 13.82
N VAL B 313 2.63 -25.54 14.21
CA VAL B 313 3.28 -24.52 15.02
C VAL B 313 3.63 -23.33 14.14
N VAL B 314 3.20 -22.14 14.56
CA VAL B 314 3.33 -20.91 13.79
C VAL B 314 4.35 -20.01 14.47
N HIS B 315 5.31 -19.50 13.69
CA HIS B 315 6.31 -18.57 14.18
C HIS B 315 6.21 -17.25 13.42
N SER B 316 6.36 -16.14 14.13
CA SER B 316 6.36 -14.81 13.52
C SER B 316 7.70 -14.57 12.83
N THR B 317 7.95 -13.34 12.39
CA THR B 317 9.15 -13.05 11.61
C THR B 317 10.32 -12.55 12.45
N ALA B 318 10.19 -11.40 13.11
CA ALA B 318 11.36 -10.75 13.70
C ALA B 318 11.88 -11.50 14.91
N GLY B 319 10.98 -11.87 15.84
CA GLY B 319 11.41 -12.55 17.05
C GLY B 319 12.06 -13.89 16.76
N TYR B 320 11.47 -14.67 15.86
CA TYR B 320 12.09 -15.94 15.47
C TYR B 320 13.45 -15.72 14.84
N LEU B 321 13.52 -14.75 13.93
CA LEU B 321 14.79 -14.48 13.23
C LEU B 321 15.86 -14.03 14.22
N LEU B 322 15.51 -13.14 15.15
CA LEU B 322 16.48 -12.69 16.14
C LEU B 322 16.91 -13.82 17.06
N GLY B 323 15.96 -14.67 17.47
CA GLY B 323 16.31 -15.75 18.37
C GLY B 323 17.25 -16.76 17.73
N THR B 324 16.96 -17.15 16.49
CA THR B 324 17.82 -18.12 15.82
C THR B 324 19.20 -17.55 15.56
N ALA B 325 19.28 -16.28 15.17
CA ALA B 325 20.58 -15.67 14.90
C ALA B 325 21.41 -15.57 16.17
N LEU B 326 20.80 -15.19 17.30
CA LEU B 326 21.55 -15.05 18.54
C LEU B 326 21.99 -16.40 19.10
N THR B 327 21.12 -17.39 19.06
CA THR B 327 21.49 -18.71 19.56
C THR B 327 22.63 -19.30 18.75
N LEU B 328 22.56 -19.17 17.42
CA LEU B 328 23.66 -19.66 16.59
C LEU B 328 24.95 -18.92 16.88
N LYS B 329 24.88 -17.60 17.09
CA LYS B 329 26.08 -16.83 17.33
C LYS B 329 26.71 -17.16 18.68
N TYR B 330 25.89 -17.46 19.69
CA TYR B 330 26.41 -17.66 21.04
C TYR B 330 26.51 -19.12 21.46
N VAL B 331 25.49 -19.92 21.20
CA VAL B 331 25.51 -21.33 21.62
C VAL B 331 26.56 -22.10 20.83
N PHE B 332 26.79 -21.75 19.57
CA PHE B 332 27.83 -22.39 18.78
C PHE B 332 29.04 -21.49 18.55
N ASP B 333 29.03 -20.26 19.09
CA ASP B 333 30.14 -19.32 18.98
C ASP B 333 30.57 -19.09 17.54
N ALA B 334 29.58 -18.86 16.68
CA ALA B 334 29.84 -18.66 15.27
C ALA B 334 30.57 -17.34 15.02
N HIS B 335 31.48 -17.36 14.07
CA HIS B 335 32.30 -16.21 13.69
C HIS B 335 32.22 -16.04 12.17
N PRO B 336 32.55 -14.84 11.67
CA PRO B 336 32.21 -14.50 10.27
C PRO B 336 32.63 -15.53 9.23
N ASP B 337 33.76 -16.20 9.41
CA ASP B 337 34.25 -17.10 8.40
C ASP B 337 33.98 -18.56 8.73
N ASP B 338 33.15 -18.83 9.73
CA ASP B 338 32.88 -20.20 10.13
C ASP B 338 32.09 -20.96 9.07
N ARG B 339 32.20 -22.28 9.12
CA ARG B 339 31.44 -23.18 8.26
C ARG B 339 30.64 -24.11 9.16
N PHE B 340 29.33 -23.87 9.25
CA PHE B 340 28.47 -24.53 10.24
C PHE B 340 27.79 -25.74 9.60
N ALA B 341 27.97 -26.91 10.21
CA ALA B 341 27.46 -28.17 9.66
C ALA B 341 26.45 -28.79 10.61
N CYS B 342 25.17 -28.44 10.43
CA CYS B 342 24.07 -29.08 11.15
C CYS B 342 23.48 -30.16 10.27
N MET B 343 23.54 -31.40 10.74
CA MET B 343 23.18 -32.55 9.91
C MET B 343 21.70 -32.90 10.00
N ALA B 344 20.85 -31.96 10.39
CA ALA B 344 19.43 -32.24 10.53
C ALA B 344 18.77 -32.19 9.16
N ASP B 345 17.44 -32.28 9.16
CA ASP B 345 16.63 -32.21 7.95
C ASP B 345 15.82 -30.92 7.99
N ILE B 346 15.68 -30.27 6.84
CA ILE B 346 14.96 -29.00 6.80
C ILE B 346 13.47 -29.19 7.05
N GLY B 347 12.97 -30.43 7.06
CA GLY B 347 11.61 -30.71 7.42
C GLY B 347 11.31 -30.65 8.90
N TRP B 348 12.35 -30.56 9.72
CA TRP B 348 12.22 -30.40 11.16
C TRP B 348 12.64 -28.98 11.56
N ILE B 349 12.19 -28.59 12.76
CA ILE B 349 12.50 -27.24 13.25
C ILE B 349 14.01 -27.03 13.35
N THR B 350 14.77 -28.11 13.55
CA THR B 350 16.23 -27.99 13.59
C THR B 350 16.77 -27.52 12.26
N GLY B 351 16.24 -28.04 11.15
CA GLY B 351 16.64 -27.53 9.84
C GLY B 351 16.18 -26.10 9.61
N HIS B 352 14.97 -25.78 10.06
CA HIS B 352 14.47 -24.41 9.98
C HIS B 352 15.41 -23.43 10.67
N SER B 353 15.77 -23.71 11.92
CA SER B 353 16.50 -22.75 12.74
C SER B 353 18.00 -22.78 12.53
N TYR B 354 18.60 -23.96 12.38
CA TYR B 354 20.06 -24.05 12.40
C TYR B 354 20.65 -24.63 11.14
N ILE B 355 19.87 -24.81 10.08
CA ILE B 355 20.39 -25.01 8.75
C ILE B 355 20.20 -23.77 7.89
N ILE B 356 18.99 -23.20 7.91
CA ILE B 356 18.65 -22.10 7.01
C ILE B 356 18.66 -20.74 7.72
N TYR B 357 17.74 -20.53 8.66
CA TYR B 357 17.47 -19.17 9.11
C TYR B 357 18.60 -18.64 10.00
N GLY B 358 18.95 -19.36 11.04
CA GLY B 358 19.98 -18.93 11.96
C GLY B 358 21.33 -18.65 11.30
N PRO B 359 21.89 -19.65 10.60
CA PRO B 359 23.20 -19.42 9.96
C PRO B 359 23.19 -18.35 8.88
N LEU B 360 22.21 -18.37 7.97
CA LEU B 360 22.22 -17.41 6.88
C LEU B 360 21.96 -15.98 7.38
N ALA B 361 21.24 -15.84 8.50
CA ALA B 361 21.07 -14.52 9.09
C ALA B 361 22.42 -13.95 9.53
N ASN B 362 23.28 -14.79 10.09
CA ASN B 362 24.63 -14.39 10.48
C ASN B 362 25.59 -14.24 9.30
N GLY B 363 25.16 -14.61 8.09
CA GLY B 363 26.01 -14.45 6.92
C GLY B 363 27.20 -15.37 6.86
N ILE B 364 27.09 -16.56 7.43
CA ILE B 364 28.21 -17.50 7.47
C ILE B 364 27.88 -18.66 6.53
N THR B 365 28.78 -19.62 6.42
CA THR B 365 28.52 -20.78 5.59
C THR B 365 27.76 -21.84 6.37
N THR B 366 26.72 -22.39 5.76
CA THR B 366 25.91 -23.44 6.36
C THR B 366 25.97 -24.66 5.45
N ALA B 367 25.74 -25.83 6.03
CA ALA B 367 25.84 -27.10 5.31
C ALA B 367 24.45 -27.68 5.11
N VAL B 368 24.18 -28.16 3.90
CA VAL B 368 23.00 -28.97 3.58
C VAL B 368 23.48 -30.36 3.21
N PHE B 369 23.24 -31.33 4.08
CA PHE B 369 23.78 -32.69 3.96
C PHE B 369 22.69 -33.62 3.45
N GLU B 370 22.80 -34.03 2.19
CA GLU B 370 21.74 -34.82 1.56
C GLU B 370 21.80 -36.30 1.92
N SER B 371 22.92 -36.78 2.42
CA SER B 371 23.13 -38.20 2.62
C SER B 371 22.81 -38.62 4.05
N THR B 372 23.18 -39.84 4.41
CA THR B 372 23.03 -40.39 5.75
C THR B 372 24.37 -40.41 6.46
N PRO B 373 24.40 -40.68 7.78
CA PRO B 373 25.69 -40.76 8.48
C PRO B 373 26.57 -41.91 8.01
N VAL B 374 26.03 -42.91 7.31
CA VAL B 374 26.79 -44.12 7.02
C VAL B 374 26.83 -44.43 5.52
N TYR B 375 26.48 -43.46 4.68
CA TYR B 375 26.56 -43.65 3.23
C TYR B 375 27.56 -42.66 2.64
N PRO B 376 28.52 -43.12 1.83
CA PRO B 376 28.73 -44.51 1.42
C PRO B 376 29.40 -45.39 2.48
N THR B 377 30.07 -44.84 3.47
CA THR B 377 30.67 -45.61 4.56
C THR B 377 30.34 -44.94 5.88
N PRO B 378 30.45 -45.68 7.01
CA PRO B 378 30.14 -45.07 8.31
C PRO B 378 31.07 -43.92 8.71
N SER B 379 31.97 -43.54 7.81
CA SER B 379 32.85 -42.41 8.02
C SER B 379 32.37 -41.13 7.33
N ARG B 380 31.11 -41.09 6.86
CA ARG B 380 30.66 -39.98 6.02
C ARG B 380 30.75 -38.64 6.75
N TYR B 381 30.33 -38.59 8.03
CA TYR B 381 30.42 -37.34 8.79
C TYR B 381 31.85 -36.83 8.82
N TRP B 382 32.81 -37.73 9.05
CA TRP B 382 34.19 -37.30 9.23
C TRP B 382 34.88 -37.05 7.90
N ASP B 383 34.49 -37.77 6.84
CA ASP B 383 34.94 -37.40 5.51
C ASP B 383 34.46 -36.01 5.15
N PHE B 384 33.21 -35.69 5.50
CA PHE B 384 32.66 -34.36 5.23
C PHE B 384 33.40 -33.26 5.99
N VAL B 385 33.68 -33.49 7.29
CA VAL B 385 34.28 -32.44 8.10
C VAL B 385 35.66 -32.07 7.57
N ASP B 386 36.48 -33.06 7.24
CA ASP B 386 37.80 -32.72 6.73
C ASP B 386 37.72 -32.17 5.31
N LYS B 387 36.71 -32.59 4.55
CA LYS B 387 36.61 -32.15 3.15
C LYS B 387 36.42 -30.65 3.07
N TRP B 388 35.52 -30.11 3.88
CA TRP B 388 35.17 -28.70 3.87
C TRP B 388 35.75 -27.93 5.03
N LYS B 389 36.54 -28.57 5.90
CA LYS B 389 37.08 -27.93 7.08
C LYS B 389 35.97 -27.30 7.92
N ALA B 390 34.96 -28.10 8.25
CA ALA B 390 33.83 -27.61 9.02
C ALA B 390 34.29 -27.19 10.41
N THR B 391 33.72 -26.08 10.89
CA THR B 391 34.12 -25.49 12.17
C THR B 391 33.19 -25.85 13.32
N GLN B 392 31.92 -26.14 13.04
CA GLN B 392 30.99 -26.63 14.04
C GLN B 392 30.21 -27.80 13.44
N LEU B 393 29.92 -28.79 14.26
CA LEU B 393 29.09 -29.92 13.85
C LEU B 393 27.90 -30.04 14.80
N TYR B 394 26.73 -30.29 14.24
CA TYR B 394 25.48 -30.28 14.99
C TYR B 394 24.68 -31.51 14.56
N THR B 395 24.51 -32.47 15.46
CA THR B 395 23.82 -33.71 15.12
C THR B 395 23.03 -34.18 16.34
N ALA B 396 22.43 -35.36 16.24
CA ALA B 396 21.58 -35.94 17.26
C ALA B 396 22.26 -37.12 17.95
N PRO B 397 21.93 -37.41 19.21
CA PRO B 397 22.53 -38.58 19.86
C PRO B 397 22.19 -39.88 19.18
N THR B 398 21.07 -39.94 18.46
CA THR B 398 20.74 -41.14 17.69
C THR B 398 21.77 -41.40 16.61
N ALA B 399 22.27 -40.34 15.95
CA ALA B 399 23.37 -40.50 15.00
C ALA B 399 24.66 -40.86 15.71
N ILE B 400 24.92 -40.26 16.87
CA ILE B 400 26.14 -40.56 17.62
C ILE B 400 26.18 -42.02 18.03
N ARG B 401 25.06 -42.55 18.52
CA ARG B 401 25.00 -43.96 18.89
C ARG B 401 25.11 -44.87 17.67
N LEU B 402 24.59 -44.42 16.52
CA LEU B 402 24.72 -45.22 15.31
C LEU B 402 26.18 -45.38 14.92
N LEU B 403 26.93 -44.27 14.92
CA LEU B 403 28.34 -44.31 14.53
C LEU B 403 29.20 -45.00 15.57
N ARG B 404 28.86 -44.88 16.86
CA ARG B 404 29.65 -45.54 17.89
C ARG B 404 29.58 -47.06 17.74
N ARG B 405 28.39 -47.58 17.45
CA ARG B 405 28.22 -49.02 17.28
C ARG B 405 28.87 -49.50 15.98
N MET B 406 29.17 -48.60 15.04
CA MET B 406 29.82 -48.99 13.80
C MET B 406 31.32 -49.20 13.99
N GLY B 407 31.91 -48.57 15.01
CA GLY B 407 33.31 -48.79 15.27
C GLY B 407 34.17 -47.55 15.21
N GLU B 408 35.30 -47.61 15.90
CA GLU B 408 36.25 -46.51 15.98
C GLU B 408 37.07 -46.37 14.71
N ASP B 409 37.19 -47.43 13.90
CA ASP B 409 38.04 -47.40 12.71
C ASP B 409 37.59 -46.33 11.72
N HIS B 410 36.31 -45.96 11.75
CA HIS B 410 35.76 -45.00 10.79
C HIS B 410 36.03 -43.54 11.16
N VAL B 411 36.52 -43.24 12.37
CA VAL B 411 36.66 -41.86 12.80
C VAL B 411 38.06 -41.53 13.33
N LYS B 412 38.77 -42.53 13.86
CA LYS B 412 40.00 -42.23 14.59
C LYS B 412 41.07 -41.58 13.72
N ASN B 413 41.10 -41.90 12.43
CA ASN B 413 42.20 -41.49 11.56
C ASN B 413 41.91 -40.21 10.78
N HIS B 414 40.79 -39.56 11.04
CA HIS B 414 40.51 -38.30 10.37
C HIS B 414 41.23 -37.16 11.10
N ASP B 415 41.25 -35.99 10.45
CA ASP B 415 41.88 -34.83 11.04
C ASP B 415 40.97 -34.18 12.08
N LEU B 416 39.80 -33.72 11.65
CA LEU B 416 38.76 -33.17 12.51
C LEU B 416 39.21 -31.97 13.34
N SER B 417 40.40 -31.42 13.09
CA SER B 417 40.89 -30.33 13.91
C SER B 417 40.33 -28.96 13.51
N SER B 418 39.57 -28.87 12.42
CA SER B 418 38.87 -27.62 12.13
C SER B 418 37.69 -27.41 13.05
N LEU B 419 37.21 -28.47 13.69
CA LEU B 419 36.06 -28.36 14.59
C LEU B 419 36.45 -27.67 15.88
N ARG B 420 35.54 -26.86 16.40
CA ARG B 420 35.67 -26.25 17.72
C ARG B 420 34.52 -26.60 18.65
N VAL B 421 33.33 -26.83 18.11
CA VAL B 421 32.13 -27.09 18.91
C VAL B 421 31.40 -28.29 18.31
N LEU B 422 30.96 -29.20 19.17
CA LEU B 422 30.15 -30.35 18.79
C LEU B 422 28.80 -30.26 19.50
N GLY B 423 27.72 -30.34 18.74
CA GLY B 423 26.38 -30.10 19.26
C GLY B 423 25.53 -31.35 19.24
N SER B 424 24.72 -31.51 20.27
CA SER B 424 23.77 -32.61 20.37
C SER B 424 22.38 -32.04 20.62
N VAL B 425 21.40 -32.60 19.91
CA VAL B 425 20.03 -32.10 19.96
C VAL B 425 19.07 -33.26 19.68
N GLY B 426 17.88 -33.20 20.28
CA GLY B 426 16.78 -34.09 19.96
C GLY B 426 16.35 -34.97 21.12
N GLU B 427 17.28 -35.33 21.99
CA GLU B 427 17.03 -36.28 23.07
C GLU B 427 18.21 -36.21 24.04
N PRO B 428 18.06 -36.74 25.23
CA PRO B 428 19.21 -36.79 26.14
C PRO B 428 20.32 -37.61 25.51
N ILE B 429 21.55 -37.16 25.73
CA ILE B 429 22.73 -37.85 25.19
C ILE B 429 23.35 -38.64 26.35
N ASN B 430 23.49 -39.95 26.16
CA ASN B 430 24.00 -40.78 27.25
C ASN B 430 25.47 -40.44 27.51
N PRO B 431 25.93 -40.65 28.75
CA PRO B 431 27.37 -40.46 29.01
C PRO B 431 28.24 -41.34 28.13
N GLU B 432 27.79 -42.56 27.82
CA GLU B 432 28.54 -43.39 26.88
C GLU B 432 28.60 -42.72 25.52
N ALA B 433 27.46 -42.20 25.05
CA ALA B 433 27.42 -41.50 23.77
C ALA B 433 28.14 -40.16 23.85
N TRP B 434 28.05 -39.48 25.00
CA TRP B 434 28.69 -38.18 25.15
C TRP B 434 30.21 -38.28 25.07
N HIS B 435 30.79 -39.29 25.73
CA HIS B 435 32.25 -39.42 25.71
C HIS B 435 32.75 -39.86 24.35
N TRP B 436 32.01 -40.75 23.68
CA TRP B 436 32.40 -41.14 22.31
C TRP B 436 32.38 -39.94 21.38
N TYR B 437 31.37 -39.08 21.51
CA TYR B 437 31.34 -37.82 20.77
C TYR B 437 32.56 -36.98 21.09
N ASN B 438 32.89 -36.85 22.39
CA ASN B 438 33.99 -35.99 22.83
C ASN B 438 35.35 -36.57 22.46
N ASP B 439 35.53 -37.88 22.63
CA ASP B 439 36.85 -38.49 22.51
C ASP B 439 37.31 -38.65 21.06
N PHE B 440 36.39 -38.97 20.15
CA PHE B 440 36.75 -39.26 18.76
C PHE B 440 36.41 -38.13 17.80
N ALA B 441 35.17 -37.59 17.86
CA ALA B 441 34.81 -36.49 16.97
C ALA B 441 35.54 -35.21 17.36
N GLY B 442 35.57 -34.89 18.65
CA GLY B 442 36.25 -33.70 19.10
C GLY B 442 37.68 -33.91 19.53
N LYS B 443 38.08 -35.16 19.74
CA LYS B 443 39.42 -35.52 20.18
C LYS B 443 39.82 -34.75 21.44
N ASN B 444 38.84 -34.58 22.33
CA ASN B 444 39.02 -33.89 23.61
C ASN B 444 39.54 -32.47 23.43
N GLN B 445 39.17 -31.83 22.31
CA GLN B 445 39.57 -30.47 22.01
C GLN B 445 38.40 -29.61 21.53
N CYS B 446 37.18 -30.14 21.60
CA CYS B 446 35.98 -29.41 21.25
C CYS B 446 35.09 -29.28 22.48
N ALA B 447 34.33 -28.19 22.52
CA ALA B 447 33.29 -28.03 23.52
C ALA B 447 32.04 -28.76 23.04
N ILE B 448 31.42 -29.54 23.93
CA ILE B 448 30.20 -30.25 23.62
C ILE B 448 29.03 -29.43 24.12
N VAL B 449 28.13 -29.03 23.22
CA VAL B 449 26.93 -28.29 23.59
C VAL B 449 25.74 -29.24 23.42
N ASP B 450 25.14 -29.61 24.54
CA ASP B 450 23.88 -30.36 24.53
C ASP B 450 22.77 -29.32 24.52
N THR B 451 22.10 -29.18 23.38
CA THR B 451 21.12 -28.11 23.20
C THR B 451 19.73 -28.68 23.42
N TYR B 452 19.00 -28.09 24.35
CA TYR B 452 17.61 -28.45 24.62
C TYR B 452 16.70 -27.32 24.14
N TRP B 453 15.71 -27.69 23.35
CA TRP B 453 14.66 -26.78 22.91
C TRP B 453 13.57 -27.63 22.27
N MET B 454 12.56 -26.95 21.72
CA MET B 454 11.41 -27.62 21.13
C MET B 454 11.00 -26.85 19.87
N THR B 455 10.10 -27.47 19.10
CA THR B 455 9.54 -26.77 17.94
C THR B 455 8.89 -25.46 18.35
N GLU B 456 8.20 -25.45 19.49
CA GLU B 456 7.49 -24.25 19.94
C GLU B 456 8.41 -23.17 20.51
N THR B 457 9.65 -23.50 20.86
CA THR B 457 10.57 -22.49 21.37
C THR B 457 11.30 -21.73 20.27
N GLY B 458 11.31 -22.24 19.06
CA GLY B 458 11.90 -21.53 17.93
C GLY B 458 13.41 -21.60 17.86
N SER B 459 14.08 -21.43 19.00
CA SER B 459 15.53 -21.46 19.07
C SER B 459 15.92 -22.17 20.36
N ILE B 460 17.24 -22.34 20.55
CA ILE B 460 17.75 -23.14 21.67
C ILE B 460 17.38 -22.50 23.01
N SER B 461 16.85 -23.31 23.92
CA SER B 461 16.34 -22.83 25.20
C SER B 461 17.34 -23.00 26.33
N ILE B 462 17.93 -24.18 26.48
CA ILE B 462 18.91 -24.47 27.51
C ILE B 462 20.10 -25.14 26.84
N ALA B 463 21.29 -24.56 27.03
CA ALA B 463 22.50 -25.11 26.43
C ALA B 463 23.74 -24.43 27.03
N PRO B 464 24.87 -25.12 27.13
CA PRO B 464 26.09 -24.46 27.59
C PRO B 464 26.62 -23.50 26.55
N LEU B 465 27.09 -22.35 27.00
CA LEU B 465 27.85 -21.47 26.12
C LEU B 465 29.27 -22.00 25.99
N PRO B 466 29.72 -22.35 24.78
CA PRO B 466 30.94 -23.17 24.66
C PRO B 466 32.19 -22.51 25.21
N GLY B 467 32.26 -21.19 25.19
CA GLY B 467 33.44 -20.52 25.71
C GLY B 467 33.41 -20.16 27.17
N ALA B 468 32.33 -20.45 27.89
CA ALA B 468 32.23 -20.04 29.29
C ALA B 468 31.86 -21.17 30.25
N ILE B 469 30.97 -22.07 29.84
CA ILE B 469 30.38 -23.06 30.74
C ILE B 469 31.16 -24.36 30.65
N SER B 470 31.54 -24.90 31.82
CA SER B 470 32.06 -26.26 31.91
C SER B 470 30.89 -27.25 31.89
N THR B 471 31.02 -28.29 31.07
CA THR B 471 29.91 -29.20 30.78
C THR B 471 29.95 -30.45 31.63
N LYS B 472 28.77 -31.01 31.88
CA LYS B 472 28.60 -32.33 32.45
C LYS B 472 27.97 -33.25 31.43
N PRO B 473 28.45 -34.48 31.26
CA PRO B 473 27.88 -35.38 30.24
C PRO B 473 26.40 -35.64 30.48
N GLY B 474 25.59 -35.29 29.48
CA GLY B 474 24.16 -35.50 29.53
C GLY B 474 23.36 -34.32 30.03
N SER B 475 24.01 -33.23 30.41
CA SER B 475 23.34 -32.06 30.97
C SER B 475 23.29 -30.93 29.95
N ALA B 476 22.13 -30.27 29.88
CA ALA B 476 21.97 -29.07 29.06
C ALA B 476 22.46 -27.80 29.74
N THR B 477 22.83 -27.87 31.03
CA THR B 477 23.40 -26.77 31.80
C THR B 477 22.42 -25.63 32.07
N PHE B 478 22.58 -24.49 31.37
CA PHE B 478 21.92 -23.26 31.77
C PHE B 478 21.10 -22.66 30.64
N PRO B 479 20.07 -21.88 30.97
CA PRO B 479 19.20 -21.33 29.93
C PRO B 479 19.87 -20.24 29.10
N PHE B 480 19.38 -20.08 27.88
CA PHE B 480 19.89 -19.08 26.96
C PHE B 480 19.37 -17.69 27.32
N PHE B 481 19.99 -16.68 26.71
CA PHE B 481 19.55 -15.30 26.83
C PHE B 481 18.05 -15.19 26.60
N GLY B 482 17.37 -14.50 27.51
CA GLY B 482 15.93 -14.33 27.41
C GLY B 482 15.13 -15.50 27.91
N MET B 483 15.76 -16.58 28.35
CA MET B 483 15.06 -17.75 28.86
C MET B 483 15.11 -17.74 30.38
N ASP B 484 13.95 -17.73 31.01
CA ASP B 484 13.79 -17.69 32.45
C ASP B 484 13.03 -18.96 32.84
N VAL B 485 13.77 -20.01 33.18
CA VAL B 485 13.19 -21.32 33.41
C VAL B 485 13.14 -21.58 34.91
N ASP B 486 12.33 -22.56 35.30
CA ASP B 486 12.20 -22.95 36.70
C ASP B 486 11.65 -24.36 36.78
N ILE B 487 11.77 -24.96 37.95
CA ILE B 487 11.21 -26.28 38.23
C ILE B 487 9.96 -26.09 39.09
N ILE B 488 8.85 -26.66 38.63
CA ILE B 488 7.58 -26.61 39.35
C ILE B 488 7.26 -28.00 39.86
N ASP B 489 6.86 -28.09 41.12
CA ASP B 489 6.32 -29.32 41.67
C ASP B 489 5.05 -29.62 40.89
N PRO B 490 5.03 -30.71 40.10
CA PRO B 490 3.84 -30.95 39.25
C PRO B 490 2.56 -31.19 40.02
N GLN B 491 2.63 -31.81 41.20
CA GLN B 491 1.41 -32.07 41.96
C GLN B 491 0.86 -30.78 42.58
N THR B 492 1.72 -30.01 43.24
CA THR B 492 1.25 -28.80 43.91
C THR B 492 1.12 -27.62 42.96
N GLY B 493 1.88 -27.62 41.87
CA GLY B 493 1.91 -26.46 41.00
C GLY B 493 2.82 -25.36 41.49
N GLN B 494 3.55 -25.57 42.58
CA GLN B 494 4.42 -24.56 43.17
C GLN B 494 5.84 -24.73 42.66
N VAL B 495 6.57 -23.62 42.61
CA VAL B 495 7.94 -23.62 42.13
C VAL B 495 8.85 -24.18 43.22
N LEU B 496 9.71 -25.12 42.84
CA LEU B 496 10.63 -25.73 43.78
C LEU B 496 11.83 -24.80 43.98
N GLU B 497 12.01 -24.32 45.21
CA GLU B 497 13.11 -23.42 45.53
C GLU B 497 14.36 -24.22 45.86
N GLY B 498 15.51 -23.65 45.52
CA GLY B 498 16.78 -24.26 45.86
C GLY B 498 17.25 -25.26 44.80
N ASN B 499 18.26 -26.02 45.19
CA ASN B 499 18.90 -26.99 44.31
C ASN B 499 18.60 -28.42 44.77
N ASP B 500 19.01 -29.36 43.92
CA ASP B 500 18.74 -30.79 44.09
C ASP B 500 17.23 -31.06 44.22
N VAL B 501 16.48 -30.54 43.25
CA VAL B 501 15.03 -30.71 43.17
C VAL B 501 14.68 -31.26 41.80
N GLU B 502 13.61 -32.06 41.74
CA GLU B 502 13.13 -32.61 40.47
C GLU B 502 11.63 -32.37 40.35
N GLY B 503 11.20 -32.11 39.10
CA GLY B 503 9.82 -31.77 38.81
C GLY B 503 9.60 -31.53 37.33
N VAL B 504 8.83 -30.50 36.97
CA VAL B 504 8.55 -30.18 35.58
C VAL B 504 9.12 -28.80 35.25
N LEU B 505 9.59 -28.65 34.01
CA LEU B 505 10.23 -27.43 33.56
C LEU B 505 9.17 -26.44 33.06
N VAL B 506 9.28 -25.18 33.51
CA VAL B 506 8.38 -24.11 33.09
C VAL B 506 9.20 -22.87 32.77
N ALA B 507 8.61 -21.97 31.98
CA ALA B 507 9.21 -20.69 31.65
C ALA B 507 8.33 -19.57 32.18
N ARG B 508 8.96 -18.50 32.65
CA ARG B 508 8.23 -17.45 33.35
C ARG B 508 7.78 -16.32 32.43
N ARG B 509 8.60 -15.96 31.45
CA ARG B 509 8.31 -14.86 30.55
C ARG B 509 8.46 -15.32 29.12
N PRO B 510 7.73 -14.70 28.19
CA PRO B 510 7.93 -15.01 26.78
C PRO B 510 9.30 -14.57 26.31
N TRP B 511 9.82 -15.29 25.33
CA TRP B 511 11.08 -14.98 24.69
C TRP B 511 10.82 -14.65 23.23
N PRO B 512 11.73 -13.94 22.56
CA PRO B 512 11.40 -13.43 21.21
C PRO B 512 10.97 -14.49 20.22
N SER B 513 11.59 -15.67 20.23
CA SER B 513 11.33 -16.67 19.21
C SER B 513 10.24 -17.67 19.59
N ILE B 514 9.46 -17.39 20.63
CA ILE B 514 8.43 -18.32 21.06
C ILE B 514 7.36 -18.44 19.98
N ALA B 515 6.81 -19.64 19.82
CA ALA B 515 5.71 -19.84 18.88
C ALA B 515 4.50 -18.99 19.31
N ARG B 516 3.82 -18.42 18.32
CA ARG B 516 2.76 -17.46 18.62
C ARG B 516 1.36 -18.08 18.65
N THR B 517 1.15 -19.22 17.99
CA THR B 517 -0.15 -19.89 17.96
C THR B 517 0.03 -21.24 17.29
N VAL B 518 -1.04 -22.02 17.30
CA VAL B 518 -1.21 -23.21 16.47
C VAL B 518 -2.21 -22.88 15.38
N TYR B 519 -1.84 -23.15 14.13
CA TYR B 519 -2.55 -22.62 12.97
C TYR B 519 -4.04 -22.93 13.02
N ARG B 520 -4.83 -21.86 13.06
CA ARG B 520 -6.28 -21.92 13.12
C ARG B 520 -6.77 -22.73 14.33
N ASP B 521 -5.89 -22.99 15.30
CA ASP B 521 -6.25 -23.76 16.49
C ASP B 521 -5.64 -23.11 17.72
N HIS B 522 -5.86 -21.80 17.88
CA HIS B 522 -5.27 -21.07 19.01
C HIS B 522 -5.69 -21.65 20.35
N LYS B 523 -6.90 -22.22 20.45
CA LYS B 523 -7.32 -22.81 21.72
C LYS B 523 -6.44 -24.00 22.09
N ARG B 524 -6.10 -24.84 21.11
CA ARG B 524 -5.17 -25.92 21.37
C ARG B 524 -3.82 -25.37 21.83
N TYR B 525 -3.41 -24.23 21.25
CA TYR B 525 -2.16 -23.58 21.68
C TYR B 525 -2.21 -23.22 23.16
N LEU B 526 -3.27 -22.53 23.58
CA LEU B 526 -3.37 -22.14 24.99
C LEU B 526 -3.50 -23.36 25.89
N GLU B 527 -4.29 -24.35 25.48
CA GLU B 527 -4.51 -25.51 26.33
C GLU B 527 -3.23 -26.31 26.54
N THR B 528 -2.43 -26.46 25.49
CA THR B 528 -1.26 -27.31 25.57
C THR B 528 -0.15 -26.66 26.39
N TYR B 529 0.01 -25.35 26.28
CA TYR B 529 1.18 -24.70 26.85
C TYR B 529 0.89 -23.70 27.96
N MET B 530 -0.28 -23.03 27.94
CA MET B 530 -0.56 -21.92 28.84
C MET B 530 -1.54 -22.23 29.95
N LYS B 531 -2.43 -23.20 29.77
CA LYS B 531 -3.43 -23.57 30.79
C LYS B 531 -2.89 -24.47 31.90
N PRO B 532 -2.08 -25.51 31.63
CA PRO B 532 -1.75 -26.46 32.72
C PRO B 532 -1.14 -25.81 33.95
N TYR B 533 -0.27 -24.82 33.76
CA TYR B 533 0.30 -24.06 34.87
C TYR B 533 0.17 -22.59 34.52
N PRO B 534 -0.95 -21.97 34.88
CA PRO B 534 -1.23 -20.59 34.44
C PRO B 534 -0.15 -19.62 34.88
N GLY B 535 0.17 -18.67 34.00
CA GLY B 535 1.26 -17.75 34.20
C GLY B 535 2.60 -18.26 33.72
N TYR B 536 2.68 -19.51 33.28
CA TYR B 536 3.92 -20.13 32.86
C TYR B 536 3.74 -20.72 31.47
N PHE B 537 4.88 -20.97 30.81
CA PHE B 537 4.92 -21.81 29.63
C PHE B 537 5.32 -23.21 30.07
N PHE B 538 4.53 -24.21 29.66
CA PHE B 538 4.74 -25.60 30.07
C PHE B 538 5.43 -26.34 28.93
N PHE B 539 6.73 -26.61 29.08
CA PHE B 539 7.46 -27.34 28.06
C PHE B 539 6.91 -28.75 27.86
N GLY B 540 6.41 -29.37 28.93
CA GLY B 540 6.00 -30.75 28.89
C GLY B 540 7.07 -31.77 29.19
N ASP B 541 8.24 -31.33 29.66
CA ASP B 541 9.34 -32.21 30.03
C ASP B 541 9.60 -32.10 31.52
N GLY B 542 9.86 -33.23 32.17
CA GLY B 542 10.38 -33.20 33.51
C GLY B 542 11.84 -32.77 33.52
N ALA B 543 12.23 -32.10 34.61
CA ALA B 543 13.60 -31.62 34.69
C ALA B 543 14.07 -31.66 36.13
N ALA B 544 15.38 -31.67 36.30
CA ALA B 544 16.02 -31.65 37.61
C ALA B 544 17.15 -30.63 37.59
N ARG B 545 17.31 -29.94 38.70
CA ARG B 545 18.41 -28.99 38.89
C ARG B 545 19.29 -29.49 40.03
N ASP B 546 20.56 -29.76 39.74
CA ASP B 546 21.43 -30.45 40.69
C ASP B 546 21.91 -29.45 41.75
N TYR B 547 22.94 -29.81 42.51
CA TYR B 547 23.41 -28.90 43.55
C TYR B 547 24.20 -27.72 42.98
N ASP B 548 24.86 -27.91 41.83
CA ASP B 548 25.60 -26.82 41.21
C ASP B 548 24.70 -25.89 40.39
N GLY B 549 23.43 -26.23 40.23
CA GLY B 549 22.52 -25.44 39.42
C GLY B 549 22.34 -25.90 38.00
N TYR B 550 22.96 -27.01 37.61
CA TYR B 550 22.84 -27.51 36.25
C TYR B 550 21.46 -28.12 36.01
N MET B 551 20.94 -27.94 34.81
N MET B 551 20.94 -27.95 34.81
CA MET B 551 19.63 -28.46 34.44
CA MET B 551 19.63 -28.46 34.43
C MET B 551 19.78 -29.80 33.75
C MET B 551 19.79 -29.81 33.75
N TRP B 552 19.01 -30.80 34.18
CA TRP B 552 19.02 -32.12 33.59
C TRP B 552 17.62 -32.43 33.08
N ILE B 553 17.48 -32.58 31.76
CA ILE B 553 16.19 -32.84 31.13
C ILE B 553 15.88 -34.33 31.20
N LYS B 554 14.65 -34.67 31.61
CA LYS B 554 14.27 -36.05 31.85
C LYS B 554 13.25 -36.59 30.84
N GLY B 555 12.91 -35.84 29.81
CA GLY B 555 11.93 -36.31 28.85
C GLY B 555 10.51 -35.94 29.24
N ARG B 556 9.56 -36.52 28.51
CA ARG B 556 8.16 -36.12 28.59
C ARG B 556 7.53 -36.52 29.91
N VAL B 557 6.35 -35.96 30.17
CA VAL B 557 5.57 -36.24 31.36
C VAL B 557 4.54 -37.33 31.07
N PRO C 29 37.98 4.90 -22.58
CA PRO C 29 37.86 4.94 -24.04
C PRO C 29 37.55 6.33 -24.61
N LEU C 30 37.18 7.31 -23.72
CA LEU C 30 36.83 8.66 -24.17
C LEU C 30 38.07 9.54 -24.23
N PRO C 31 38.07 10.53 -25.11
CA PRO C 31 39.17 11.51 -25.13
C PRO C 31 39.21 12.34 -23.84
N ASP C 32 40.42 12.77 -23.49
CA ASP C 32 40.61 13.72 -22.39
C ASP C 32 40.46 15.17 -22.83
N SER C 33 40.49 15.44 -24.14
CA SER C 33 40.38 16.81 -24.64
C SER C 33 40.06 16.77 -26.12
N VAL C 34 39.05 17.54 -26.54
CA VAL C 34 38.68 17.67 -27.94
C VAL C 34 39.12 19.06 -28.41
N PRO C 35 40.14 19.17 -29.25
CA PRO C 35 40.63 20.48 -29.67
C PRO C 35 40.03 21.00 -30.97
N GLU C 36 40.47 22.21 -31.37
CA GLU C 36 40.30 22.77 -32.70
C GLU C 36 38.85 23.13 -33.04
N SER C 37 38.61 23.47 -34.30
CA SER C 37 37.34 24.02 -34.74
C SER C 37 37.23 23.83 -36.26
N GLU C 38 36.34 24.61 -36.88
CA GLU C 38 36.14 24.73 -38.32
C GLU C 38 35.36 23.56 -38.90
N ASP C 39 35.28 22.46 -38.14
CA ASP C 39 34.25 21.45 -38.34
C ASP C 39 33.51 21.18 -37.04
N LEU C 40 33.67 22.06 -36.06
CA LEU C 40 33.04 21.93 -34.76
C LEU C 40 32.14 23.13 -34.53
N PHE C 41 30.89 22.88 -34.16
CA PHE C 41 29.92 23.94 -33.89
C PHE C 41 29.85 24.08 -32.37
N ALA C 42 30.51 25.11 -31.85
CA ALA C 42 30.59 25.33 -30.42
C ALA C 42 29.24 25.79 -29.87
N PRO C 43 29.03 25.63 -28.56
CA PRO C 43 27.77 26.10 -27.96
C PRO C 43 27.53 27.57 -28.27
N PRO C 44 26.35 27.90 -28.80
CA PRO C 44 26.06 29.27 -29.22
C PRO C 44 25.80 30.17 -28.02
N PRO C 45 25.70 31.48 -28.22
CA PRO C 45 25.52 32.39 -27.07
C PRO C 45 24.32 32.08 -26.21
N ARG C 46 23.21 31.61 -26.79
CA ARG C 46 22.05 31.26 -25.98
C ARG C 46 22.36 30.16 -24.98
N MET C 47 23.38 29.34 -25.26
CA MET C 47 23.84 28.28 -24.36
C MET C 47 25.09 28.66 -23.60
N GLN C 48 25.42 29.96 -23.54
CA GLN C 48 26.55 30.45 -22.76
C GLN C 48 26.10 31.33 -21.60
N GLY C 49 24.81 31.34 -21.28
CA GLY C 49 24.28 32.22 -20.25
C GLY C 49 24.15 33.65 -20.67
N LYS C 50 24.40 33.96 -21.94
CA LYS C 50 24.27 35.30 -22.47
C LYS C 50 22.85 35.54 -22.98
N GLU C 51 22.56 36.80 -23.31
CA GLU C 51 21.25 37.22 -23.79
C GLU C 51 20.15 36.88 -22.79
N GLY C 52 20.50 36.84 -21.50
CA GLY C 52 19.55 36.58 -20.43
C GLY C 52 19.20 35.12 -20.24
N ARG C 53 19.75 34.21 -21.05
CA ARG C 53 19.40 32.81 -20.93
C ARG C 53 20.07 32.21 -19.69
N PRO C 54 19.49 31.15 -19.13
CA PRO C 54 20.12 30.50 -17.97
C PRO C 54 21.50 29.94 -18.30
N LYS C 55 22.40 30.02 -17.31
CA LYS C 55 23.71 29.43 -17.46
C LYS C 55 23.58 27.91 -17.51
N PRO C 56 24.25 27.24 -18.45
CA PRO C 56 24.03 25.80 -18.62
C PRO C 56 24.53 25.01 -17.42
N HIS C 57 23.89 23.85 -17.21
CA HIS C 57 24.24 23.01 -16.06
C HIS C 57 25.67 22.48 -16.18
N ILE C 58 26.09 22.10 -17.37
CA ILE C 58 27.44 21.61 -17.63
C ILE C 58 28.04 22.49 -18.72
N GLY C 59 29.23 23.03 -18.45
CA GLY C 59 29.92 23.86 -19.41
C GLY C 59 31.22 24.39 -18.86
N PRO C 60 31.96 25.15 -19.68
CA PRO C 60 31.63 25.54 -21.05
C PRO C 60 32.26 24.67 -22.14
N ASN C 61 33.17 23.76 -21.82
CA ASN C 61 33.93 23.05 -22.84
C ASN C 61 33.78 21.54 -22.65
N TYR C 62 34.46 20.80 -23.54
CA TYR C 62 34.43 19.34 -23.45
C TYR C 62 35.02 18.84 -22.14
N GLU C 63 36.11 19.48 -21.68
CA GLU C 63 36.74 19.07 -20.43
C GLU C 63 35.76 19.14 -19.27
N SER C 64 34.83 20.10 -19.30
CA SER C 64 33.83 20.18 -18.24
C SER C 64 32.87 18.99 -18.27
N TYR C 65 32.57 18.46 -19.46
CA TYR C 65 31.75 17.26 -19.55
C TYR C 65 32.49 16.04 -19.01
N VAL C 66 33.74 15.87 -19.41
CA VAL C 66 34.52 14.71 -18.99
C VAL C 66 34.68 14.72 -17.47
N LYS C 67 34.94 15.89 -16.88
CA LYS C 67 35.16 15.97 -15.45
C LYS C 67 33.95 15.47 -14.69
N GLU C 68 32.75 15.86 -15.12
CA GLU C 68 31.56 15.34 -14.45
C GLU C 68 31.28 13.90 -14.85
N TRP C 69 31.45 13.57 -16.13
CA TRP C 69 31.13 12.22 -16.62
C TRP C 69 31.99 11.17 -15.92
N ALA C 70 33.27 11.46 -15.68
CA ALA C 70 34.12 10.49 -15.00
C ALA C 70 33.61 10.20 -13.60
N LYS C 71 32.92 11.16 -12.96
CA LYS C 71 32.33 10.92 -11.65
C LYS C 71 31.20 9.90 -11.70
N THR C 72 30.55 9.72 -12.85
CA THR C 72 29.35 8.89 -12.92
C THR C 72 29.65 7.45 -13.32
N VAL C 73 30.88 7.13 -13.68
CA VAL C 73 31.28 5.77 -14.04
C VAL C 73 32.58 5.45 -13.32
N GLY C 74 32.82 4.17 -13.09
CA GLY C 74 34.08 3.77 -12.52
C GLY C 74 34.09 3.65 -11.01
N PRO C 75 35.18 4.12 -10.38
CA PRO C 75 35.46 3.67 -9.00
C PRO C 75 34.56 4.28 -7.94
N ASN C 76 34.28 5.58 -8.00
CA ASN C 76 33.53 6.27 -6.96
C ASN C 76 32.17 6.73 -7.45
N SER C 77 31.57 6.02 -8.40
CA SER C 77 30.31 6.47 -8.95
C SER C 77 29.15 6.23 -7.98
N ASP C 78 29.31 5.37 -6.98
CA ASP C 78 28.22 5.15 -6.03
C ASP C 78 27.87 6.44 -5.31
N GLU C 79 28.88 7.21 -4.88
CA GLU C 79 28.60 8.45 -4.18
C GLU C 79 27.85 9.42 -5.07
N TRP C 80 28.26 9.53 -6.33
CA TRP C 80 27.61 10.44 -7.26
C TRP C 80 26.16 10.04 -7.49
N TRP C 81 25.92 8.76 -7.73
CA TRP C 81 24.57 8.30 -8.05
C TRP C 81 23.67 8.34 -6.82
N ALA C 82 24.19 8.04 -5.64
CA ALA C 82 23.38 8.16 -4.44
C ALA C 82 22.93 9.60 -4.24
N ALA C 83 23.82 10.56 -4.46
CA ALA C 83 23.47 11.97 -4.28
C ALA C 83 22.42 12.41 -5.29
N LYS C 84 22.60 12.06 -6.56
CA LYS C 84 21.65 12.48 -7.59
C LYS C 84 20.27 11.88 -7.33
N ALA C 85 20.22 10.60 -6.91
CA ALA C 85 18.94 9.97 -6.63
C ALA C 85 18.20 10.67 -5.51
N ARG C 86 18.91 11.06 -4.44
CA ARG C 86 18.26 11.70 -3.32
C ARG C 86 17.88 13.14 -3.64
N GLU C 87 18.64 13.81 -4.51
CA GLU C 87 18.29 15.16 -4.92
C GLU C 87 17.13 15.19 -5.91
N THR C 88 17.12 14.27 -6.87
CA THR C 88 16.17 14.35 -7.97
C THR C 88 14.77 13.89 -7.58
N LEU C 89 14.66 12.85 -6.75
CA LEU C 89 13.38 12.20 -6.52
C LEU C 89 12.94 12.29 -5.06
N ASP C 90 11.63 12.23 -4.85
CA ASP C 90 11.05 12.15 -3.51
C ASP C 90 10.80 10.69 -3.16
N TRP C 91 11.42 10.24 -2.06
CA TRP C 91 11.33 8.86 -1.61
C TRP C 91 10.46 8.80 -0.36
N TYR C 92 9.62 7.78 -0.27
CA TYR C 92 8.95 7.46 0.99
C TYR C 92 9.90 6.80 1.97
N ASP C 93 10.76 5.90 1.47
CA ASP C 93 11.79 5.23 2.24
C ASP C 93 13.14 5.40 1.55
N ASP C 94 14.17 5.68 2.34
CA ASP C 94 15.49 5.87 1.77
C ASP C 94 16.06 4.54 1.29
N PHE C 95 17.01 4.62 0.36
CA PHE C 95 17.74 3.43 -0.07
C PHE C 95 19.05 3.32 0.71
N LYS C 96 19.56 2.09 0.81
CA LYS C 96 20.85 1.82 1.44
C LYS C 96 21.90 1.41 0.43
N THR C 97 21.60 0.43 -0.42
CA THR C 97 22.51 0.01 -1.48
C THR C 97 22.29 0.88 -2.71
N VAL C 98 23.39 1.29 -3.35
CA VAL C 98 23.25 2.07 -4.57
C VAL C 98 23.00 1.17 -5.77
N ARG C 99 23.84 0.16 -5.97
CA ARG C 99 23.69 -0.72 -7.13
C ARG C 99 24.14 -2.13 -6.80
N ALA C 100 23.56 -3.10 -7.53
CA ALA C 100 23.96 -4.49 -7.46
C ALA C 100 23.51 -5.19 -8.73
N GLY C 101 23.93 -6.43 -8.88
CA GLY C 101 23.55 -7.19 -10.06
C GLY C 101 24.40 -6.81 -11.25
N GLY C 102 24.02 -7.35 -12.41
CA GLY C 102 24.79 -7.11 -13.61
C GLY C 102 24.19 -7.84 -14.79
N PHE C 103 24.95 -7.82 -15.90
CA PHE C 103 24.45 -8.35 -17.16
C PHE C 103 24.30 -9.86 -17.14
N GLU C 104 25.19 -10.57 -16.42
CA GLU C 104 25.31 -12.02 -16.59
C GLU C 104 23.99 -12.75 -16.31
N HIS C 105 23.32 -12.43 -15.21
CA HIS C 105 22.11 -13.15 -14.84
C HIS C 105 20.84 -12.31 -14.96
N GLY C 106 20.97 -11.05 -15.34
CA GLY C 106 19.82 -10.18 -15.42
C GLY C 106 19.23 -9.96 -14.05
N ASP C 107 20.07 -9.60 -13.08
CA ASP C 107 19.63 -9.27 -11.73
C ASP C 107 19.97 -7.84 -11.36
N VAL C 108 19.83 -6.92 -12.33
CA VAL C 108 20.23 -5.53 -12.13
C VAL C 108 19.37 -4.91 -11.02
N GLN C 109 20.03 -4.21 -10.09
CA GLN C 109 19.36 -3.52 -9.00
C GLN C 109 19.97 -2.13 -8.79
N TRP C 110 19.10 -1.13 -8.59
CA TRP C 110 19.52 0.22 -8.23
C TRP C 110 18.66 0.72 -7.09
N PHE C 111 19.28 1.24 -6.05
CA PHE C 111 18.59 1.76 -4.87
C PHE C 111 17.52 0.78 -4.37
N PRO C 112 17.87 -0.51 -4.23
CA PRO C 112 16.82 -1.53 -4.05
C PRO C 112 15.98 -1.37 -2.82
N GLU C 113 16.53 -0.88 -1.71
CA GLU C 113 15.76 -0.79 -0.48
C GLU C 113 14.80 0.40 -0.44
N GLY C 114 14.95 1.37 -1.34
CA GLY C 114 14.12 2.55 -1.28
C GLY C 114 12.72 2.32 -1.82
N THR C 115 11.79 3.17 -1.38
CA THR C 115 10.44 3.16 -1.92
C THR C 115 10.04 4.57 -2.33
N LEU C 116 9.22 4.64 -3.37
CA LEU C 116 8.83 5.89 -4.01
C LEU C 116 7.61 5.61 -4.87
N ASN C 117 7.14 6.64 -5.57
CA ASN C 117 6.03 6.49 -6.50
C ASN C 117 6.24 7.42 -7.69
N ALA C 118 6.07 6.88 -8.90
CA ALA C 118 6.29 7.70 -10.10
C ALA C 118 5.28 8.84 -10.18
N ALA C 119 4.03 8.57 -9.84
CA ALA C 119 3.01 9.61 -9.92
C ALA C 119 3.31 10.74 -8.93
N TYR C 120 3.81 10.40 -7.73
CA TYR C 120 4.10 11.45 -6.76
C TYR C 120 5.21 12.38 -7.26
N ASN C 121 6.27 11.82 -7.85
CA ASN C 121 7.38 12.63 -8.31
C ASN C 121 7.03 13.41 -9.56
N CYS C 122 6.06 12.96 -10.35
CA CYS C 122 5.69 13.68 -11.57
C CYS C 122 4.50 14.62 -11.37
N LEU C 123 3.60 14.33 -10.44
CA LEU C 123 2.43 15.17 -10.22
C LEU C 123 2.40 15.77 -8.83
N ASP C 124 2.33 14.94 -7.77
CA ASP C 124 1.92 15.43 -6.46
C ASP C 124 2.85 16.50 -5.96
N ARG C 125 4.15 16.22 -5.95
CA ARG C 125 5.10 17.14 -5.32
C ARG C 125 5.15 18.47 -6.05
N HIS C 126 4.89 18.48 -7.35
CA HIS C 126 4.85 19.75 -8.09
C HIS C 126 3.54 20.48 -7.86
N TYR C 127 2.42 19.76 -7.90
CA TYR C 127 1.13 20.36 -7.57
C TYR C 127 1.15 20.97 -6.17
N TYR C 128 1.83 20.33 -5.22
CA TYR C 128 1.94 20.91 -3.89
C TYR C 128 2.74 22.21 -3.90
N LYS C 129 3.67 22.37 -4.84
CA LYS C 129 4.50 23.57 -4.86
C LYS C 129 3.89 24.69 -5.70
N ASN C 130 3.36 24.36 -6.88
CA ASN C 130 2.75 25.35 -7.77
C ASN C 130 1.60 24.69 -8.51
N PRO C 131 0.42 24.62 -7.89
CA PRO C 131 -0.70 23.90 -8.50
C PRO C 131 -1.15 24.46 -9.83
N LYS C 132 -1.09 25.78 -10.02
CA LYS C 132 -1.60 26.40 -11.23
C LYS C 132 -0.59 26.42 -12.36
N LYS C 133 0.65 25.98 -12.12
CA LYS C 133 1.62 25.91 -13.19
C LYS C 133 1.19 24.89 -14.23
N THR C 134 1.37 25.26 -15.50
CA THR C 134 1.03 24.35 -16.58
C THR C 134 1.94 23.13 -16.58
N ALA C 135 1.33 21.95 -16.56
CA ALA C 135 2.06 20.69 -16.68
C ALA C 135 2.19 20.28 -18.14
N ILE C 136 1.09 20.33 -18.89
CA ILE C 136 1.06 19.95 -20.30
C ILE C 136 0.55 21.13 -21.13
N ILE C 137 1.33 21.49 -22.15
CA ILE C 137 0.82 22.28 -23.27
C ILE C 137 0.24 21.26 -24.23
N TYR C 138 -1.09 21.16 -24.24
CA TYR C 138 -1.79 20.21 -25.12
C TYR C 138 -2.02 20.90 -26.46
N GLU C 139 -1.17 20.58 -27.43
CA GLU C 139 -1.37 21.09 -28.79
C GLU C 139 -2.33 20.13 -29.49
N ALA C 140 -3.58 20.53 -29.57
CA ALA C 140 -4.60 19.69 -30.18
C ALA C 140 -4.38 19.61 -31.69
N ASP C 141 -5.04 18.63 -32.30
CA ASP C 141 -4.95 18.48 -33.75
C ASP C 141 -5.40 19.75 -34.46
N GLU C 142 -6.55 20.28 -34.07
CA GLU C 142 -6.96 21.61 -34.51
C GLU C 142 -6.29 22.67 -33.62
N PRO C 143 -5.56 23.63 -34.20
CA PRO C 143 -4.82 24.59 -33.37
C PRO C 143 -5.71 25.37 -32.41
N SER C 144 -6.95 25.67 -32.79
CA SER C 144 -7.83 26.43 -31.92
C SER C 144 -8.25 25.64 -30.69
N GLU C 145 -8.20 24.31 -30.75
CA GLU C 145 -8.54 23.45 -29.62
C GLU C 145 -7.39 23.24 -28.65
N SER C 146 -6.24 23.86 -28.89
CA SER C 146 -5.11 23.72 -27.96
C SER C 146 -5.37 24.50 -26.68
N ARG C 147 -4.83 23.99 -25.59
CA ARG C 147 -4.99 24.63 -24.29
C ARG C 147 -3.92 24.09 -23.33
N GLU C 148 -3.76 24.78 -22.21
CA GLU C 148 -2.81 24.39 -21.18
C GLU C 148 -3.50 23.57 -20.11
N VAL C 149 -2.85 22.47 -19.69
CA VAL C 149 -3.35 21.64 -18.61
C VAL C 149 -2.40 21.81 -17.44
N SER C 150 -2.93 22.30 -16.32
CA SER C 150 -2.14 22.55 -15.14
C SER C 150 -1.83 21.26 -14.40
N TYR C 151 -0.90 21.36 -13.44
CA TYR C 151 -0.61 20.22 -12.56
C TYR C 151 -1.84 19.84 -11.74
N GLU C 152 -2.64 20.82 -11.32
CA GLU C 152 -3.88 20.52 -10.60
C GLU C 152 -4.85 19.72 -11.47
N GLU C 153 -5.03 20.13 -12.73
CA GLU C 153 -5.95 19.41 -13.58
C GLU C 153 -5.42 18.00 -13.92
N LEU C 154 -4.13 17.90 -14.26
CA LEU C 154 -3.58 16.60 -14.61
C LEU C 154 -3.64 15.64 -13.44
N MET C 155 -3.32 16.12 -12.23
CA MET C 155 -3.35 15.24 -11.07
C MET C 155 -4.77 14.78 -10.77
N GLN C 156 -5.73 15.71 -10.77
CA GLN C 156 -7.11 15.33 -10.49
C GLN C 156 -7.60 14.30 -11.50
N GLU C 157 -7.29 14.50 -12.77
CA GLU C 157 -7.69 13.53 -13.78
C GLU C 157 -6.97 12.19 -13.58
N THR C 158 -5.69 12.24 -13.20
CA THR C 158 -4.96 10.99 -12.92
C THR C 158 -5.58 10.24 -11.75
N CYS C 159 -5.90 10.93 -10.66
CA CYS C 159 -6.49 10.29 -9.49
C CYS C 159 -7.87 9.70 -9.77
N ARG C 160 -8.69 10.40 -10.56
CA ARG C 160 -9.99 9.85 -10.90
C ARG C 160 -9.84 8.51 -11.61
N VAL C 161 -8.94 8.44 -12.59
CA VAL C 161 -8.74 7.19 -13.33
C VAL C 161 -8.19 6.11 -12.40
N ALA C 162 -7.20 6.46 -11.57
CA ALA C 162 -6.67 5.49 -10.62
C ALA C 162 -7.77 4.91 -9.74
N ASN C 163 -8.68 5.77 -9.26
CA ASN C 163 -9.80 5.29 -8.46
C ASN C 163 -10.70 4.37 -9.28
N VAL C 164 -10.94 4.71 -10.55
CA VAL C 164 -11.71 3.83 -11.42
C VAL C 164 -11.00 2.47 -11.55
N LEU C 165 -9.69 2.51 -11.77
CA LEU C 165 -8.93 1.27 -11.93
C LEU C 165 -9.00 0.40 -10.68
N LYS C 166 -8.87 1.01 -9.51
CA LYS C 166 -8.98 0.25 -8.27
C LYS C 166 -10.36 -0.39 -8.15
N SER C 167 -11.41 0.35 -8.52
CA SER C 167 -12.76 -0.19 -8.44
C SER C 167 -12.95 -1.40 -9.35
N TYR C 168 -12.22 -1.46 -10.46
CA TYR C 168 -12.25 -2.63 -11.33
C TYR C 168 -11.52 -3.82 -10.73
N GLY C 169 -10.84 -3.63 -9.60
CA GLY C 169 -10.07 -4.68 -8.97
C GLY C 169 -8.61 -4.69 -9.31
N VAL C 170 -8.11 -3.70 -10.06
CA VAL C 170 -6.70 -3.68 -10.40
C VAL C 170 -5.88 -3.51 -9.15
N LYS C 171 -4.90 -4.38 -8.95
CA LYS C 171 -4.03 -4.40 -7.79
C LYS C 171 -2.60 -4.08 -8.23
N LYS C 172 -1.75 -3.82 -7.23
CA LYS C 172 -0.34 -3.63 -7.49
C LYS C 172 0.24 -4.82 -8.26
N GLY C 173 0.98 -4.52 -9.32
CA GLY C 173 1.58 -5.54 -10.16
C GLY C 173 0.77 -5.99 -11.36
N ASP C 174 -0.49 -5.56 -11.48
CA ASP C 174 -1.32 -5.98 -12.61
C ASP C 174 -0.97 -5.17 -13.85
N ALA C 175 -1.02 -5.82 -15.01
CA ALA C 175 -0.80 -5.13 -16.27
C ALA C 175 -2.08 -4.45 -16.75
N VAL C 176 -1.93 -3.22 -17.25
CA VAL C 176 -3.02 -2.47 -17.87
C VAL C 176 -2.57 -2.03 -19.25
N SER C 177 -3.29 -2.45 -20.28
CA SER C 177 -2.95 -2.04 -21.65
C SER C 177 -3.58 -0.70 -21.98
N ILE C 178 -2.80 0.16 -22.63
CA ILE C 178 -3.24 1.49 -23.02
C ILE C 178 -3.10 1.63 -24.53
N TYR C 179 -4.18 2.02 -25.19
CA TYR C 179 -4.23 2.23 -26.63
C TYR C 179 -4.82 3.63 -26.83
N LEU C 180 -3.96 4.65 -26.77
CA LEU C 180 -4.42 6.05 -26.75
C LEU C 180 -3.66 6.89 -27.78
N PRO C 181 -4.37 7.77 -28.48
CA PRO C 181 -3.70 8.74 -29.35
C PRO C 181 -3.16 9.90 -28.53
N MET C 182 -2.51 10.84 -29.22
CA MET C 182 -1.74 11.88 -28.55
C MET C 182 -2.64 12.99 -28.02
N THR C 183 -3.53 12.62 -27.11
CA THR C 183 -4.32 13.56 -26.33
C THR C 183 -3.79 13.58 -24.90
N TRP C 184 -3.99 14.71 -24.21
CA TRP C 184 -3.26 14.93 -22.96
C TRP C 184 -3.65 13.94 -21.86
N GLN C 185 -4.85 13.36 -21.91
CA GLN C 185 -5.23 12.39 -20.89
C GLN C 185 -4.38 11.12 -20.92
N ALA C 186 -3.60 10.91 -21.98
CA ALA C 186 -2.71 9.76 -22.01
C ALA C 186 -1.71 9.81 -20.87
N ALA C 187 -1.20 11.00 -20.54
CA ALA C 187 -0.33 11.13 -19.38
C ALA C 187 -1.09 10.75 -18.10
N ALA C 188 -2.34 11.18 -17.98
CA ALA C 188 -3.16 10.78 -16.84
C ALA C 188 -3.36 9.28 -16.81
N ALA C 189 -3.52 8.65 -17.97
CA ALA C 189 -3.67 7.20 -18.02
C ALA C 189 -2.40 6.50 -17.54
N PHE C 190 -1.24 6.95 -18.03
CA PHE C 190 0.02 6.38 -17.57
C PHE C 190 0.17 6.54 -16.07
N LEU C 191 0.07 7.78 -15.59
CA LEU C 191 0.37 8.05 -14.20
C LEU C 191 -0.64 7.41 -13.26
N ALA C 192 -1.87 7.16 -13.74
CA ALA C 192 -2.83 6.43 -12.92
C ALA C 192 -2.36 5.02 -12.63
N CYS C 193 -1.82 4.33 -13.64
CA CYS C 193 -1.28 2.99 -13.41
C CYS C 193 -0.07 3.06 -12.48
N ALA C 194 0.84 4.00 -12.72
CA ALA C 194 1.99 4.16 -11.85
C ALA C 194 1.58 4.54 -10.44
N ARG C 195 0.46 5.27 -10.29
CA ARG C 195 0.02 5.69 -8.98
C ARG C 195 -0.37 4.49 -8.11
N ILE C 196 -1.10 3.53 -8.68
CA ILE C 196 -1.61 2.42 -7.88
C ILE C 196 -0.69 1.21 -7.92
N GLY C 197 0.48 1.35 -8.55
CA GLY C 197 1.39 0.23 -8.66
C GLY C 197 1.10 -0.71 -9.80
N ALA C 198 0.15 -0.37 -10.67
CA ALA C 198 -0.13 -1.14 -11.86
C ALA C 198 0.97 -0.95 -12.90
N ILE C 199 1.02 -1.89 -13.85
CA ILE C 199 2.04 -1.90 -14.90
C ILE C 199 1.35 -1.56 -16.22
N HIS C 200 1.50 -0.31 -16.67
CA HIS C 200 0.86 0.07 -17.93
C HIS C 200 1.66 -0.46 -19.11
N SER C 201 0.95 -0.84 -20.16
CA SER C 201 1.56 -1.29 -21.42
C SER C 201 0.95 -0.49 -22.57
N ALA C 202 1.67 0.55 -23.02
CA ALA C 202 1.14 1.41 -24.06
C ALA C 202 1.34 0.80 -25.44
N VAL C 203 0.31 0.88 -26.27
CA VAL C 203 0.34 0.41 -27.64
C VAL C 203 0.07 1.60 -28.55
N PHE C 204 0.95 1.83 -29.52
CA PHE C 204 0.84 2.96 -30.42
C PHE C 204 -0.53 2.99 -31.10
N ALA C 205 -1.24 4.12 -30.94
CA ALA C 205 -2.56 4.28 -31.53
C ALA C 205 -2.41 4.37 -33.05
N GLY C 206 -2.84 3.34 -33.75
CA GLY C 206 -2.60 3.25 -35.17
C GLY C 206 -2.11 1.86 -35.52
N PHE C 207 -1.65 1.13 -34.50
CA PHE C 207 -1.36 -0.28 -34.69
C PHE C 207 -2.61 -1.03 -35.12
N SER C 208 -2.41 -2.05 -35.96
CA SER C 208 -3.48 -2.88 -36.45
C SER C 208 -4.14 -3.63 -35.30
N ALA C 209 -5.29 -4.24 -35.59
CA ALA C 209 -5.96 -5.06 -34.60
C ALA C 209 -5.09 -6.25 -34.19
N GLU C 210 -4.37 -6.83 -35.16
CA GLU C 210 -3.49 -7.96 -34.85
C GLU C 210 -2.33 -7.54 -33.97
N SER C 211 -1.71 -6.39 -34.26
CA SER C 211 -0.59 -5.92 -33.45
C SER C 211 -1.04 -5.57 -32.03
N LEU C 212 -2.19 -4.91 -31.89
CA LEU C 212 -2.73 -4.63 -30.57
C LEU C 212 -3.11 -5.91 -29.83
N ARG C 213 -3.66 -6.89 -30.56
CA ARG C 213 -4.07 -8.14 -29.94
C ARG C 213 -2.89 -8.90 -29.35
N ASP C 214 -1.78 -8.98 -30.08
CA ASP C 214 -0.62 -9.72 -29.59
C ASP C 214 -0.07 -9.11 -28.31
N ARG C 215 0.01 -7.78 -28.25
CA ARG C 215 0.53 -7.10 -27.07
C ARG C 215 -0.43 -7.22 -25.90
N VAL C 216 -1.73 -7.12 -26.14
CA VAL C 216 -2.72 -7.26 -25.06
C VAL C 216 -2.66 -8.65 -24.46
N ASN C 217 -2.55 -9.67 -25.30
CA ASN C 217 -2.51 -11.03 -24.79
C ASN C 217 -1.19 -11.32 -24.07
N ASP C 218 -0.07 -10.77 -24.56
CA ASP C 218 1.22 -11.10 -23.97
C ASP C 218 1.36 -10.55 -22.56
N CYS C 219 0.86 -9.34 -22.29
CA CYS C 219 0.97 -8.78 -20.95
C CYS C 219 -0.12 -9.27 -20.02
N GLU C 220 -1.09 -10.03 -20.53
CA GLU C 220 -2.11 -10.69 -19.71
C GLU C 220 -2.94 -9.68 -18.92
N CYS C 221 -3.07 -8.47 -19.45
CA CYS C 221 -3.87 -7.44 -18.79
C CYS C 221 -5.34 -7.82 -18.77
N LYS C 222 -6.04 -7.34 -17.74
CA LYS C 222 -7.48 -7.53 -17.62
C LYS C 222 -8.25 -6.23 -17.85
N VAL C 223 -7.55 -5.11 -18.04
CA VAL C 223 -8.16 -3.79 -18.23
C VAL C 223 -7.49 -3.12 -19.42
N LEU C 224 -8.30 -2.55 -20.32
CA LEU C 224 -7.78 -1.80 -21.45
C LEU C 224 -8.33 -0.37 -21.40
N ILE C 225 -7.44 0.60 -21.55
CA ILE C 225 -7.81 2.01 -21.63
C ILE C 225 -7.63 2.45 -23.07
N THR C 226 -8.70 2.97 -23.67
CA THR C 226 -8.64 3.39 -25.06
C THR C 226 -9.56 4.60 -25.23
N THR C 227 -9.67 5.05 -26.47
CA THR C 227 -10.50 6.18 -26.83
C THR C 227 -11.50 5.74 -27.88
N ASP C 228 -12.58 6.53 -28.02
CA ASP C 228 -13.55 6.24 -29.06
C ASP C 228 -12.96 6.42 -30.45
N GLU C 229 -12.27 7.54 -30.67
CA GLU C 229 -11.63 7.85 -31.93
C GLU C 229 -10.38 8.68 -31.68
N GLY C 230 -9.43 8.59 -32.61
CA GLY C 230 -8.28 9.46 -32.60
C GLY C 230 -8.39 10.52 -33.69
N ARG C 231 -7.61 11.58 -33.55
CA ARG C 231 -7.52 12.66 -34.52
C ARG C 231 -6.06 13.00 -34.74
N ARG C 232 -5.64 13.04 -36.01
CA ARG C 232 -4.26 13.43 -36.32
C ARG C 232 -4.22 13.96 -37.75
N GLY C 233 -3.76 15.20 -37.90
CA GLY C 233 -3.61 15.78 -39.21
C GLY C 233 -4.90 15.89 -40.00
N GLY C 234 -6.02 16.09 -39.31
CA GLY C 234 -7.31 16.20 -39.96
C GLY C 234 -7.97 14.87 -40.32
N LYS C 235 -7.30 13.75 -40.08
CA LYS C 235 -7.86 12.43 -40.33
C LYS C 235 -8.25 11.76 -39.01
N THR C 236 -9.22 10.86 -39.07
CA THR C 236 -9.78 10.20 -37.89
C THR C 236 -9.18 8.80 -37.74
N ILE C 237 -8.70 8.49 -36.54
CA ILE C 237 -8.20 7.16 -36.20
C ILE C 237 -9.35 6.39 -35.53
N ALA C 238 -9.77 5.29 -36.17
CA ALA C 238 -10.92 4.51 -35.67
C ALA C 238 -10.52 3.54 -34.55
N THR C 239 -10.06 4.12 -33.44
CA THR C 239 -9.46 3.34 -32.36
C THR C 239 -10.43 2.32 -31.79
N LYS C 240 -11.64 2.74 -31.41
CA LYS C 240 -12.57 1.82 -30.77
C LYS C 240 -12.98 0.70 -31.72
N GLN C 241 -13.14 1.01 -33.00
CA GLN C 241 -13.39 -0.05 -33.97
C GLN C 241 -12.26 -1.06 -34.00
N ILE C 242 -11.01 -0.58 -33.98
CA ILE C 242 -9.86 -1.49 -33.94
C ILE C 242 -9.85 -2.27 -32.63
N VAL C 243 -10.16 -1.61 -31.52
CA VAL C 243 -10.17 -2.27 -30.22
C VAL C 243 -11.17 -3.41 -30.21
N ASP C 244 -12.38 -3.15 -30.74
CA ASP C 244 -13.39 -4.20 -30.77
C ASP C 244 -12.93 -5.39 -31.61
N ALA C 245 -12.31 -5.11 -32.76
CA ALA C 245 -11.81 -6.18 -33.62
C ALA C 245 -10.72 -6.98 -32.90
N ALA C 246 -9.81 -6.30 -32.20
CA ALA C 246 -8.73 -6.98 -31.51
C ALA C 246 -9.24 -7.78 -30.31
N LEU C 247 -10.18 -7.22 -29.55
CA LEU C 247 -10.63 -7.86 -28.31
C LEU C 247 -11.34 -9.18 -28.54
N GLN C 248 -11.82 -9.44 -29.76
CA GLN C 248 -12.42 -10.75 -30.05
C GLN C 248 -11.43 -11.89 -29.87
N GLN C 249 -10.13 -11.60 -29.90
CA GLN C 249 -9.10 -12.61 -29.68
C GLN C 249 -8.27 -12.31 -28.44
N CYS C 250 -8.88 -11.64 -27.46
CA CYS C 250 -8.21 -11.29 -26.20
C CYS C 250 -9.12 -11.76 -25.08
N PRO C 251 -9.12 -13.05 -24.77
CA PRO C 251 -10.07 -13.58 -23.78
C PRO C 251 -9.89 -13.06 -22.37
N LEU C 252 -8.71 -12.53 -22.02
CA LEU C 252 -8.46 -12.12 -20.64
C LEU C 252 -9.05 -10.75 -20.30
N VAL C 253 -9.30 -9.89 -21.28
CA VAL C 253 -9.73 -8.52 -21.00
C VAL C 253 -11.18 -8.51 -20.54
N GLU C 254 -11.42 -7.93 -19.37
CA GLU C 254 -12.76 -7.84 -18.79
C GLU C 254 -13.33 -6.43 -18.79
N ASN C 255 -12.52 -5.41 -18.61
CA ASN C 255 -12.98 -4.04 -18.57
C ASN C 255 -12.27 -3.20 -19.63
N VAL C 256 -13.04 -2.36 -20.30
CA VAL C 256 -12.50 -1.38 -21.24
C VAL C 256 -13.00 -0.01 -20.83
N LEU C 257 -12.08 0.92 -20.65
CA LEU C 257 -12.40 2.30 -20.32
C LEU C 257 -12.23 3.17 -21.56
N VAL C 258 -13.31 3.80 -22.02
CA VAL C 258 -13.33 4.47 -23.32
C VAL C 258 -13.39 5.98 -23.13
N LEU C 259 -12.33 6.69 -23.53
CA LEU C 259 -12.31 8.14 -23.52
C LEU C 259 -13.09 8.70 -24.70
N ARG C 260 -13.90 9.72 -24.42
CA ARG C 260 -14.76 10.33 -25.44
C ARG C 260 -13.97 11.47 -26.09
N ARG C 261 -13.05 11.10 -26.97
CA ARG C 261 -12.18 12.09 -27.60
C ARG C 261 -12.92 12.90 -28.66
N THR C 262 -13.81 12.26 -29.42
CA THR C 262 -14.56 12.95 -30.46
C THR C 262 -16.06 12.97 -30.18
N GLY C 263 -16.59 12.02 -29.43
CA GLY C 263 -18.00 11.96 -29.15
C GLY C 263 -18.83 11.39 -30.27
N ASN C 264 -18.20 10.94 -31.35
CA ASN C 264 -18.91 10.30 -32.45
C ASN C 264 -19.42 8.92 -32.04
N LYS C 265 -20.40 8.44 -32.81
CA LYS C 265 -21.03 7.16 -32.52
C LYS C 265 -20.01 6.05 -32.72
N VAL C 266 -19.78 5.26 -31.67
CA VAL C 266 -18.91 4.09 -31.74
C VAL C 266 -19.56 2.92 -31.03
N PRO C 267 -19.29 1.70 -31.50
CA PRO C 267 -19.88 0.53 -30.85
C PRO C 267 -19.36 0.35 -29.44
N MET C 268 -20.27 0.10 -28.50
CA MET C 268 -19.93 -0.11 -27.10
C MET C 268 -20.59 -1.41 -26.64
N THR C 269 -19.80 -2.30 -26.04
CA THR C 269 -20.30 -3.58 -25.56
C THR C 269 -20.77 -3.43 -24.12
N GLU C 270 -22.03 -3.79 -23.87
CA GLU C 270 -22.59 -3.70 -22.53
C GLU C 270 -21.84 -4.60 -21.57
N GLY C 271 -21.55 -4.08 -20.37
CA GLY C 271 -20.79 -4.80 -19.37
C GLY C 271 -19.30 -4.58 -19.51
N ARG C 272 -18.74 -4.89 -20.68
CA ARG C 272 -17.29 -4.76 -20.87
C ARG C 272 -16.88 -3.28 -20.94
N ASP C 273 -17.63 -2.46 -21.66
CA ASP C 273 -17.23 -1.10 -22.00
C ASP C 273 -17.95 -0.07 -21.14
N LYS C 274 -17.20 0.90 -20.61
CA LYS C 274 -17.76 2.02 -19.89
C LYS C 274 -17.08 3.29 -20.37
N TRP C 275 -17.77 4.42 -20.20
CA TRP C 275 -17.23 5.71 -20.62
C TRP C 275 -16.28 6.28 -19.57
N TRP C 276 -15.11 6.75 -20.03
CA TRP C 276 -14.10 7.34 -19.14
C TRP C 276 -14.69 8.46 -18.28
N ASP C 277 -15.35 9.42 -18.92
CA ASP C 277 -15.88 10.56 -18.17
C ASP C 277 -16.97 10.14 -17.21
N GLU C 278 -17.86 9.23 -17.63
CA GLU C 278 -18.93 8.78 -16.74
C GLU C 278 -18.38 8.01 -15.56
N GLU C 279 -17.39 7.14 -15.80
CA GLU C 279 -16.77 6.40 -14.70
C GLU C 279 -16.05 7.32 -13.74
N CYS C 280 -15.32 8.30 -14.26
CA CYS C 280 -14.58 9.22 -13.40
C CYS C 280 -15.52 10.12 -12.61
N ALA C 281 -16.73 10.36 -13.12
CA ALA C 281 -17.68 11.19 -12.39
C ALA C 281 -18.05 10.59 -11.05
N LYS C 282 -17.99 9.26 -10.92
CA LYS C 282 -18.36 8.61 -9.68
C LYS C 282 -17.24 8.56 -8.65
N MET C 283 -16.00 8.85 -9.04
CA MET C 283 -14.84 8.66 -8.18
C MET C 283 -14.31 9.99 -7.63
N PRO C 284 -13.62 9.97 -6.49
CA PRO C 284 -13.00 11.18 -5.98
C PRO C 284 -11.83 11.61 -6.84
N ALA C 285 -11.47 12.88 -6.72
CA ALA C 285 -10.37 13.47 -7.46
C ALA C 285 -9.03 13.32 -6.75
N TYR C 286 -8.98 12.59 -5.62
CA TYR C 286 -7.70 12.23 -5.02
C TYR C 286 -7.64 10.72 -4.80
N CYS C 287 -6.43 10.19 -4.89
CA CYS C 287 -6.17 8.80 -4.73
C CYS C 287 -4.78 8.66 -4.10
N PRO C 288 -4.64 7.86 -3.04
CA PRO C 288 -3.33 7.72 -2.40
C PRO C 288 -2.33 7.02 -3.29
N CYS C 289 -1.04 7.26 -3.02
CA CYS C 289 0.03 6.67 -3.81
C CYS C 289 0.50 5.36 -3.20
N GLU C 290 0.59 4.32 -4.02
CA GLU C 290 1.17 3.05 -3.58
C GLU C 290 2.68 3.21 -3.43
N ARG C 291 3.21 2.75 -2.29
CA ARG C 291 4.66 2.86 -2.03
C ARG C 291 5.36 1.74 -2.78
N MET C 292 6.11 2.10 -3.81
CA MET C 292 6.68 1.12 -4.73
C MET C 292 8.15 0.88 -4.43
N ALA C 293 8.56 -0.37 -4.48
CA ALA C 293 9.98 -0.68 -4.44
C ALA C 293 10.66 -0.10 -5.67
N SER C 294 11.93 0.30 -5.50
CA SER C 294 12.71 0.77 -6.63
C SER C 294 12.66 -0.23 -7.78
N GLU C 295 12.63 -1.52 -7.47
CA GLU C 295 12.66 -2.55 -8.50
C GLU C 295 11.29 -3.12 -8.81
N ASP C 296 10.23 -2.50 -8.32
CA ASP C 296 8.89 -2.86 -8.78
C ASP C 296 8.74 -2.43 -10.24
N PRO C 297 8.25 -3.30 -11.12
CA PRO C 297 8.12 -2.90 -12.53
C PRO C 297 7.21 -1.70 -12.69
N LEU C 298 7.65 -0.73 -13.49
CA LEU C 298 6.86 0.46 -13.78
C LEU C 298 6.01 0.29 -15.04
N PHE C 299 6.58 -0.31 -16.09
CA PHE C 299 5.78 -0.50 -17.30
C PHE C 299 6.38 -1.59 -18.17
N ILE C 300 5.55 -2.06 -19.10
CA ILE C 300 5.96 -2.92 -20.20
C ILE C 300 5.83 -2.11 -21.47
N LEU C 301 6.88 -2.11 -22.30
CA LEU C 301 6.82 -1.41 -23.59
C LEU C 301 7.25 -2.37 -24.68
N TYR C 302 6.31 -2.70 -25.56
CA TYR C 302 6.59 -3.63 -26.65
C TYR C 302 7.24 -2.89 -27.81
N THR C 303 8.39 -3.38 -28.24
CA THR C 303 9.05 -2.83 -29.41
C THR C 303 8.26 -3.17 -30.68
N SER C 304 8.34 -2.29 -31.66
CA SER C 304 7.60 -2.47 -32.93
C SER C 304 7.88 -3.79 -33.62
N LYS C 309 7.31 -13.04 -32.00
CA LYS C 309 6.68 -12.68 -30.74
C LYS C 309 7.04 -11.25 -30.34
N PRO C 310 6.08 -10.52 -29.77
CA PRO C 310 6.38 -9.16 -29.32
C PRO C 310 7.30 -9.16 -28.10
N LYS C 311 8.23 -8.21 -28.09
CA LYS C 311 9.25 -8.10 -27.04
C LYS C 311 8.83 -7.01 -26.07
N GLY C 312 8.28 -7.42 -24.93
CA GLY C 312 7.85 -6.46 -23.93
C GLY C 312 8.99 -6.06 -23.03
N VAL C 313 9.59 -4.92 -23.33
CA VAL C 313 10.70 -4.42 -22.52
C VAL C 313 10.15 -3.91 -21.19
N VAL C 314 10.72 -4.39 -20.09
CA VAL C 314 10.25 -4.08 -18.75
C VAL C 314 11.22 -3.12 -18.10
N HIS C 315 10.71 -2.04 -17.53
CA HIS C 315 11.52 -1.05 -16.83
C HIS C 315 11.09 -0.97 -15.36
N SER C 316 12.08 -0.81 -14.49
CA SER C 316 11.85 -0.66 -13.06
C SER C 316 11.30 0.74 -12.80
N THR C 317 11.16 1.10 -11.52
CA THR C 317 10.61 2.40 -11.17
C THR C 317 11.70 3.44 -10.91
N ALA C 318 12.55 3.22 -9.91
CA ALA C 318 13.46 4.28 -9.46
C ALA C 318 14.56 4.55 -10.47
N GLY C 319 15.20 3.49 -10.99
CA GLY C 319 16.28 3.69 -11.94
C GLY C 319 15.83 4.36 -13.22
N TYR C 320 14.69 3.93 -13.77
CA TYR C 320 14.13 4.55 -14.96
C TYR C 320 13.76 6.00 -14.68
N LEU C 321 13.10 6.26 -13.55
CA LEU C 321 12.69 7.62 -13.25
C LEU C 321 13.89 8.53 -13.14
N LEU C 322 14.94 8.07 -12.45
CA LEU C 322 16.14 8.88 -12.32
C LEU C 322 16.81 9.10 -13.68
N GLY C 323 16.84 8.06 -14.52
CA GLY C 323 17.48 8.20 -15.83
C GLY C 323 16.79 9.21 -16.72
N THR C 324 15.45 9.18 -16.78
CA THR C 324 14.74 10.15 -17.60
C THR C 324 14.92 11.55 -17.06
N ALA C 325 14.82 11.72 -15.74
CA ALA C 325 14.91 13.05 -15.15
C ALA C 325 16.28 13.67 -15.38
N LEU C 326 17.34 12.88 -15.18
CA LEU C 326 18.70 13.42 -15.34
C LEU C 326 19.02 13.69 -16.81
N THR C 327 18.62 12.79 -17.71
CA THR C 327 18.91 13.02 -19.12
C THR C 327 18.19 14.28 -19.63
N LEU C 328 16.94 14.48 -19.24
CA LEU C 328 16.23 15.68 -19.65
C LEU C 328 16.90 16.93 -19.09
N LYS C 329 17.34 16.88 -17.84
CA LYS C 329 17.95 18.07 -17.23
C LYS C 329 19.27 18.43 -17.88
N TYR C 330 20.06 17.45 -18.31
CA TYR C 330 21.40 17.73 -18.82
C TYR C 330 21.51 17.72 -20.33
N VAL C 331 20.89 16.76 -21.01
CA VAL C 331 21.01 16.70 -22.47
C VAL C 331 20.28 17.88 -23.13
N PHE C 332 19.18 18.34 -22.54
CA PHE C 332 18.44 19.48 -23.07
C PHE C 332 18.61 20.74 -22.25
N ASP C 333 19.42 20.69 -21.19
CA ASP C 333 19.68 21.84 -20.31
C ASP C 333 18.37 22.45 -19.81
N ALA C 334 17.47 21.59 -19.35
CA ALA C 334 16.18 22.05 -18.86
C ALA C 334 16.35 22.81 -17.55
N HIS C 335 15.58 23.87 -17.40
CA HIS C 335 15.61 24.78 -16.26
C HIS C 335 14.20 24.98 -15.75
N PRO C 336 14.04 25.42 -14.49
CA PRO C 336 12.73 25.30 -13.80
C PRO C 336 11.52 25.80 -14.58
N ASP C 337 11.65 26.87 -15.37
CA ASP C 337 10.50 27.44 -16.06
C ASP C 337 10.46 27.07 -17.54
N ASP C 338 11.26 26.10 -17.97
CA ASP C 338 11.30 25.76 -19.38
C ASP C 338 10.00 25.11 -19.83
N ARG C 339 9.77 25.19 -21.14
CA ARG C 339 8.64 24.55 -21.81
C ARG C 339 9.21 23.63 -22.87
N PHE C 340 9.14 22.32 -22.60
CA PHE C 340 9.80 21.28 -23.38
C PHE C 340 8.83 20.72 -24.42
N ALA C 341 9.25 20.73 -25.68
CA ALA C 341 8.40 20.31 -26.79
C ALA C 341 9.00 19.07 -27.46
N CYS C 342 8.60 17.89 -26.99
CA CYS C 342 8.96 16.65 -27.65
C CYS C 342 7.77 16.23 -28.53
N MET C 343 8.01 16.17 -29.85
CA MET C 343 6.94 15.91 -30.80
C MET C 343 6.74 14.42 -31.09
N ALA C 344 7.19 13.55 -30.19
CA ALA C 344 7.09 12.11 -30.39
C ALA C 344 5.70 11.62 -30.01
N ASP C 345 5.50 10.30 -30.04
CA ASP C 345 4.26 9.66 -29.65
C ASP C 345 4.48 8.85 -28.38
N ILE C 346 3.48 8.85 -27.50
CA ILE C 346 3.61 8.10 -26.24
C ILE C 346 3.64 6.60 -26.45
N GLY C 347 3.36 6.12 -27.67
CA GLY C 347 3.53 4.70 -27.93
C GLY C 347 4.97 4.27 -28.09
N TRP C 348 5.89 5.22 -28.23
CA TRP C 348 7.32 4.92 -28.27
C TRP C 348 7.96 5.38 -26.97
N ILE C 349 9.14 4.82 -26.70
CA ILE C 349 9.87 5.14 -25.48
C ILE C 349 10.19 6.62 -25.41
N THR C 350 10.23 7.31 -26.56
CA THR C 350 10.49 8.74 -26.56
C THR C 350 9.38 9.50 -25.83
N GLY C 351 8.13 9.13 -26.10
CA GLY C 351 7.03 9.72 -25.36
C GLY C 351 7.01 9.32 -23.90
N HIS C 352 7.32 8.04 -23.62
CA HIS C 352 7.43 7.59 -22.23
C HIS C 352 8.44 8.44 -21.47
N SER C 353 9.64 8.57 -22.02
CA SER C 353 10.75 9.18 -21.28
C SER C 353 10.77 10.68 -21.38
N TYR C 354 10.49 11.24 -22.57
CA TYR C 354 10.74 12.65 -22.81
C TYR C 354 9.50 13.46 -23.18
N ILE C 355 8.32 12.86 -23.05
CA ILE C 355 7.08 13.62 -23.00
C ILE C 355 6.50 13.62 -21.58
N ILE C 356 6.42 12.44 -20.95
CA ILE C 356 5.74 12.30 -19.68
C ILE C 356 6.72 12.25 -18.51
N TYR C 357 7.55 11.20 -18.43
CA TYR C 357 8.24 10.94 -17.17
C TYR C 357 9.34 11.96 -16.91
N GLY C 358 10.24 12.18 -17.88
CA GLY C 358 11.32 13.11 -17.71
C GLY C 358 10.90 14.53 -17.39
N PRO C 359 10.10 15.15 -18.26
CA PRO C 359 9.68 16.53 -18.00
C PRO C 359 8.84 16.69 -16.73
N LEU C 360 7.86 15.79 -16.53
CA LEU C 360 6.98 15.92 -15.37
C LEU C 360 7.71 15.64 -14.06
N ALA C 361 8.72 14.76 -14.07
CA ALA C 361 9.52 14.58 -12.88
C ALA C 361 10.29 15.86 -12.55
N ASN C 362 10.82 16.53 -13.57
CA ASN C 362 11.52 17.79 -13.37
C ASN C 362 10.59 18.96 -13.09
N GLY C 363 9.27 18.77 -13.18
CA GLY C 363 8.34 19.84 -12.82
C GLY C 363 8.29 20.97 -13.81
N ILE C 364 8.55 20.69 -15.08
CA ILE C 364 8.55 21.73 -16.09
C ILE C 364 7.32 21.50 -16.95
N THR C 365 7.08 22.39 -17.91
CA THR C 365 5.96 22.22 -18.83
C THR C 365 6.40 21.32 -19.99
N THR C 366 5.52 20.38 -20.34
CA THR C 366 5.76 19.42 -21.39
C THR C 366 4.69 19.54 -22.46
N ALA C 367 5.01 19.12 -23.67
CA ALA C 367 4.12 19.26 -24.82
C ALA C 367 3.58 17.90 -25.24
N VAL C 368 2.27 17.82 -25.48
CA VAL C 368 1.64 16.67 -26.11
C VAL C 368 1.12 17.17 -27.45
N PHE C 369 1.74 16.72 -28.54
CA PHE C 369 1.47 17.24 -29.88
C PHE C 369 0.59 16.26 -30.64
N GLU C 370 -0.69 16.62 -30.81
CA GLU C 370 -1.65 15.67 -31.37
C GLU C 370 -1.62 15.62 -32.90
N SER C 371 -1.04 16.62 -33.55
CA SER C 371 -1.11 16.79 -34.99
C SER C 371 0.15 16.22 -35.64
N THR C 372 0.31 16.49 -36.92
CA THR C 372 1.47 16.14 -37.72
C THR C 372 2.34 17.36 -37.97
N PRO C 373 3.56 17.18 -38.48
CA PRO C 373 4.43 18.35 -38.72
C PRO C 373 3.93 19.33 -39.77
N VAL C 374 2.97 18.94 -40.61
CA VAL C 374 2.59 19.77 -41.76
C VAL C 374 1.08 20.02 -41.77
N TYR C 375 0.42 19.78 -40.64
CA TYR C 375 -1.00 20.08 -40.54
C TYR C 375 -1.25 21.14 -39.47
N PRO C 376 -1.98 22.21 -39.80
CA PRO C 376 -2.60 22.47 -41.10
C PRO C 376 -1.63 23.01 -42.15
N THR C 377 -0.50 23.58 -41.77
CA THR C 377 0.49 24.07 -42.72
C THR C 377 1.87 23.62 -42.25
N PRO C 378 2.86 23.62 -43.16
CA PRO C 378 4.23 23.21 -42.77
C PRO C 378 4.90 24.15 -41.77
N SER C 379 4.21 25.17 -41.26
CA SER C 379 4.75 26.02 -40.22
C SER C 379 4.22 25.62 -38.84
N ARG C 380 3.59 24.44 -38.74
CA ARG C 380 2.92 24.05 -37.50
C ARG C 380 3.89 24.01 -36.33
N TYR C 381 5.06 23.40 -36.54
CA TYR C 381 6.06 23.36 -35.48
C TYR C 381 6.43 24.76 -35.03
N TRP C 382 6.61 25.67 -35.97
CA TRP C 382 7.13 27.00 -35.64
C TRP C 382 6.04 27.94 -35.12
N ASP C 383 4.80 27.76 -35.57
CA ASP C 383 3.69 28.44 -34.90
C ASP C 383 3.60 27.97 -33.46
N PHE C 384 3.79 26.68 -33.23
CA PHE C 384 3.76 26.17 -31.86
C PHE C 384 4.86 26.80 -31.02
N VAL C 385 6.08 26.91 -31.56
CA VAL C 385 7.20 27.41 -30.78
C VAL C 385 6.97 28.86 -30.37
N ASP C 386 6.54 29.70 -31.32
CA ASP C 386 6.29 31.10 -30.98
C ASP C 386 5.01 31.29 -30.15
N LYS C 387 4.02 30.42 -30.35
CA LYS C 387 2.76 30.55 -29.61
C LYS C 387 2.99 30.36 -28.11
N TRP C 388 3.75 29.33 -27.73
CA TRP C 388 3.96 29.00 -26.34
C TRP C 388 5.34 29.37 -25.83
N LYS C 389 6.19 29.96 -26.68
CA LYS C 389 7.58 30.27 -26.33
C LYS C 389 8.34 29.02 -25.88
N ALA C 390 8.31 27.99 -26.72
CA ALA C 390 9.01 26.74 -26.38
C ALA C 390 10.51 26.94 -26.31
N THR C 391 11.14 26.33 -25.31
CA THR C 391 12.56 26.51 -25.06
C THR C 391 13.42 25.38 -25.61
N GLN C 392 12.87 24.19 -25.73
CA GLN C 392 13.54 23.06 -26.36
C GLN C 392 12.56 22.39 -27.30
N LEU C 393 13.07 21.91 -28.44
CA LEU C 393 12.29 21.14 -29.39
C LEU C 393 12.98 19.82 -29.64
N TYR C 394 12.20 18.73 -29.65
CA TYR C 394 12.74 17.38 -29.73
C TYR C 394 11.89 16.60 -30.72
N THR C 395 12.47 16.25 -31.87
CA THR C 395 11.71 15.59 -32.92
C THR C 395 12.64 14.62 -33.66
N ALA C 396 12.12 14.02 -34.72
CA ALA C 396 12.82 13.00 -35.50
C ALA C 396 13.30 13.57 -36.82
N PRO C 397 14.40 13.05 -37.38
CA PRO C 397 14.88 13.56 -38.68
C PRO C 397 13.89 13.39 -39.81
N THR C 398 12.95 12.45 -39.72
CA THR C 398 11.92 12.34 -40.74
C THR C 398 11.07 13.61 -40.78
N ALA C 399 10.74 14.17 -39.61
CA ALA C 399 10.01 15.42 -39.57
C ALA C 399 10.87 16.58 -40.07
N ILE C 400 12.15 16.59 -39.70
CA ILE C 400 13.04 17.66 -40.14
C ILE C 400 13.18 17.64 -41.67
N ARG C 401 13.33 16.44 -42.24
CA ARG C 401 13.47 16.33 -43.68
C ARG C 401 12.18 16.73 -44.40
N LEU C 402 11.03 16.41 -43.82
CA LEU C 402 9.76 16.78 -44.40
C LEU C 402 9.60 18.29 -44.48
N LEU C 403 9.97 19.00 -43.40
CA LEU C 403 9.82 20.45 -43.37
C LEU C 403 10.79 21.13 -44.33
N ARG C 404 11.99 20.58 -44.51
CA ARG C 404 12.94 21.17 -45.45
C ARG C 404 12.40 21.15 -46.86
N ARG C 405 11.73 20.06 -47.24
CA ARG C 405 11.12 19.95 -48.56
C ARG C 405 9.89 20.85 -48.72
N MET C 406 9.32 21.36 -47.62
CA MET C 406 8.16 22.24 -47.74
C MET C 406 8.53 23.68 -48.09
N GLY C 407 9.75 24.11 -47.81
CA GLY C 407 10.16 25.46 -48.17
C GLY C 407 10.61 26.31 -47.00
N GLU C 408 11.39 27.35 -47.31
CA GLU C 408 11.90 28.23 -46.27
C GLU C 408 10.85 29.21 -45.76
N ASP C 409 9.82 29.51 -46.56
CA ASP C 409 8.85 30.52 -46.17
C ASP C 409 8.10 30.13 -44.91
N HIS C 410 7.97 28.83 -44.63
CA HIS C 410 7.24 28.40 -43.45
C HIS C 410 8.07 28.50 -42.18
N VAL C 411 9.37 28.77 -42.29
CA VAL C 411 10.22 28.81 -41.10
C VAL C 411 11.01 30.10 -41.07
N LYS C 412 11.27 30.68 -42.26
CA LYS C 412 12.18 31.83 -42.33
C LYS C 412 11.63 33.03 -41.58
N ASN C 413 10.30 33.20 -41.56
CA ASN C 413 9.69 34.40 -41.04
C ASN C 413 9.24 34.27 -39.59
N HIS C 414 9.54 33.15 -38.94
CA HIS C 414 9.18 32.98 -37.54
C HIS C 414 10.25 33.56 -36.62
N ASP C 415 9.88 33.71 -35.35
CA ASP C 415 10.82 34.23 -34.35
C ASP C 415 11.72 33.13 -33.82
N LEU C 416 11.13 32.11 -33.18
CA LEU C 416 11.79 30.89 -32.72
C LEU C 416 12.91 31.18 -31.72
N SER C 417 13.02 32.41 -31.24
CA SER C 417 14.13 32.81 -30.38
C SER C 417 13.95 32.35 -28.94
N SER C 418 12.80 31.78 -28.58
CA SER C 418 12.67 31.17 -27.27
C SER C 418 13.43 29.85 -27.17
N LEU C 419 13.76 29.23 -28.31
CA LEU C 419 14.48 27.96 -28.31
C LEU C 419 15.94 28.17 -27.95
N ARG C 420 16.49 27.20 -27.20
CA ARG C 420 17.92 27.11 -26.93
C ARG C 420 18.51 25.79 -27.40
N VAL C 421 17.74 24.72 -27.39
CA VAL C 421 18.23 23.38 -27.73
C VAL C 421 17.28 22.77 -28.75
N LEU C 422 17.84 22.18 -29.80
CA LEU C 422 17.07 21.44 -30.79
C LEU C 422 17.57 20.01 -30.82
N GLY C 423 16.66 19.05 -30.63
CA GLY C 423 17.00 17.64 -30.44
C GLY C 423 16.52 16.78 -31.59
N SER C 424 17.33 15.78 -31.94
CA SER C 424 17.01 14.82 -32.98
C SER C 424 17.07 13.41 -32.40
N VAL C 425 16.10 12.57 -32.75
CA VAL C 425 15.96 11.24 -32.16
C VAL C 425 15.34 10.29 -33.17
N GLY C 426 15.76 9.02 -33.11
CA GLY C 426 15.10 7.92 -33.82
C GLY C 426 15.96 7.28 -34.88
N GLU C 427 16.84 8.04 -35.51
CA GLU C 427 17.60 7.57 -36.66
C GLU C 427 18.69 8.60 -36.94
N PRO C 428 19.70 8.28 -37.76
CA PRO C 428 20.72 9.28 -38.07
C PRO C 428 20.11 10.52 -38.72
N ILE C 429 20.67 11.68 -38.40
CA ILE C 429 20.24 12.92 -39.02
C ILE C 429 21.28 13.26 -40.08
N ASN C 430 20.84 13.36 -41.33
CA ASN C 430 21.74 13.58 -42.44
C ASN C 430 22.31 14.99 -42.42
N PRO C 431 23.48 15.20 -43.03
CA PRO C 431 24.08 16.55 -43.04
C PRO C 431 23.19 17.64 -43.58
N GLU C 432 22.42 17.36 -44.64
CA GLU C 432 21.49 18.37 -45.16
C GLU C 432 20.44 18.74 -44.11
N ALA C 433 19.86 17.73 -43.45
CA ALA C 433 18.83 18.00 -42.45
C ALA C 433 19.42 18.67 -41.20
N TRP C 434 20.64 18.30 -40.82
CA TRP C 434 21.24 18.93 -39.65
C TRP C 434 21.44 20.43 -39.87
N HIS C 435 21.91 20.81 -41.06
CA HIS C 435 22.14 22.23 -41.33
C HIS C 435 20.83 23.00 -41.45
N TRP C 436 19.80 22.38 -42.06
CA TRP C 436 18.49 23.02 -42.12
C TRP C 436 17.92 23.22 -40.73
N TYR C 437 18.06 22.21 -39.86
CA TYR C 437 17.68 22.35 -38.47
C TYR C 437 18.43 23.50 -37.81
N ASN C 438 19.75 23.57 -38.05
CA ASN C 438 20.58 24.59 -37.44
C ASN C 438 20.30 25.97 -38.01
N ASP C 439 20.17 26.07 -39.33
CA ASP C 439 20.08 27.38 -39.96
C ASP C 439 18.70 28.03 -39.78
N PHE C 440 17.63 27.25 -39.85
CA PHE C 440 16.29 27.81 -39.85
C PHE C 440 15.54 27.60 -38.54
N ALA C 441 15.52 26.38 -38.02
CA ALA C 441 14.86 26.15 -36.74
C ALA C 441 15.60 26.84 -35.60
N GLY C 442 16.93 26.76 -35.59
CA GLY C 442 17.74 27.39 -34.56
C GLY C 442 18.27 28.77 -34.87
N LYS C 443 18.19 29.19 -36.14
CA LYS C 443 18.71 30.49 -36.58
C LYS C 443 20.17 30.68 -36.18
N ASN C 444 20.92 29.58 -36.23
CA ASN C 444 22.35 29.53 -35.90
C ASN C 444 22.62 30.01 -34.47
N GLN C 445 21.66 29.80 -33.57
CA GLN C 445 21.81 30.20 -32.18
C GLN C 445 21.34 29.12 -31.20
N CYS C 446 21.05 27.91 -31.69
CA CYS C 446 20.67 26.78 -30.86
C CYS C 446 21.72 25.69 -30.96
N ALA C 447 21.86 24.95 -29.86
CA ALA C 447 22.66 23.73 -29.87
C ALA C 447 21.81 22.58 -30.42
N ILE C 448 22.39 21.80 -31.33
CA ILE C 448 21.73 20.62 -31.87
C ILE C 448 22.23 19.39 -31.13
N VAL C 449 21.34 18.67 -30.48
CA VAL C 449 21.68 17.45 -29.76
C VAL C 449 21.13 16.26 -30.54
N ASP C 450 22.05 15.46 -31.09
CA ASP C 450 21.72 14.19 -31.74
C ASP C 450 21.76 13.09 -30.68
N THR C 451 20.59 12.54 -30.33
CA THR C 451 20.49 11.58 -29.24
C THR C 451 20.33 10.16 -29.77
N TYR C 452 21.21 9.26 -29.31
CA TYR C 452 21.10 7.83 -29.58
C TYR C 452 20.71 7.10 -28.30
N TRP C 453 19.70 6.24 -28.38
CA TRP C 453 19.31 5.35 -27.29
C TRP C 453 18.32 4.34 -27.84
N MET C 454 17.80 3.49 -26.95
CA MET C 454 16.91 2.40 -27.32
C MET C 454 15.81 2.28 -26.27
N THR C 455 14.80 1.47 -26.58
CA THR C 455 13.77 1.18 -25.60
C THR C 455 14.37 0.54 -24.36
N GLU C 456 15.35 -0.34 -24.55
CA GLU C 456 15.98 -1.04 -23.44
C GLU C 456 16.95 -0.19 -22.64
N THR C 457 17.36 0.97 -23.16
CA THR C 457 18.22 1.84 -22.38
C THR C 457 17.44 2.75 -21.44
N GLY C 458 16.13 2.94 -21.71
CA GLY C 458 15.30 3.71 -20.82
C GLY C 458 15.43 5.20 -21.00
N SER C 459 16.66 5.68 -21.19
CA SER C 459 16.93 7.08 -21.35
C SER C 459 18.04 7.24 -22.40
N ILE C 460 18.37 8.49 -22.71
CA ILE C 460 19.35 8.78 -23.75
C ILE C 460 20.72 8.23 -23.34
N SER C 461 21.36 7.51 -24.27
CA SER C 461 22.62 6.83 -24.01
C SER C 461 23.83 7.64 -24.47
N ILE C 462 23.78 8.17 -25.69
CA ILE C 462 24.86 8.98 -26.25
C ILE C 462 24.24 10.24 -26.84
N ALA C 463 24.73 11.40 -26.41
CA ALA C 463 24.24 12.69 -26.89
C ALA C 463 25.17 13.81 -26.44
N PRO C 464 25.30 14.88 -27.21
CA PRO C 464 26.13 16.01 -26.75
C PRO C 464 25.44 16.75 -25.61
N LEU C 465 26.22 17.16 -24.63
CA LEU C 465 25.71 18.12 -23.65
C LEU C 465 25.75 19.52 -24.26
N PRO C 466 24.60 20.18 -24.41
CA PRO C 466 24.56 21.34 -25.32
C PRO C 466 25.45 22.49 -24.92
N GLY C 467 25.73 22.66 -23.63
CA GLY C 467 26.58 23.73 -23.14
C GLY C 467 28.05 23.42 -23.07
N ALA C 468 28.45 22.22 -23.44
CA ALA C 468 29.84 21.81 -23.32
C ALA C 468 30.41 21.25 -24.61
N ILE C 469 29.60 20.51 -25.38
CA ILE C 469 30.10 19.75 -26.51
C ILE C 469 29.97 20.58 -27.79
N SER C 470 31.07 20.70 -28.53
CA SER C 470 31.00 21.19 -29.90
C SER C 470 30.53 20.04 -30.78
N THR C 471 29.54 20.29 -31.62
CA THR C 471 28.85 19.20 -32.30
C THR C 471 29.39 19.00 -33.71
N LYS C 472 29.32 17.75 -34.17
CA LYS C 472 29.53 17.42 -35.57
C LYS C 472 28.23 16.91 -36.15
N PRO C 473 27.84 17.38 -37.33
CA PRO C 473 26.56 16.96 -37.92
C PRO C 473 26.54 15.46 -38.17
N GLY C 474 25.53 14.80 -37.59
CA GLY C 474 25.33 13.38 -37.74
C GLY C 474 25.95 12.53 -36.67
N SER C 475 26.66 13.13 -35.71
CA SER C 475 27.34 12.42 -34.64
C SER C 475 26.57 12.57 -33.34
N ALA C 476 26.43 11.47 -32.61
CA ALA C 476 25.85 11.53 -31.28
C ALA C 476 26.87 11.97 -30.23
N THR C 477 28.15 12.09 -30.63
CA THR C 477 29.26 12.54 -29.79
C THR C 477 29.62 11.57 -28.67
N PHE C 478 29.27 11.88 -27.42
CA PHE C 478 29.86 11.21 -26.28
C PHE C 478 28.80 10.63 -25.36
N PRO C 479 29.14 9.59 -24.59
CA PRO C 479 28.13 8.93 -23.76
C PRO C 479 27.67 9.80 -22.59
N PHE C 480 26.44 9.53 -22.17
CA PHE C 480 25.84 10.26 -21.05
C PHE C 480 26.37 9.72 -19.72
N PHE C 481 26.09 10.48 -18.66
CA PHE C 481 26.40 10.07 -17.30
C PHE C 481 25.89 8.65 -17.03
N GLY C 482 26.79 7.81 -16.51
CA GLY C 482 26.49 6.42 -16.25
C GLY C 482 26.67 5.48 -17.42
N MET C 483 26.98 5.98 -18.62
CA MET C 483 27.18 5.14 -19.79
C MET C 483 28.67 5.05 -20.09
N ASP C 484 29.20 3.84 -20.10
CA ASP C 484 30.60 3.57 -20.42
C ASP C 484 30.57 2.66 -21.63
N VAL C 485 30.66 3.25 -22.82
CA VAL C 485 30.45 2.50 -24.05
C VAL C 485 31.80 2.20 -24.68
N ASP C 486 31.78 1.24 -25.62
CA ASP C 486 32.99 0.87 -26.34
C ASP C 486 32.60 0.22 -27.66
N ILE C 487 33.58 0.12 -28.56
CA ILE C 487 33.43 -0.53 -29.85
C ILE C 487 34.09 -1.89 -29.79
N ILE C 488 33.34 -2.93 -30.16
CA ILE C 488 33.85 -4.30 -30.20
C ILE C 488 33.93 -4.75 -31.66
N ASP C 489 35.07 -5.35 -32.03
CA ASP C 489 35.21 -5.99 -33.33
C ASP C 489 34.22 -7.15 -33.40
N PRO C 490 33.22 -7.09 -34.27
CA PRO C 490 32.22 -8.17 -34.32
C PRO C 490 32.81 -9.53 -34.68
N GLN C 491 33.88 -9.56 -35.48
CA GLN C 491 34.46 -10.83 -35.90
C GLN C 491 35.22 -11.50 -34.75
N THR C 492 36.12 -10.76 -34.10
CA THR C 492 36.95 -11.35 -33.04
C THR C 492 36.28 -11.32 -31.67
N GLY C 493 35.33 -10.41 -31.45
CA GLY C 493 34.73 -10.21 -30.16
C GLY C 493 35.53 -9.38 -29.18
N GLN C 494 36.68 -8.86 -29.59
CA GLN C 494 37.54 -8.09 -28.71
C GLN C 494 37.25 -6.59 -28.85
N VAL C 495 37.54 -5.87 -27.77
CA VAL C 495 37.28 -4.43 -27.74
C VAL C 495 38.34 -3.72 -28.56
N LEU C 496 37.89 -2.85 -29.47
CA LEU C 496 38.79 -2.12 -30.36
C LEU C 496 39.38 -0.91 -29.64
N GLU C 497 40.70 -0.89 -29.52
CA GLU C 497 41.40 0.22 -28.88
C GLU C 497 41.65 1.34 -29.88
N GLY C 498 41.63 2.57 -29.39
CA GLY C 498 41.98 3.71 -30.21
C GLY C 498 40.83 4.29 -31.03
N ASN C 499 41.21 5.16 -31.96
CA ASN C 499 40.27 5.88 -32.80
C ASN C 499 40.36 5.36 -34.24
N ASP C 500 39.43 5.84 -35.06
CA ASP C 500 39.28 5.37 -36.44
C ASP C 500 39.07 3.86 -36.49
N VAL C 501 38.15 3.40 -35.64
CA VAL C 501 37.76 2.00 -35.61
C VAL C 501 36.24 1.94 -35.67
N GLU C 502 35.73 0.89 -36.31
CA GLU C 502 34.30 0.64 -36.36
C GLU C 502 34.04 -0.82 -36.02
N GLY C 503 32.88 -1.07 -35.43
CA GLY C 503 32.50 -2.38 -34.97
C GLY C 503 31.10 -2.31 -34.43
N VAL C 504 30.83 -2.97 -33.31
CA VAL C 504 29.51 -2.96 -32.71
C VAL C 504 29.59 -2.25 -31.36
N LEU C 505 28.52 -1.53 -31.02
CA LEU C 505 28.50 -0.72 -29.81
C LEU C 505 28.16 -1.60 -28.62
N VAL C 506 28.93 -1.46 -27.53
CA VAL C 506 28.69 -2.20 -26.30
C VAL C 506 28.79 -1.26 -25.12
N ALA C 507 28.17 -1.67 -24.02
CA ALA C 507 28.25 -0.98 -22.74
C ALA C 507 28.90 -1.90 -21.72
N ARG C 508 29.68 -1.31 -20.81
CA ARG C 508 30.50 -2.11 -19.90
C ARG C 508 29.83 -2.40 -18.57
N ARG C 509 29.07 -1.45 -18.02
CA ARG C 509 28.44 -1.61 -16.72
C ARG C 509 26.97 -1.25 -16.85
N PRO C 510 26.12 -1.82 -15.99
CA PRO C 510 24.70 -1.44 -16.02
C PRO C 510 24.51 0.02 -15.63
N TRP C 511 23.47 0.63 -16.20
CA TRP C 511 23.10 1.99 -15.86
C TRP C 511 21.70 1.97 -15.24
N PRO C 512 21.34 2.99 -14.47
CA PRO C 512 20.09 2.92 -13.69
C PRO C 512 18.83 2.63 -14.49
N SER C 513 18.69 3.18 -15.69
CA SER C 513 17.45 3.03 -16.44
C SER C 513 17.47 1.85 -17.41
N ILE C 514 18.43 0.93 -17.27
CA ILE C 514 18.49 -0.22 -18.18
C ILE C 514 17.27 -1.10 -17.98
N ALA C 515 16.79 -1.69 -19.07
CA ALA C 515 15.68 -2.62 -18.97
C ALA C 515 16.08 -3.80 -18.10
N ARG C 516 15.15 -4.27 -17.27
CA ARG C 516 15.49 -5.30 -16.29
C ARG C 516 15.21 -6.71 -16.77
N THR C 517 14.30 -6.87 -17.74
CA THR C 517 13.94 -8.19 -18.26
C THR C 517 13.07 -7.96 -19.49
N VAL C 518 12.73 -9.05 -20.16
CA VAL C 518 11.63 -9.07 -21.13
C VAL C 518 10.50 -9.87 -20.51
N TYR C 519 9.29 -9.31 -20.52
CA TYR C 519 8.18 -9.80 -19.72
C TYR C 519 7.94 -11.28 -19.91
N ARG C 520 8.10 -12.05 -18.82
CA ARG C 520 7.97 -13.50 -18.81
C ARG C 520 8.92 -14.19 -19.80
N ASP C 521 9.93 -13.50 -20.29
CA ASP C 521 10.87 -14.08 -21.26
C ASP C 521 12.31 -13.68 -20.92
N HIS C 522 12.72 -13.88 -19.67
CA HIS C 522 14.07 -13.50 -19.25
C HIS C 522 15.14 -14.21 -20.08
N LYS C 523 14.84 -15.42 -20.58
CA LYS C 523 15.83 -16.12 -21.39
C LYS C 523 16.13 -15.35 -22.67
N ARG C 524 15.08 -14.82 -23.33
CA ARG C 524 15.30 -13.97 -24.49
C ARG C 524 16.01 -12.67 -24.11
N TYR C 525 15.74 -12.14 -22.93
CA TYR C 525 16.46 -10.97 -22.46
C TYR C 525 17.95 -11.24 -22.39
N LEU C 526 18.34 -12.33 -21.71
CA LEU C 526 19.75 -12.65 -21.57
C LEU C 526 20.40 -12.97 -22.91
N GLU C 527 19.70 -13.73 -23.76
CA GLU C 527 20.27 -14.12 -25.05
C GLU C 527 20.44 -12.91 -25.97
N THR C 528 19.46 -12.00 -25.98
CA THR C 528 19.49 -10.90 -26.94
C THR C 528 20.56 -9.87 -26.58
N TYR C 529 20.75 -9.61 -25.29
CA TYR C 529 21.57 -8.48 -24.86
C TYR C 529 22.83 -8.86 -24.08
N MET C 530 22.82 -9.98 -23.36
CA MET C 530 23.92 -10.30 -22.46
C MET C 530 24.81 -11.43 -22.95
N LYS C 531 24.31 -12.31 -23.81
CA LYS C 531 25.05 -13.44 -24.35
C LYS C 531 26.00 -13.11 -25.51
N PRO C 532 25.58 -12.30 -26.50
CA PRO C 532 26.44 -12.15 -27.70
C PRO C 532 27.85 -11.69 -27.41
N TYR C 533 28.05 -10.78 -26.46
CA TYR C 533 29.39 -10.35 -26.04
C TYR C 533 29.42 -10.39 -24.52
N PRO C 534 29.83 -11.52 -23.95
CA PRO C 534 29.78 -11.69 -22.50
C PRO C 534 30.59 -10.64 -21.75
N GLY C 535 30.05 -10.18 -20.63
CA GLY C 535 30.59 -9.08 -19.88
C GLY C 535 30.14 -7.72 -20.35
N TYR C 536 29.40 -7.66 -21.45
CA TYR C 536 28.98 -6.40 -22.05
C TYR C 536 27.48 -6.43 -22.33
N PHE C 537 26.91 -5.24 -22.51
CA PHE C 537 25.56 -5.08 -23.03
C PHE C 537 25.66 -4.82 -24.54
N PHE C 538 24.91 -5.58 -25.31
CA PHE C 538 24.97 -5.53 -26.77
C PHE C 538 23.81 -4.70 -27.30
N PHE C 539 24.10 -3.46 -27.70
CA PHE C 539 23.06 -2.61 -28.28
C PHE C 539 22.50 -3.20 -29.56
N GLY C 540 23.31 -3.89 -30.35
CA GLY C 540 22.89 -4.38 -31.64
C GLY C 540 23.03 -3.40 -32.79
N ASP C 541 23.73 -2.29 -32.59
CA ASP C 541 23.96 -1.29 -33.62
C ASP C 541 25.44 -1.19 -33.91
N GLY C 542 25.78 -1.00 -35.19
CA GLY C 542 27.15 -0.68 -35.54
C GLY C 542 27.50 0.74 -35.13
N ALA C 543 28.78 0.96 -34.83
CA ALA C 543 29.22 2.27 -34.38
C ALA C 543 30.65 2.52 -34.87
N ALA C 544 31.01 3.80 -34.89
CA ALA C 544 32.36 4.21 -35.25
C ALA C 544 32.84 5.31 -34.31
N ARG C 545 34.13 5.29 -33.99
CA ARG C 545 34.80 6.35 -33.25
C ARG C 545 35.86 6.93 -34.18
N ASP C 546 35.70 8.22 -34.54
CA ASP C 546 36.42 8.70 -35.73
C ASP C 546 37.89 9.08 -35.52
N TYR C 547 38.18 10.27 -34.96
CA TYR C 547 39.57 10.54 -34.61
C TYR C 547 39.65 11.38 -33.35
N ASP C 548 38.65 12.24 -33.18
CA ASP C 548 38.53 13.06 -31.99
C ASP C 548 37.86 12.33 -30.86
N GLY C 549 37.38 11.10 -31.10
CA GLY C 549 36.64 10.35 -30.12
C GLY C 549 35.14 10.44 -30.26
N TYR C 550 34.64 11.12 -31.30
CA TYR C 550 33.22 11.26 -31.51
C TYR C 550 32.61 9.94 -31.98
N MET C 551 31.48 9.57 -31.39
CA MET C 551 30.81 8.33 -31.71
C MET C 551 29.86 8.55 -32.89
N TRP C 552 29.81 7.57 -33.78
CA TRP C 552 28.95 7.61 -34.95
C TRP C 552 28.18 6.30 -35.03
N ILE C 553 26.86 6.36 -34.91
CA ILE C 553 25.99 5.19 -34.97
C ILE C 553 25.65 4.88 -36.41
N LYS C 554 25.76 3.61 -36.81
CA LYS C 554 25.37 3.17 -38.15
C LYS C 554 23.90 2.76 -38.15
N GLY C 555 23.23 3.06 -39.27
CA GLY C 555 21.84 2.71 -39.47
C GLY C 555 21.65 1.46 -40.31
N ARG C 556 20.40 1.23 -40.72
CA ARG C 556 20.02 0.06 -41.49
C ARG C 556 19.50 0.47 -42.86
N VAL C 557 19.92 -0.27 -43.89
CA VAL C 557 19.57 0.06 -45.27
C VAL C 557 18.86 -1.11 -45.95
N ASP C 558 18.06 -1.86 -45.17
CA ASP C 558 17.38 -3.05 -45.69
C ASP C 558 16.53 -2.72 -46.90
N ASP C 559 16.66 -3.55 -47.95
CA ASP C 559 16.02 -3.27 -49.23
C ASP C 559 14.51 -3.28 -49.11
N VAL C 560 13.85 -2.52 -49.99
CA VAL C 560 12.40 -2.36 -49.99
C VAL C 560 11.86 -2.90 -51.31
N ILE C 561 10.85 -3.77 -51.21
CA ILE C 561 10.22 -4.41 -52.35
C ILE C 561 8.80 -3.88 -52.46
N ASN C 562 8.37 -3.61 -53.69
CA ASN C 562 7.04 -3.07 -53.95
C ASN C 562 6.15 -4.21 -54.45
N VAL C 563 5.48 -4.89 -53.53
CA VAL C 563 4.61 -6.00 -53.87
C VAL C 563 3.18 -5.48 -53.91
N SER C 564 2.61 -5.39 -55.12
CA SER C 564 1.22 -4.98 -55.32
C SER C 564 0.93 -3.64 -54.61
N GLY C 565 1.90 -2.74 -54.65
CA GLY C 565 1.72 -1.43 -54.05
C GLY C 565 2.12 -1.35 -52.60
N HIS C 566 2.57 -2.46 -52.03
CA HIS C 566 2.94 -2.48 -50.58
C HIS C 566 4.46 -2.50 -50.45
N ARG C 567 5.00 -1.61 -49.62
CA ARG C 567 6.44 -1.58 -49.38
C ARG C 567 6.80 -2.63 -48.35
N LEU C 568 7.49 -3.67 -48.78
CA LEU C 568 8.00 -4.74 -47.92
C LEU C 568 9.51 -4.64 -47.81
N SER C 569 10.01 -4.71 -46.58
CA SER C 569 11.45 -4.77 -46.35
C SER C 569 11.89 -6.22 -46.36
N THR C 570 13.07 -6.47 -46.94
CA THR C 570 13.62 -7.83 -46.94
C THR C 570 13.90 -8.33 -45.53
N ALA C 571 14.15 -7.42 -44.58
CA ALA C 571 14.37 -7.83 -43.20
C ALA C 571 13.14 -8.49 -42.61
N GLU C 572 11.94 -7.94 -42.89
CA GLU C 572 10.72 -8.50 -42.33
C GLU C 572 10.51 -9.94 -42.78
N VAL C 573 10.69 -10.21 -44.06
CA VAL C 573 10.48 -11.56 -44.57
C VAL C 573 11.56 -12.50 -44.04
N GLU C 574 12.80 -12.02 -43.92
CA GLU C 574 13.85 -12.85 -43.36
C GLU C 574 13.63 -13.08 -41.87
N SER C 575 13.16 -12.06 -41.15
CA SER C 575 12.80 -12.25 -39.74
C SER C 575 11.58 -13.17 -39.60
N ALA C 576 10.72 -13.22 -40.62
CA ALA C 576 9.53 -14.06 -40.55
C ALA C 576 9.83 -15.52 -40.88
N LEU C 577 10.73 -15.77 -41.82
CA LEU C 577 11.09 -17.14 -42.17
C LEU C 577 11.88 -17.82 -41.05
N ILE C 578 12.60 -17.04 -40.24
CA ILE C 578 13.46 -17.62 -39.20
C ILE C 578 12.68 -18.05 -37.97
N LEU C 579 11.40 -17.66 -37.85
CA LEU C 579 10.56 -18.12 -36.76
C LEU C 579 10.31 -19.62 -36.82
N HIS C 580 10.49 -20.23 -37.99
CA HIS C 580 10.44 -21.68 -38.11
C HIS C 580 11.72 -22.27 -37.54
N LYS C 581 11.68 -22.65 -36.26
CA LYS C 581 12.82 -23.29 -35.60
C LYS C 581 13.24 -24.54 -36.37
N GLY C 582 14.48 -24.51 -36.85
CA GLY C 582 14.94 -25.50 -37.80
C GLY C 582 15.51 -24.82 -39.02
N VAL C 583 15.14 -23.55 -39.21
CA VAL C 583 15.72 -22.70 -40.25
C VAL C 583 16.92 -21.97 -39.67
N ALA C 584 18.07 -22.09 -40.34
CA ALA C 584 19.30 -21.49 -39.84
C ALA C 584 19.62 -20.14 -40.45
N GLU C 585 19.29 -19.92 -41.73
CA GLU C 585 19.69 -18.70 -42.40
C GLU C 585 18.81 -18.48 -43.62
N THR C 586 18.42 -17.23 -43.85
CA THR C 586 17.62 -16.86 -45.01
C THR C 586 18.17 -15.57 -45.61
N ALA C 587 17.85 -15.37 -46.88
CA ALA C 587 18.19 -14.13 -47.58
C ALA C 587 17.17 -13.97 -48.71
N VAL C 588 16.23 -13.03 -48.54
CA VAL C 588 15.18 -12.81 -49.55
C VAL C 588 15.56 -11.63 -50.42
N VAL C 589 15.24 -11.73 -51.71
CA VAL C 589 15.47 -10.67 -52.68
C VAL C 589 14.18 -10.44 -53.45
N GLY C 590 14.16 -9.36 -54.22
CA GLY C 590 13.00 -9.01 -55.00
C GLY C 590 13.31 -9.08 -56.48
N CYS C 591 12.41 -9.67 -57.26
CA CYS C 591 12.53 -9.70 -58.71
C CYS C 591 11.27 -9.09 -59.31
N ALA C 592 11.33 -8.82 -60.61
CA ALA C 592 10.16 -8.33 -61.32
C ALA C 592 9.08 -9.39 -61.35
N ASP C 593 7.83 -8.95 -61.48
CA ASP C 593 6.70 -9.86 -61.53
C ASP C 593 5.59 -9.26 -62.37
N ASP C 594 5.03 -10.08 -63.27
CA ASP C 594 4.02 -9.64 -64.22
C ASP C 594 2.66 -9.41 -63.59
N LEU C 595 2.44 -9.90 -62.37
CA LEU C 595 1.14 -9.82 -61.70
C LEU C 595 1.12 -8.88 -60.52
N THR C 596 2.18 -8.85 -59.71
CA THR C 596 2.21 -8.07 -58.48
C THR C 596 3.16 -6.87 -58.53
N GLY C 597 3.74 -6.59 -59.70
CA GLY C 597 4.75 -5.54 -59.78
C GLY C 597 6.11 -6.07 -59.40
N GLN C 598 6.23 -6.58 -58.18
CA GLN C 598 7.42 -7.28 -57.71
C GLN C 598 6.99 -8.51 -56.93
N ALA C 599 7.86 -9.51 -56.88
CA ALA C 599 7.60 -10.74 -56.17
C ALA C 599 8.70 -10.98 -55.15
N VAL C 600 8.34 -11.61 -54.04
CA VAL C 600 9.30 -11.99 -53.01
C VAL C 600 9.81 -13.39 -53.33
N TYR C 601 11.13 -13.50 -53.49
CA TYR C 601 11.81 -14.79 -53.63
C TYR C 601 12.72 -15.00 -52.43
N ALA C 602 12.62 -16.16 -51.81
CA ALA C 602 13.30 -16.44 -50.54
C ALA C 602 14.21 -17.65 -50.68
N PHE C 603 15.44 -17.51 -50.23
CA PHE C 603 16.39 -18.63 -50.16
C PHE C 603 16.56 -19.03 -48.70
N VAL C 604 16.33 -20.30 -48.41
CA VAL C 604 16.31 -20.81 -47.04
C VAL C 604 17.25 -21.99 -46.92
N THR C 605 18.03 -22.03 -45.83
CA THR C 605 18.84 -23.18 -45.48
C THR C 605 18.51 -23.63 -44.06
N MET C 606 18.32 -24.93 -43.88
CA MET C 606 17.86 -25.48 -42.62
C MET C 606 19.02 -25.76 -41.67
N LYS C 607 18.71 -25.76 -40.37
CA LYS C 607 19.70 -26.02 -39.36
C LYS C 607 20.16 -27.47 -39.43
N PRO C 608 21.41 -27.75 -39.03
CA PRO C 608 21.90 -29.14 -39.11
C PRO C 608 21.09 -30.12 -38.29
N GLU C 609 20.57 -29.71 -37.13
CA GLU C 609 19.77 -30.60 -36.30
C GLU C 609 18.31 -30.63 -36.75
N PHE C 610 18.08 -30.90 -38.03
CA PHE C 610 16.72 -30.98 -38.57
C PHE C 610 16.44 -32.29 -39.28
N ASP C 611 17.41 -32.82 -40.04
CA ASP C 611 17.26 -34.08 -40.77
C ASP C 611 15.97 -34.08 -41.59
N LEU C 612 15.92 -33.17 -42.57
CA LEU C 612 14.70 -32.93 -43.34
C LEU C 612 14.45 -34.12 -44.26
N LYS C 613 13.85 -35.16 -43.70
CA LYS C 613 13.55 -36.38 -44.43
C LYS C 613 12.09 -36.79 -44.22
N ALA C 614 11.53 -36.42 -43.06
CA ALA C 614 10.11 -36.67 -42.81
C ALA C 614 9.20 -35.74 -43.62
N THR C 615 9.76 -34.69 -44.23
CA THR C 615 9.01 -33.73 -45.02
C THR C 615 9.68 -33.55 -46.37
N LYS C 616 8.90 -33.60 -47.44
CA LYS C 616 9.39 -33.24 -48.75
C LYS C 616 9.71 -31.74 -48.80
N GLU C 617 10.60 -31.38 -49.73
CA GLU C 617 11.02 -29.98 -49.83
C GLU C 617 9.86 -29.05 -50.15
N ALA C 618 8.89 -29.52 -50.94
CA ALA C 618 7.73 -28.70 -51.26
C ALA C 618 6.82 -28.52 -50.06
N ASP C 619 6.77 -29.49 -49.15
CA ASP C 619 5.96 -29.34 -47.93
C ASP C 619 6.48 -28.20 -47.08
N LEU C 620 7.79 -28.10 -46.93
CA LEU C 620 8.38 -27.01 -46.15
C LEU C 620 8.15 -25.66 -46.84
N SER C 621 8.21 -25.64 -48.18
CA SER C 621 7.98 -24.42 -48.93
C SER C 621 6.58 -23.88 -48.67
N LYS C 622 5.57 -24.76 -48.74
CA LYS C 622 4.21 -24.35 -48.40
C LYS C 622 4.10 -23.93 -46.94
N GLU C 623 4.79 -24.65 -46.06
CA GLU C 623 4.75 -24.33 -44.64
C GLU C 623 5.35 -22.96 -44.36
N LEU C 624 6.53 -22.68 -44.94
CA LEU C 624 7.18 -21.40 -44.69
C LEU C 624 6.40 -20.24 -45.28
N ALA C 625 5.86 -20.40 -46.50
CA ALA C 625 5.09 -19.34 -47.12
C ALA C 625 3.83 -19.02 -46.33
N ILE C 626 3.13 -20.06 -45.86
CA ILE C 626 1.95 -19.84 -45.01
C ILE C 626 2.34 -19.13 -43.73
N GLN C 627 3.52 -19.46 -43.19
CA GLN C 627 4.00 -18.82 -41.97
C GLN C 627 4.19 -17.31 -42.15
N VAL C 628 4.82 -16.91 -43.27
CA VAL C 628 5.03 -15.49 -43.54
C VAL C 628 3.69 -14.79 -43.76
N ARG C 629 2.75 -15.46 -44.43
CA ARG C 629 1.43 -14.87 -44.62
C ARG C 629 0.75 -14.57 -43.29
N LYS C 630 0.89 -15.49 -42.32
CA LYS C 630 0.25 -15.31 -41.02
C LYS C 630 0.87 -14.16 -40.21
N VAL C 631 2.16 -13.88 -40.41
CA VAL C 631 2.86 -12.94 -39.55
C VAL C 631 3.09 -11.56 -40.16
N ILE C 632 3.06 -11.43 -41.49
CA ILE C 632 3.31 -10.14 -42.12
C ILE C 632 2.09 -9.68 -42.90
N GLY C 633 1.31 -10.63 -43.39
CA GLY C 633 0.12 -10.31 -44.15
C GLY C 633 -0.01 -11.17 -45.40
N PRO C 634 -1.16 -11.07 -46.06
CA PRO C 634 -1.44 -11.93 -47.22
C PRO C 634 -0.68 -11.55 -48.49
N PHE C 635 0.30 -10.67 -48.40
CA PHE C 635 1.05 -10.20 -49.57
C PHE C 635 2.54 -10.46 -49.48
N ALA C 636 3.06 -10.78 -48.29
CA ALA C 636 4.50 -10.95 -48.11
C ALA C 636 4.96 -12.39 -48.29
N ALA C 637 4.05 -13.30 -48.59
CA ALA C 637 4.42 -14.69 -48.81
C ALA C 637 5.32 -14.80 -50.03
N PRO C 638 6.45 -15.50 -49.94
CA PRO C 638 7.33 -15.62 -51.11
C PRO C 638 6.67 -16.37 -52.26
N LYS C 639 6.97 -15.93 -53.48
CA LYS C 639 6.45 -16.62 -54.66
C LYS C 639 7.08 -18.00 -54.80
N LYS C 640 8.41 -18.06 -54.69
CA LYS C 640 9.16 -19.31 -54.66
C LYS C 640 10.05 -19.29 -53.42
N ILE C 641 10.11 -20.41 -52.72
CA ILE C 641 11.00 -20.57 -51.58
C ILE C 641 12.02 -21.64 -51.95
N TYR C 642 13.26 -21.22 -52.17
CA TYR C 642 14.32 -22.11 -52.63
C TYR C 642 15.12 -22.62 -51.43
N LEU C 643 15.10 -23.93 -51.21
CA LEU C 643 15.91 -24.57 -50.20
C LEU C 643 17.28 -24.89 -50.78
N VAL C 644 18.34 -24.41 -50.13
CA VAL C 644 19.71 -24.57 -50.61
C VAL C 644 20.58 -25.07 -49.46
N SER C 645 21.69 -25.69 -49.82
CA SER C 645 22.60 -26.23 -48.81
C SER C 645 23.18 -25.11 -47.95
N ASP C 646 23.58 -24.01 -48.57
CA ASP C 646 24.07 -22.86 -47.83
C ASP C 646 23.96 -21.63 -48.72
N LEU C 647 23.78 -20.46 -48.10
CA LEU C 647 23.74 -19.21 -48.82
C LEU C 647 25.16 -18.78 -49.23
N PRO C 648 25.29 -18.12 -50.38
CA PRO C 648 26.61 -17.57 -50.76
C PRO C 648 27.03 -16.48 -49.78
N LYS C 649 28.29 -16.55 -49.35
CA LYS C 649 28.78 -15.64 -48.32
C LYS C 649 30.25 -15.30 -48.56
N THR C 650 30.66 -14.14 -48.06
CA THR C 650 32.06 -13.72 -48.09
C THR C 650 32.77 -13.97 -46.77
N ARG C 651 32.29 -13.34 -45.69
CA ARG C 651 32.89 -13.48 -44.37
C ARG C 651 32.01 -12.80 -43.32
N LYS C 654 29.45 -10.92 -45.63
CA LYS C 654 28.03 -11.17 -45.43
C LYS C 654 27.43 -12.00 -46.57
N ILE C 655 26.11 -12.13 -46.56
CA ILE C 655 25.40 -12.82 -47.63
C ILE C 655 25.41 -11.97 -48.89
N MET C 656 25.85 -12.57 -50.00
CA MET C 656 25.96 -11.90 -51.30
C MET C 656 24.56 -11.80 -51.91
N ARG C 657 23.81 -10.79 -51.46
CA ARG C 657 22.44 -10.63 -51.97
C ARG C 657 22.42 -10.13 -53.40
N ARG C 658 23.41 -9.35 -53.81
CA ARG C 658 23.48 -8.90 -55.20
C ARG C 658 23.62 -10.09 -56.14
N VAL C 659 24.33 -11.14 -55.72
CA VAL C 659 24.42 -12.35 -56.51
C VAL C 659 23.04 -13.00 -56.64
N LEU C 660 22.35 -13.15 -55.51
CA LEU C 660 21.06 -13.84 -55.51
C LEU C 660 20.02 -13.12 -56.37
N ARG C 661 19.99 -11.79 -56.28
CA ARG C 661 19.05 -11.00 -57.08
C ARG C 661 19.25 -11.25 -58.58
N LYS C 662 20.51 -11.25 -59.03
CA LYS C 662 20.80 -11.49 -60.44
C LYS C 662 20.41 -12.90 -60.85
N ILE C 663 20.62 -13.89 -59.97
CA ILE C 663 20.26 -15.27 -60.31
C ILE C 663 18.76 -15.40 -60.54
N VAL C 664 17.96 -14.78 -59.68
CA VAL C 664 16.50 -14.82 -59.84
C VAL C 664 16.08 -14.09 -61.11
N ALA C 665 16.86 -13.11 -61.56
CA ALA C 665 16.55 -12.30 -62.73
C ALA C 665 17.17 -12.84 -64.02
N GLY C 666 17.57 -14.11 -64.04
CA GLY C 666 18.12 -14.70 -65.24
C GLY C 666 19.45 -14.13 -65.67
N GLU C 667 20.37 -13.94 -64.73
CA GLU C 667 21.70 -13.42 -65.05
C GLU C 667 22.81 -14.41 -64.70
N GLY C 668 22.49 -15.71 -64.66
CA GLY C 668 23.52 -16.72 -64.53
C GLY C 668 24.52 -16.70 -65.67
N ASP C 669 24.13 -16.17 -66.83
CA ASP C 669 25.06 -15.97 -67.93
C ASP C 669 25.98 -14.77 -67.71
N GLN C 670 25.61 -13.86 -66.83
CA GLN C 670 26.42 -12.68 -66.52
C GLN C 670 27.28 -12.94 -65.28
N PRO C 680 31.63 -21.33 -52.36
CA PRO C 680 31.71 -20.76 -53.72
C PRO C 680 31.11 -21.69 -54.78
N GLN C 681 30.89 -22.95 -54.41
CA GLN C 681 30.21 -23.90 -55.28
C GLN C 681 28.69 -23.87 -55.14
N ILE C 682 28.19 -23.28 -54.05
CA ILE C 682 26.75 -23.16 -53.81
C ILE C 682 26.06 -22.32 -54.87
N VAL C 683 26.79 -21.38 -55.49
CA VAL C 683 26.21 -20.54 -56.53
C VAL C 683 25.61 -21.40 -57.63
N GLU C 684 26.35 -22.43 -58.07
CA GLU C 684 25.81 -23.36 -59.05
C GLU C 684 24.61 -24.12 -58.51
N GLU C 685 24.69 -24.56 -57.24
CA GLU C 685 23.54 -25.20 -56.60
C GLU C 685 22.33 -24.27 -56.59
N VAL C 686 22.55 -22.99 -56.30
CA VAL C 686 21.46 -22.01 -56.33
C VAL C 686 20.94 -21.84 -57.74
N LYS C 687 21.84 -21.78 -58.72
CA LYS C 687 21.44 -21.67 -60.12
C LYS C 687 20.54 -22.82 -60.54
N GLN C 688 20.89 -24.04 -60.12
CA GLN C 688 20.10 -25.22 -60.47
C GLN C 688 18.70 -25.14 -59.87
N LYS C 689 18.61 -24.80 -58.57
CA LYS C 689 17.31 -24.74 -57.91
C LYS C 689 16.41 -23.66 -58.50
N VAL C 690 16.99 -22.61 -59.08
CA VAL C 690 16.19 -21.55 -59.69
C VAL C 690 15.85 -21.86 -61.14
N THR C 691 16.81 -22.36 -61.91
CA THR C 691 16.56 -22.68 -63.31
C THR C 691 15.69 -23.93 -63.45
CL CL D . -6.32 14.18 26.98
C1 YHF E . -27.76 19.30 10.59
C10 YHF E . -27.12 16.82 10.85
C11 YHF E . -26.34 13.98 13.29
C12 YHF E . -26.28 15.30 14.02
C13 YHF E . -24.77 15.48 14.21
C14 YHF E . -24.37 14.13 14.69
C15 YHF E . -25.40 13.14 14.14
C2 YHF E . -28.96 20.06 11.17
C3 YHF E . -29.30 19.18 12.37
C4 YHF E . -27.63 18.64 14.22
C5 YHF E . -27.76 20.39 15.44
C6 YHF E . -28.64 20.58 14.39
C7 YHF E . -29.26 22.55 15.13
C8 YHF E . -27.68 21.43 16.40
C9 YHF E . -28.22 17.84 10.77
N1 YHF E . -28.55 19.46 13.60
N2 YHF E . -27.13 19.18 15.33
N3 YHF E . -29.42 21.65 14.17
N4 YHF E . -28.46 22.52 16.21
N5 YHF E . -26.88 21.39 17.46
O1 YHF E . -27.47 19.63 9.25
O2 YHF E . -29.00 17.84 11.98
O3 YHF E . -30.05 20.08 10.25
O4 YHF E . -27.70 15.50 10.98
O5 YHF E . -26.03 14.46 9.45
O6 YHF E . -25.81 14.13 11.97
O7 YHF E . -27.71 13.02 10.74
P1 YHF E . -26.79 14.20 10.71
CL CL F . 29.20 -13.60 13.41
C1 YHF G . 11.75 -31.87 23.90
C10 YHF G . 11.30 -31.54 21.39
C11 YHF G . 12.96 -30.52 18.07
C12 YHF G . 13.69 -31.82 18.32
C13 YHF G . 15.13 -31.39 18.58
C14 YHF G . 14.92 -30.17 19.39
C15 YHF G . 13.99 -29.46 18.41
C2 YHF G . 12.37 -33.06 24.64
C3 YHF G . 13.33 -33.59 23.56
C4 YHF G . 15.17 -32.12 22.62
C5 YHF G . 16.71 -32.34 24.11
C6 YHF G . 15.64 -33.11 24.53
C7 YHF G . 16.70 -33.76 26.35
C8 YHF G . 17.85 -32.32 24.94
C9 YHF G . 11.54 -32.50 22.52
N1 YHF G . 14.66 -32.97 23.58
N2 YHF G . 16.41 -31.72 22.91
N3 YHF G . 15.56 -33.85 25.65
N4 YHF G . 17.80 -33.06 26.07
N5 YHF G . 18.95 -31.62 24.66
O1 YHF G . 10.55 -31.37 24.47
O2 YHF G . 12.73 -33.27 22.31
O3 YHF G . 11.36 -34.03 24.90
O4 YHF G . 11.00 -32.28 20.18
O5 YHF G . 9.33 -30.68 19.14
O6 YHF G . 11.82 -30.37 18.92
O7 YHF G . 10.69 -32.27 17.66
P1 YHF G . 10.61 -31.42 18.88
CL CL H . 15.46 21.53 -13.35
C1 YHF I . 18.58 1.87 -32.19
C10 YHF I . 16.18 2.02 -31.26
C11 YHF I . 13.29 4.37 -30.76
C12 YHF I . 14.52 5.09 -31.27
C13 YHF I . 15.08 5.71 -29.99
C14 YHF I . 13.85 6.25 -29.35
C15 YHF I . 12.67 5.45 -29.90
C2 YHF I . 19.15 2.32 -33.52
C3 YHF I . 18.19 3.45 -33.89
C4 YHF I . 18.08 5.52 -32.41
C5 YHF I . 19.58 6.76 -33.30
C6 YHF I . 19.55 5.59 -34.04
C7 YHF I . 21.14 6.30 -35.39
C8 YHF I . 20.50 7.75 -33.71
C9 YHF I . 17.07 1.99 -32.46
N1 YHF I . 18.60 4.79 -33.48
N2 YHF I . 18.66 6.70 -32.28
N3 YHF I . 20.31 5.29 -35.11
N4 YHF I . 21.28 7.48 -34.79
N5 YHF I . 20.65 8.93 -33.09
O1 YHF I . 18.95 0.53 -31.85
O2 YHF I . 16.97 3.20 -33.22
O3 YHF I . 19.03 1.25 -34.46
O4 YHF I . 14.80 1.88 -31.68
O5 YHF I . 14.13 0.75 -29.57
O6 YHF I . 13.66 3.25 -29.96
O7 YHF I . 12.37 1.48 -31.25
P1 YHF I . 13.66 1.76 -30.57
#